data_8UT2
#
_entry.id   8UT2
#
_cell.length_a   1.00
_cell.length_b   1.00
_cell.length_c   1.00
_cell.angle_alpha   90.00
_cell.angle_beta   90.00
_cell.angle_gamma   90.00
#
_symmetry.space_group_name_H-M   'P 1'
#
loop_
_entity.id
_entity.type
_entity.pdbx_description
1 polymer 'Fusion glycoprotein F0'
2 polymer 'Fusion glycoprotein F0'
3 polymer 'mAb 77 Light chain'
4 polymer 'mAb 77 Heavy Chain'
5 branched beta-D-mannopyranose-(1-4)-2-acetamido-2-deoxy-beta-D-glucopyranose-(1-4)-2-acetamido-2-deoxy-beta-D-glucopyranose
6 non-polymer 2-acetamido-2-deoxy-beta-D-glucopyranose
7 water water
#
loop_
_entity_poly.entity_id
_entity_poly.type
_entity_poly.pdbx_seq_one_letter_code
_entity_poly.pdbx_strand_id
1 'polypeptide(L)'
;MGLKVNVSAIFMAVLLTLQTPTGQIHWGNLSKIGVVGIGSASYKVMTRSSHQSLVIKLMPNITLLNNCTRVEIAEYRRLL
RTVLEPIRDALNAMTQNIRPVQSVASSRRHKR
;
A,C,E
2 'polypeptide(L)'
;FAGVVLAGAALGVATAAQITAGIALHQSMLNSQAIDNLRASLETTNQAIEAIRQAGQGMILAVQGVQDYINNELIPSMNQ
LSCDLIGQKLGLKLLRYYTEILSLFGPSLRDPISAEISIQALSYALGGDINKVLEKLGYSGGDLLGILESRGIKARITHV
DTESYFIVLSIAYPTLSEIKGVIVHRLEGVSYNIGSQEWYTTVPKYVATQGYLISNFDESSCTFMPEGTVCSQNALYPMS
PLLQECLRGSTKSCARTLVSGSFGNRFILSQGNLIANCASILCKCYTTGTIINQDPDKILTYIAADHCPVVEVNGVTIQV
GSRRYPDAVYLHRIDLGPPISLGRLDVGTNLGNAIAKLEDAKELLESSDQILRSMKGLSSTSIGVDDDDKAGWSHPQFEK
GGGSGGGSGGGSWSHPQFEK
;
B,D,F
3 'polypeptide(L)'
;MGWSCIILFLVATATGVHSDVQITQSPSYLAASPGETITINCRASKSISKYLAWYQEKPGKTNELLIYSGSTLQSGIPSR
FRGSGSGTDFTLTISSLEPEDFAMYYCQQHNEYTLTFGGGTKLELKRTVAAPSVFIFPPSDEQLKSGTASVVCLLNNFYP
REAKVQWKVDNALQSGNSQESVTEQDSKDSTYSLSSTLTLSKADYEKHKVYACEVTHQGLSSPVTKSFNRGEC
;
G,I,K
4 'polypeptide(L)'
;MGWSCIILFLVATATGVHSDVQLQESGPGLVKPSQSLSLTCTVSGYSITSDYAWNWIRQFPGNKLEWMGYISYTLTTGYN
PSLKSRISITRDSSKNQFFLQLNSVTTEDTATYYCARSGWLLPYWYFDVWGAGTTVTVSSASTKGPSVFPLAPSSKSTSG
GTAALGCLVKDYFPEPVTVSWNSGALTSGVHTFPAVLQSSGLYSLSSVVTVPSSSLGTQTYICNVNHKPSNTKVDKKVEP
KSCDKGLEVLFQGPTHTCPPCPAPELLGGPSVFLFPPKPKDTLMISRTPEVTCVVVDVSHEDPEVKFNWYVDGVEVHNAK
TKPREEQYNSTYRVVSVLTVLHQDWLNGKEYKCKVSNKALPAPIEKTISKAKGQPREPQVYTLPPSRDELTKNQVSLTCL
VKGFYPSDIAVEWESNGQPENNYKTTPPVLDSDGSFFLYSKLTVDKSRWQQGNVFSCSVMHEALHNHYTQKSLSLSPGK
;
H,J,L
#
# COMPACT_ATOMS: atom_id res chain seq x y z
N GLN A 24 -29.27 -12.96 -9.09
CA GLN A 24 -28.13 -12.12 -8.71
C GLN A 24 -26.84 -12.66 -9.31
N ILE A 25 -26.08 -13.39 -8.49
CA ILE A 25 -24.83 -14.00 -8.96
C ILE A 25 -25.18 -15.28 -9.70
N HIS A 26 -24.79 -15.37 -10.97
CA HIS A 26 -25.07 -16.56 -11.77
C HIS A 26 -23.90 -17.50 -11.58
N TRP A 27 -24.02 -18.39 -10.59
CA TRP A 27 -22.95 -19.29 -10.22
C TRP A 27 -22.66 -20.32 -11.29
N GLY A 28 -23.61 -20.59 -12.18
CA GLY A 28 -23.37 -21.57 -13.23
C GLY A 28 -22.32 -21.12 -14.22
N ASN A 29 -22.39 -19.87 -14.67
CA ASN A 29 -21.40 -19.37 -15.62
C ASN A 29 -20.07 -19.04 -14.96
N LEU A 30 -20.08 -18.71 -13.67
CA LEU A 30 -18.84 -18.45 -12.96
C LEU A 30 -17.99 -19.71 -12.82
N SER A 31 -18.63 -20.87 -12.66
CA SER A 31 -17.90 -22.12 -12.56
C SER A 31 -17.28 -22.54 -13.89
N LYS A 32 -17.81 -22.04 -15.00
CA LYS A 32 -17.25 -22.35 -16.30
C LYS A 32 -15.96 -21.59 -16.60
N ILE A 33 -15.67 -20.54 -15.84
CA ILE A 33 -14.42 -19.80 -15.97
C ILE A 33 -13.55 -19.97 -14.73
N GLY A 34 -13.83 -20.98 -13.91
CA GLY A 34 -13.01 -21.32 -12.77
C GLY A 34 -13.41 -20.68 -11.45
N VAL A 35 -14.36 -19.76 -11.45
CA VAL A 35 -14.75 -19.06 -10.24
C VAL A 35 -15.78 -19.89 -9.48
N VAL A 36 -15.57 -20.06 -8.18
CA VAL A 36 -16.46 -20.84 -7.34
C VAL A 36 -16.61 -20.14 -6.00
N GLY A 37 -17.79 -20.22 -5.41
CA GLY A 37 -18.00 -19.69 -4.08
C GLY A 37 -17.49 -20.63 -3.02
N ILE A 38 -16.93 -20.07 -1.95
CA ILE A 38 -16.31 -20.86 -0.90
C ILE A 38 -16.82 -20.40 0.46
N GLY A 39 -17.86 -19.58 0.47
CA GLY A 39 -18.45 -19.14 1.72
C GLY A 39 -19.39 -17.96 1.59
N SER A 40 -20.51 -18.00 2.31
CA SER A 40 -21.50 -16.94 2.29
C SER A 40 -22.14 -16.83 3.66
N ALA A 41 -22.07 -15.65 4.27
CA ALA A 41 -22.62 -15.43 5.59
C ALA A 41 -23.37 -14.11 5.62
N SER A 42 -23.92 -13.78 6.78
CA SER A 42 -24.64 -12.52 7.00
C SER A 42 -23.67 -11.45 7.47
N TYR A 43 -24.08 -10.20 7.27
CA TYR A 43 -23.25 -9.04 7.53
C TYR A 43 -23.73 -8.31 8.78
N LYS A 44 -22.78 -8.00 9.67
CA LYS A 44 -23.08 -7.34 10.94
C LYS A 44 -22.10 -6.19 11.14
N VAL A 45 -22.61 -5.03 11.55
CA VAL A 45 -21.77 -3.88 11.84
C VAL A 45 -21.82 -3.59 13.34
N MET A 46 -20.98 -2.64 13.77
CA MET A 46 -20.87 -2.25 15.16
C MET A 46 -21.55 -0.92 15.40
N THR A 47 -22.20 -0.79 16.54
CA THR A 47 -22.82 0.45 16.98
C THR A 47 -22.44 0.72 18.42
N ARG A 48 -22.30 2.00 18.76
CA ARG A 48 -21.93 2.43 20.10
C ARG A 48 -23.16 2.97 20.80
N SER A 49 -23.49 2.39 21.95
CA SER A 49 -24.65 2.80 22.73
C SER A 49 -24.26 3.40 24.07
N SER A 50 -23.51 2.69 24.89
CA SER A 50 -23.08 3.17 26.18
C SER A 50 -21.67 3.74 26.09
N HIS A 51 -21.25 4.42 27.15
CA HIS A 51 -19.92 4.98 27.25
C HIS A 51 -19.44 4.90 28.69
N GLN A 52 -18.15 4.62 28.85
CA GLN A 52 -17.52 4.57 30.16
C GLN A 52 -16.30 5.46 30.15
N SER A 53 -15.88 5.90 31.33
CA SER A 53 -14.80 6.87 31.48
C SER A 53 -13.52 6.17 31.90
N LEU A 54 -12.45 6.40 31.13
CA LEU A 54 -11.13 5.90 31.42
C LEU A 54 -10.18 7.08 31.57
N VAL A 55 -9.46 7.13 32.68
CA VAL A 55 -8.58 8.25 33.00
C VAL A 55 -7.14 7.74 33.04
N ILE A 56 -6.27 8.37 32.25
CA ILE A 56 -4.84 8.08 32.28
C ILE A 56 -4.20 9.00 33.29
N LYS A 57 -3.83 8.46 34.45
CA LYS A 57 -3.15 9.23 35.48
C LYS A 57 -1.68 9.35 35.10
N LEU A 58 -1.31 10.49 34.51
CA LEU A 58 0.03 10.63 33.95
C LEU A 58 1.10 10.79 35.02
N MET A 59 0.75 11.31 36.19
CA MET A 59 1.72 11.54 37.25
C MET A 59 1.62 10.45 38.30
N PRO A 60 2.67 9.66 38.52
CA PRO A 60 2.59 8.53 39.45
C PRO A 60 2.70 8.98 40.90
N ASN A 61 2.67 7.99 41.80
CA ASN A 61 2.80 8.21 43.23
C ASN A 61 4.19 7.76 43.66
N ILE A 62 4.96 8.67 44.24
CA ILE A 62 6.35 8.42 44.59
C ILE A 62 6.58 8.73 46.06
N THR A 63 5.54 8.57 46.88
CA THR A 63 5.66 8.87 48.30
C THR A 63 6.65 7.96 48.99
N LEU A 64 6.73 6.70 48.57
CA LEU A 64 7.62 5.74 49.21
C LEU A 64 9.07 5.89 48.76
N LEU A 65 9.35 6.77 47.79
CA LEU A 65 10.69 6.92 47.26
C LEU A 65 11.53 7.93 48.01
N ASN A 66 10.91 8.83 48.78
CA ASN A 66 11.61 9.78 49.66
C ASN A 66 12.57 10.68 48.87
N ASN A 67 11.97 11.50 48.01
CA ASN A 67 12.66 12.55 47.25
C ASN A 67 13.70 12.02 46.28
N CYS A 68 13.79 10.70 46.10
CA CYS A 68 14.85 10.12 45.28
C CYS A 68 14.68 10.41 43.80
N THR A 69 13.50 10.86 43.36
CA THR A 69 13.23 11.10 41.95
C THR A 69 12.75 12.53 41.71
N ARG A 70 13.21 13.46 42.55
CA ARG A 70 12.76 14.85 42.44
C ARG A 70 13.13 15.47 41.10
N VAL A 71 14.37 15.26 40.66
CA VAL A 71 14.84 15.91 39.44
C VAL A 71 14.17 15.31 38.21
N GLU A 72 14.02 13.98 38.18
CA GLU A 72 13.48 13.31 37.01
C GLU A 72 12.00 13.60 36.83
N ILE A 73 11.25 13.72 37.93
CA ILE A 73 9.83 14.02 37.85
C ILE A 73 9.61 15.39 37.21
N ALA A 74 10.42 16.38 37.62
CA ALA A 74 10.30 17.72 37.04
C ALA A 74 10.59 17.71 35.55
N GLU A 75 11.60 16.95 35.13
CA GLU A 75 11.87 16.78 33.71
C GLU A 75 10.69 16.12 33.01
N TYR A 76 10.06 15.15 33.67
CA TYR A 76 8.90 14.46 33.10
C TYR A 76 7.70 15.39 32.95
N ARG A 77 7.47 16.26 33.94
CA ARG A 77 6.36 17.20 33.87
C ARG A 77 6.54 18.18 32.71
N ARG A 78 7.76 18.70 32.53
CA ARG A 78 7.99 19.72 31.51
C ARG A 78 7.72 19.18 30.11
N LEU A 79 8.12 17.94 29.84
CA LEU A 79 7.89 17.35 28.52
C LEU A 79 6.41 17.09 28.28
N LEU A 80 5.66 16.74 29.33
CA LEU A 80 4.24 16.48 29.18
C LEU A 80 3.47 17.74 28.79
N ARG A 81 3.81 18.88 29.38
CA ARG A 81 3.08 20.12 29.10
C ARG A 81 3.19 20.51 27.64
N THR A 82 4.36 20.28 27.04
CA THR A 82 4.56 20.66 25.64
C THR A 82 3.58 19.95 24.71
N VAL A 83 3.13 18.75 25.08
CA VAL A 83 2.24 17.98 24.22
C VAL A 83 0.79 18.05 24.72
N LEU A 84 0.61 18.24 26.03
CA LEU A 84 -0.74 18.29 26.59
C LEU A 84 -1.42 19.63 26.32
N GLU A 85 -0.67 20.73 26.36
CA GLU A 85 -1.28 22.05 26.21
C GLU A 85 -2.03 22.25 24.90
N PRO A 86 -1.51 21.86 23.72
CA PRO A 86 -2.31 22.01 22.50
C PRO A 86 -3.64 21.27 22.53
N ILE A 87 -3.71 20.11 23.19
CA ILE A 87 -4.97 19.38 23.24
C ILE A 87 -5.97 20.10 24.13
N ARG A 88 -5.51 20.64 25.26
CA ARG A 88 -6.41 21.33 26.19
C ARG A 88 -7.02 22.56 25.51
N ASP A 89 -6.22 23.30 24.75
CA ASP A 89 -6.72 24.48 24.06
C ASP A 89 -7.74 24.10 22.98
N ALA A 90 -7.49 23.00 22.26
CA ALA A 90 -8.42 22.59 21.22
C ALA A 90 -9.77 22.19 21.79
N LEU A 91 -9.77 21.49 22.93
CA LEU A 91 -11.03 21.08 23.54
C LEU A 91 -11.83 22.29 24.01
N ASN A 92 -11.16 23.26 24.64
CA ASN A 92 -11.86 24.44 25.14
C ASN A 92 -12.43 25.28 24.01
N ALA A 93 -11.68 25.41 22.91
CA ALA A 93 -12.13 26.26 21.81
C ALA A 93 -13.42 25.73 21.18
N MET A 94 -13.67 24.43 21.29
CA MET A 94 -14.88 23.85 20.73
C MET A 94 -16.03 23.82 21.72
N THR A 95 -15.74 23.51 22.99
CA THR A 95 -16.80 23.43 23.99
C THR A 95 -17.34 24.80 24.37
N GLN A 96 -16.60 25.88 24.09
CA GLN A 96 -17.13 27.22 24.28
C GLN A 96 -18.03 27.66 23.14
N ASN A 97 -18.04 26.93 22.03
CA ASN A 97 -18.92 27.22 20.90
C ASN A 97 -20.23 26.47 21.00
N ILE A 98 -20.47 25.74 22.09
CA ILE A 98 -21.68 24.97 22.29
C ILE A 98 -22.55 25.71 23.29
N ARG A 99 -23.78 26.03 22.88
CA ARG A 99 -24.68 26.83 23.70
C ARG A 99 -26.04 26.16 23.81
N PRO A 100 -26.72 26.36 24.94
CA PRO A 100 -28.04 25.73 25.13
C PRO A 100 -29.09 26.32 24.21
N VAL A 101 -30.13 25.52 23.97
CA VAL A 101 -31.22 25.93 23.09
C VAL A 101 -31.99 27.07 23.73
N GLN A 102 -32.25 28.11 22.94
CA GLN A 102 -33.00 29.29 23.38
C GLN A 102 -34.16 29.55 22.44
N SER A 103 -34.91 28.50 22.12
CA SER A 103 -36.02 28.61 21.18
C SER A 103 -37.15 29.46 21.75
N VAL A 104 -37.87 30.13 20.86
CA VAL A 104 -39.01 30.96 21.20
C VAL A 104 -38.62 32.03 22.22
N GLY B 3 -30.15 19.51 25.82
CA GLY B 3 -30.25 19.99 24.46
C GLY B 3 -29.42 21.23 24.21
N VAL B 4 -28.50 21.14 23.25
CA VAL B 4 -27.60 22.24 22.91
C VAL B 4 -27.61 22.45 21.40
N VAL B 5 -27.25 23.65 20.99
CA VAL B 5 -27.08 24.00 19.58
C VAL B 5 -25.60 24.30 19.33
N LEU B 6 -25.16 23.98 18.12
CA LEU B 6 -23.88 24.50 17.61
C LEU B 6 -24.04 25.95 17.18
N ALA B 7 -23.22 26.83 17.77
CA ALA B 7 -23.44 28.26 17.63
C ALA B 7 -23.13 28.74 16.22
N GLY B 8 -22.06 28.21 15.62
CA GLY B 8 -21.90 28.31 14.18
C GLY B 8 -21.29 29.59 13.68
N ALA B 9 -20.74 30.42 14.57
CA ALA B 9 -20.29 31.75 14.20
C ALA B 9 -18.82 31.99 14.54
N ALA B 10 -18.38 31.56 15.72
CA ALA B 10 -16.96 31.62 16.05
C ALA B 10 -16.14 30.61 15.27
N LEU B 11 -16.80 29.72 14.52
CA LEU B 11 -16.16 28.61 13.84
C LEU B 11 -15.90 28.93 12.37
N GLY B 12 -14.97 28.16 11.79
CA GLY B 12 -14.61 28.25 10.40
C GLY B 12 -15.21 27.09 9.63
N VAL B 13 -14.64 26.83 8.46
CA VAL B 13 -15.04 25.66 7.68
C VAL B 13 -14.91 24.42 8.56
N ALA B 14 -16.02 23.74 8.82
CA ALA B 14 -16.04 22.58 9.69
C ALA B 14 -16.81 21.46 9.02
N THR B 15 -16.40 20.22 9.28
CA THR B 15 -16.94 19.05 8.61
C THR B 15 -17.92 18.34 9.54
N ALA B 16 -18.73 17.47 8.92
CA ALA B 16 -19.76 16.75 9.68
C ALA B 16 -19.16 15.93 10.80
N ALA B 17 -17.95 15.39 10.60
CA ALA B 17 -17.30 14.63 11.66
C ALA B 17 -16.93 15.52 12.84
N GLN B 18 -16.45 16.74 12.59
CA GLN B 18 -16.03 17.60 13.68
C GLN B 18 -17.23 18.25 14.36
N ILE B 19 -18.30 18.52 13.61
CA ILE B 19 -19.51 19.08 14.21
C ILE B 19 -20.17 18.05 15.12
N THR B 20 -20.33 16.82 14.63
CA THR B 20 -20.96 15.78 15.43
C THR B 20 -20.12 15.46 16.67
N ALA B 21 -18.81 15.33 16.50
CA ALA B 21 -17.94 15.01 17.64
C ALA B 21 -17.84 16.18 18.60
N GLY B 22 -17.93 17.41 18.10
CA GLY B 22 -17.83 18.56 18.99
C GLY B 22 -19.02 18.67 19.94
N ILE B 23 -20.23 18.47 19.41
CA ILE B 23 -21.42 18.52 20.27
C ILE B 23 -21.53 17.26 21.12
N ALA B 24 -21.13 16.11 20.59
CA ALA B 24 -21.09 14.90 21.40
C ALA B 24 -20.15 15.04 22.59
N LEU B 25 -19.18 15.95 22.51
CA LEU B 25 -18.31 16.21 23.64
C LEU B 25 -19.07 16.85 24.80
N HIS B 26 -20.14 17.58 24.52
CA HIS B 26 -20.91 18.19 25.60
C HIS B 26 -21.59 17.15 26.47
N GLN B 27 -22.14 16.09 25.87
CA GLN B 27 -22.80 15.06 26.64
C GLN B 27 -21.81 14.19 27.43
N SER B 28 -20.61 13.99 26.90
CA SER B 28 -19.67 13.08 27.52
C SER B 28 -18.73 13.77 28.51
N MET B 29 -18.45 15.05 28.33
CA MET B 29 -17.54 15.75 29.23
C MET B 29 -18.14 15.90 30.62
N LEU B 30 -17.32 15.67 31.64
CA LEU B 30 -17.74 15.86 33.01
C LEU B 30 -17.83 17.35 33.33
N ASN B 31 -18.64 17.67 34.33
CA ASN B 31 -18.79 19.06 34.76
C ASN B 31 -17.64 19.46 35.68
N SER B 32 -17.63 20.74 36.08
CA SER B 32 -16.53 21.25 36.89
C SER B 32 -16.44 20.58 38.24
N GLN B 33 -17.59 20.16 38.81
CA GLN B 33 -17.56 19.50 40.10
C GLN B 33 -16.95 18.11 40.01
N ALA B 34 -17.31 17.36 38.97
CA ALA B 34 -16.78 16.00 38.83
C ALA B 34 -15.28 16.01 38.62
N ILE B 35 -14.77 16.99 37.87
CA ILE B 35 -13.33 17.11 37.66
C ILE B 35 -12.62 17.38 38.99
N ASP B 36 -13.19 18.26 39.82
CA ASP B 36 -12.61 18.53 41.13
C ASP B 36 -12.64 17.29 42.01
N ASN B 37 -13.73 16.53 41.96
CA ASN B 37 -13.79 15.28 42.71
C ASN B 37 -12.81 14.26 42.14
N LEU B 38 -12.70 14.17 40.82
CA LEU B 38 -11.76 13.25 40.20
C LEU B 38 -10.32 13.61 40.56
N ARG B 39 -10.00 14.91 40.58
CA ARG B 39 -8.66 15.35 40.91
C ARG B 39 -8.30 14.97 42.35
N ALA B 40 -9.26 15.09 43.28
CA ALA B 40 -8.98 14.76 44.67
C ALA B 40 -8.78 13.26 44.85
N SER B 41 -9.57 12.43 44.14
CA SER B 41 -9.44 10.99 44.30
C SER B 41 -8.20 10.45 43.59
N LEU B 42 -7.78 11.08 42.49
CA LEU B 42 -6.59 10.63 41.79
C LEU B 42 -5.33 10.82 42.62
N GLU B 43 -5.31 11.85 43.48
CA GLU B 43 -4.13 12.09 44.31
C GLU B 43 -3.90 10.94 45.29
N THR B 44 -4.96 10.43 45.89
CA THR B 44 -4.83 9.36 46.88
C THR B 44 -4.66 7.98 46.25
N THR B 45 -4.82 7.87 44.93
CA THR B 45 -4.67 6.58 44.26
C THR B 45 -3.23 6.10 44.33
N ASN B 46 -3.05 4.80 44.57
CA ASN B 46 -1.75 4.21 44.74
C ASN B 46 -1.48 3.06 43.77
N GLN B 47 -2.53 2.47 43.20
CA GLN B 47 -2.39 1.29 42.37
C GLN B 47 -2.35 1.67 40.89
N ALA B 48 -1.80 0.76 40.08
CA ALA B 48 -1.70 1.00 38.65
C ALA B 48 -3.08 1.07 38.00
N ILE B 49 -3.98 0.16 38.36
CA ILE B 49 -5.36 0.17 37.89
C ILE B 49 -6.28 0.24 39.09
N GLU B 50 -7.18 1.21 39.09
CA GLU B 50 -8.08 1.42 40.21
C GLU B 50 -9.36 2.06 39.72
N ALA B 51 -10.49 1.56 40.21
CA ALA B 51 -11.79 2.09 39.86
C ALA B 51 -12.25 3.03 40.96
N ILE B 52 -12.74 4.21 40.55
CA ILE B 52 -13.22 5.23 41.48
C ILE B 52 -14.73 5.22 41.42
N ARG B 53 -15.37 4.95 42.55
CA ARG B 53 -16.81 4.84 42.63
C ARG B 53 -17.41 6.17 43.08
N GLN B 54 -18.38 6.66 42.31
CA GLN B 54 -19.10 7.89 42.62
C GLN B 54 -20.59 7.63 42.54
N ALA B 55 -21.33 8.16 43.51
CA ALA B 55 -22.78 7.96 43.51
C ALA B 55 -23.48 8.81 42.47
N GLY B 56 -22.86 9.88 42.00
CA GLY B 56 -23.50 10.73 41.02
C GLY B 56 -23.71 10.06 39.66
N GLN B 57 -22.71 9.33 39.19
CA GLN B 57 -22.78 8.72 37.87
C GLN B 57 -22.00 7.42 37.88
N GLY B 58 -21.67 6.91 36.71
CA GLY B 58 -20.97 5.65 36.58
C GLY B 58 -19.55 5.70 37.11
N MET B 59 -18.98 4.51 37.30
CA MET B 59 -17.62 4.37 37.78
C MET B 59 -16.62 4.84 36.75
N ILE B 60 -15.49 5.35 37.23
CA ILE B 60 -14.39 5.81 36.40
C ILE B 60 -13.14 5.02 36.78
N LEU B 61 -12.48 4.45 35.78
CA LEU B 61 -11.31 3.62 35.99
C LEU B 61 -10.05 4.44 35.78
N ALA B 62 -9.15 4.42 36.76
CA ALA B 62 -7.90 5.16 36.72
C ALA B 62 -6.75 4.21 36.45
N VAL B 63 -5.94 4.52 35.44
CA VAL B 63 -4.82 3.69 35.03
C VAL B 63 -3.54 4.50 35.12
N GLN B 64 -2.50 3.89 35.68
CA GLN B 64 -1.18 4.50 35.75
C GLN B 64 -0.18 3.55 35.10
N GLY B 65 0.51 4.03 34.07
CA GLY B 65 1.45 3.27 33.25
C GLY B 65 2.84 3.03 33.79
N VAL B 66 3.22 3.61 34.94
CA VAL B 66 4.53 3.32 35.51
C VAL B 66 4.42 2.99 37.00
N GLN B 67 3.20 2.85 37.52
CA GLN B 67 3.08 2.47 38.92
C GLN B 67 3.51 1.02 39.18
N ASP B 68 3.37 0.13 38.19
CA ASP B 68 3.74 -1.26 38.41
C ASP B 68 5.23 -1.40 38.63
N TYR B 69 6.04 -0.66 37.86
CA TYR B 69 7.48 -0.68 38.06
C TYR B 69 7.85 -0.16 39.44
N ILE B 70 7.16 0.89 39.92
CA ILE B 70 7.51 1.52 41.18
C ILE B 70 7.24 0.58 42.35
N ASN B 71 6.05 -0.03 42.38
CA ASN B 71 5.69 -0.87 43.52
C ASN B 71 6.42 -2.21 43.49
N ASN B 72 6.53 -2.83 42.31
CA ASN B 72 7.12 -4.15 42.21
C ASN B 72 8.65 -4.14 42.26
N GLU B 73 9.27 -3.09 41.72
CA GLU B 73 10.72 -3.07 41.56
C GLU B 73 11.42 -2.04 42.44
N LEU B 74 10.95 -0.80 42.45
CA LEU B 74 11.70 0.27 43.11
C LEU B 74 11.53 0.25 44.62
N ILE B 75 10.28 0.22 45.09
CA ILE B 75 10.03 0.28 46.53
C ILE B 75 10.67 -0.88 47.28
N PRO B 76 10.60 -2.13 46.83
CA PRO B 76 11.33 -3.20 47.54
C PRO B 76 12.83 -2.99 47.58
N SER B 77 13.40 -2.24 46.63
CA SER B 77 14.83 -2.01 46.56
C SER B 77 15.27 -0.72 47.26
N MET B 78 14.36 -0.02 47.93
CA MET B 78 14.71 1.26 48.54
C MET B 78 15.73 1.08 49.65
N ASN B 79 15.60 0.03 50.46
CA ASN B 79 16.55 -0.20 51.54
C ASN B 79 17.86 -0.81 51.05
N GLN B 80 17.94 -1.20 49.78
CA GLN B 80 19.13 -1.82 49.21
C GLN B 80 19.92 -0.88 48.33
N LEU B 81 19.26 -0.21 47.40
CA LEU B 81 19.93 0.69 46.47
C LEU B 81 20.12 2.07 47.09
N SER B 82 20.94 2.88 46.43
CA SER B 82 21.18 4.25 46.86
C SER B 82 20.18 5.19 46.17
N CYS B 83 20.00 6.37 46.77
CA CYS B 83 19.02 7.33 46.25
C CYS B 83 19.37 7.78 44.84
N ASP B 84 20.66 7.89 44.52
CA ASP B 84 21.04 8.30 43.18
C ASP B 84 20.63 7.26 42.15
N LEU B 85 20.79 5.98 42.47
CA LEU B 85 20.44 4.93 41.52
C LEU B 85 18.93 4.80 41.34
N ILE B 86 18.15 5.04 42.41
CA ILE B 86 16.70 4.92 42.31
C ILE B 86 16.15 5.92 41.30
N GLY B 87 16.63 7.17 41.36
CA GLY B 87 16.17 8.17 40.42
C GLY B 87 16.57 7.87 38.99
N GLN B 88 17.74 7.26 38.79
CA GLN B 88 18.20 6.94 37.44
C GLN B 88 17.32 5.88 36.80
N LYS B 89 16.90 4.87 37.57
CA LYS B 89 16.09 3.79 37.02
C LYS B 89 14.69 4.28 36.67
N LEU B 90 14.08 5.10 37.52
CA LEU B 90 12.76 5.64 37.21
C LEU B 90 12.82 6.62 36.03
N GLY B 91 13.91 7.38 35.92
CA GLY B 91 14.02 8.31 34.81
C GLY B 91 14.01 7.62 33.46
N LEU B 92 14.58 6.43 33.37
CA LEU B 92 14.56 5.67 32.13
C LEU B 92 13.13 5.29 31.75
N LYS B 93 12.34 4.84 32.73
CA LYS B 93 10.97 4.41 32.47
C LYS B 93 10.07 5.59 32.13
N LEU B 94 10.32 6.74 32.76
CA LEU B 94 9.52 7.93 32.48
C LEU B 94 9.78 8.46 31.07
N LEU B 95 11.03 8.47 30.63
CA LEU B 95 11.35 8.97 29.31
C LEU B 95 10.81 8.05 28.21
N ARG B 96 10.76 6.74 28.46
CA ARG B 96 10.13 5.85 27.49
C ARG B 96 8.62 6.00 27.47
N TYR B 97 8.02 6.29 28.63
CA TYR B 97 6.58 6.56 28.69
C TYR B 97 6.22 7.80 27.90
N TYR B 98 7.02 8.87 28.03
CA TYR B 98 6.72 10.12 27.33
C TYR B 98 6.77 9.93 25.83
N THR B 99 7.70 9.10 25.34
CA THR B 99 7.80 8.87 23.90
C THR B 99 6.53 8.24 23.35
N GLU B 100 5.88 7.37 24.12
CA GLU B 100 4.63 6.76 23.68
C GLU B 100 3.47 7.73 23.76
N ILE B 101 3.44 8.59 24.79
CA ILE B 101 2.43 9.64 24.84
C ILE B 101 2.61 10.62 23.70
N LEU B 102 3.87 10.96 23.39
CA LEU B 102 4.15 11.85 22.27
C LEU B 102 3.71 11.24 20.95
N SER B 103 3.93 9.95 20.76
CA SER B 103 3.52 9.31 19.52
C SER B 103 2.02 9.09 19.44
N LEU B 104 1.33 9.08 20.58
CA LEU B 104 -0.11 8.84 20.60
C LEU B 104 -0.91 10.14 20.57
N PHE B 105 -0.76 10.97 21.59
CA PHE B 105 -1.45 12.26 21.67
C PHE B 105 -0.54 13.39 21.19
N GLY B 106 0.06 13.26 20.02
CA GLY B 106 1.06 14.21 19.59
C GLY B 106 0.68 14.94 18.33
N PRO B 107 1.67 15.59 17.70
CA PRO B 107 1.39 16.30 16.44
C PRO B 107 0.93 15.39 15.31
N SER B 108 1.19 14.10 15.40
CA SER B 108 0.62 13.16 14.43
C SER B 108 -0.90 13.09 14.57
N LEU B 109 -1.42 13.32 15.77
CA LEU B 109 -2.86 13.41 16.02
C LEU B 109 -3.31 14.80 15.62
N ARG B 110 -3.76 14.94 14.37
CA ARG B 110 -4.09 16.27 13.85
C ARG B 110 -5.32 16.84 14.54
N ASP B 111 -6.39 16.06 14.66
CA ASP B 111 -7.64 16.52 15.27
C ASP B 111 -7.94 15.68 16.51
N PRO B 112 -7.60 16.16 17.72
CA PRO B 112 -7.87 15.38 18.92
C PRO B 112 -9.35 15.17 19.21
N ILE B 113 -10.23 15.96 18.60
CA ILE B 113 -11.66 15.91 18.90
C ILE B 113 -12.37 14.83 18.09
N SER B 114 -12.11 14.77 16.79
CA SER B 114 -12.77 13.82 15.90
C SER B 114 -12.06 12.49 15.82
N ALA B 115 -11.05 12.25 16.64
CA ALA B 115 -10.23 11.06 16.56
C ALA B 115 -10.72 9.99 17.52
N GLU B 116 -10.80 8.75 17.03
CA GLU B 116 -11.15 7.59 17.84
C GLU B 116 -9.92 6.69 17.91
N ILE B 117 -9.49 6.38 19.14
CA ILE B 117 -8.30 5.61 19.38
C ILE B 117 -8.69 4.23 19.90
N SER B 118 -8.21 3.19 19.25
CA SER B 118 -8.54 1.83 19.66
C SER B 118 -7.84 1.49 20.97
N ILE B 119 -8.40 0.51 21.68
CA ILE B 119 -7.85 0.10 22.97
C ILE B 119 -6.46 -0.51 22.79
N GLN B 120 -6.22 -1.18 21.67
CA GLN B 120 -4.91 -1.79 21.42
C GLN B 120 -3.84 -0.75 21.16
N ALA B 121 -4.20 0.34 20.48
CA ALA B 121 -3.25 1.44 20.30
C ALA B 121 -2.91 2.14 21.61
N LEU B 122 -3.74 1.98 22.63
CA LEU B 122 -3.53 2.55 23.95
C LEU B 122 -2.74 1.63 24.87
N SER B 123 -2.24 0.50 24.36
CA SER B 123 -1.74 -0.56 25.24
C SER B 123 -0.57 -0.09 26.10
N TYR B 124 0.35 0.67 25.51
CA TYR B 124 1.54 1.03 26.29
C TYR B 124 1.20 2.15 27.26
N ALA B 125 0.27 3.03 26.87
CA ALA B 125 -0.20 4.13 27.69
C ALA B 125 -0.97 3.64 28.91
N LEU B 126 -1.31 2.35 28.95
CA LEU B 126 -2.20 1.77 29.93
C LEU B 126 -1.47 0.82 30.86
N GLY B 127 -0.15 0.70 30.70
CA GLY B 127 0.67 -0.14 31.56
C GLY B 127 1.37 -1.25 30.82
N GLY B 128 1.06 -1.47 29.55
CA GLY B 128 1.69 -2.49 28.73
C GLY B 128 0.72 -3.49 28.16
N ASP B 129 -0.36 -3.78 28.90
CA ASP B 129 -1.32 -4.81 28.54
C ASP B 129 -2.72 -4.22 28.69
N ILE B 130 -3.70 -4.91 28.12
CA ILE B 130 -5.09 -4.43 28.14
C ILE B 130 -6.05 -5.47 28.69
N ASN B 131 -5.57 -6.65 29.07
CA ASN B 131 -6.47 -7.71 29.53
C ASN B 131 -7.02 -7.39 30.93
N LYS B 132 -6.20 -6.77 31.77
CA LYS B 132 -6.66 -6.34 33.09
C LYS B 132 -7.55 -5.12 33.00
N VAL B 133 -7.34 -4.27 31.98
CA VAL B 133 -8.21 -3.11 31.80
C VAL B 133 -9.60 -3.53 31.34
N LEU B 134 -9.65 -4.45 30.38
CA LEU B 134 -10.95 -4.93 29.89
C LEU B 134 -11.69 -5.72 30.96
N GLU B 135 -10.96 -6.37 31.86
CA GLU B 135 -11.60 -7.11 32.94
C GLU B 135 -12.32 -6.19 33.91
N LYS B 136 -11.71 -5.06 34.25
CA LYS B 136 -12.30 -4.13 35.19
C LYS B 136 -13.32 -3.19 34.55
N LEU B 137 -13.35 -3.11 33.22
CA LEU B 137 -14.39 -2.36 32.52
C LEU B 137 -15.66 -3.17 32.33
N GLY B 138 -15.67 -4.43 32.73
CA GLY B 138 -16.80 -5.30 32.49
C GLY B 138 -16.93 -5.76 31.05
N TYR B 139 -15.87 -5.62 30.25
CA TYR B 139 -15.91 -5.97 28.84
C TYR B 139 -15.58 -7.44 28.69
N SER B 140 -16.61 -8.27 28.50
CA SER B 140 -16.43 -9.70 28.34
C SER B 140 -17.64 -10.25 27.60
N GLY B 141 -17.48 -11.47 27.10
CA GLY B 141 -18.55 -12.11 26.36
C GLY B 141 -17.99 -13.11 25.38
N GLY B 142 -18.91 -13.70 24.61
CA GLY B 142 -18.52 -14.67 23.61
C GLY B 142 -17.96 -14.09 22.33
N ASP B 143 -18.12 -12.78 22.12
CA ASP B 143 -17.63 -12.12 20.92
C ASP B 143 -16.61 -11.03 21.23
N LEU B 144 -15.98 -11.09 22.41
CA LEU B 144 -14.93 -10.12 22.73
C LEU B 144 -13.74 -10.26 21.79
N LEU B 145 -13.34 -11.51 21.50
CA LEU B 145 -12.20 -11.73 20.63
C LEU B 145 -12.46 -11.24 19.21
N GLY B 146 -13.67 -11.47 18.70
CA GLY B 146 -14.00 -10.95 17.38
C GLY B 146 -14.10 -9.43 17.37
N ILE B 147 -14.67 -8.86 18.44
CA ILE B 147 -14.73 -7.40 18.56
C ILE B 147 -13.32 -6.82 18.69
N LEU B 148 -12.48 -7.45 19.50
CA LEU B 148 -11.13 -6.96 19.72
C LEU B 148 -10.26 -7.12 18.48
N GLU B 149 -10.53 -8.12 17.64
CA GLU B 149 -9.75 -8.31 16.43
C GLU B 149 -10.08 -7.27 15.36
N SER B 150 -11.29 -6.74 15.38
CA SER B 150 -11.69 -5.67 14.47
C SER B 150 -11.40 -4.29 15.01
N ARG B 151 -10.76 -4.20 16.18
CA ARG B 151 -10.48 -2.93 16.84
C ARG B 151 -11.79 -2.14 17.06
N GLY B 152 -12.79 -2.84 17.58
CA GLY B 152 -14.10 -2.23 17.77
C GLY B 152 -14.25 -1.42 19.03
N ILE B 153 -13.35 -1.62 19.99
CA ILE B 153 -13.36 -0.86 21.23
C ILE B 153 -12.49 0.37 21.03
N LYS B 154 -13.11 1.53 20.91
CA LYS B 154 -12.42 2.77 20.60
C LYS B 154 -12.73 3.82 21.66
N ALA B 155 -11.81 4.75 21.85
CA ALA B 155 -11.94 5.79 22.86
C ALA B 155 -11.78 7.16 22.23
N ARG B 156 -12.40 8.16 22.85
CA ARG B 156 -12.31 9.55 22.42
C ARG B 156 -11.88 10.41 23.60
N ILE B 157 -11.08 11.43 23.32
CA ILE B 157 -10.60 12.33 24.37
C ILE B 157 -11.73 13.29 24.75
N THR B 158 -12.03 13.38 26.04
CA THR B 158 -13.07 14.26 26.53
C THR B 158 -12.57 15.38 27.42
N HIS B 159 -11.45 15.21 28.11
CA HIS B 159 -10.94 16.26 28.98
C HIS B 159 -9.44 16.04 29.17
N VAL B 160 -8.68 17.14 29.11
CA VAL B 160 -7.25 17.13 29.35
C VAL B 160 -6.97 18.14 30.45
N ASP B 161 -6.34 17.68 31.53
CA ASP B 161 -6.04 18.53 32.67
C ASP B 161 -4.53 18.73 32.74
N THR B 162 -4.09 19.93 32.37
CA THR B 162 -2.67 20.25 32.42
C THR B 162 -2.21 20.67 33.82
N GLU B 163 -3.13 20.88 34.75
CA GLU B 163 -2.77 21.25 36.11
C GLU B 163 -2.49 20.03 36.99
N SER B 164 -3.20 18.93 36.77
CA SER B 164 -2.99 17.70 37.50
C SER B 164 -2.45 16.58 36.61
N TYR B 165 -2.27 16.83 35.31
CA TYR B 165 -1.64 15.89 34.39
C TYR B 165 -2.41 14.56 34.33
N PHE B 166 -3.62 14.66 33.79
CA PHE B 166 -4.40 13.45 33.51
C PHE B 166 -5.26 13.69 32.28
N ILE B 167 -5.60 12.60 31.60
CA ILE B 167 -6.41 12.61 30.38
C ILE B 167 -7.63 11.74 30.62
N VAL B 168 -8.81 12.26 30.30
CA VAL B 168 -10.07 11.53 30.44
C VAL B 168 -10.55 11.13 29.06
N LEU B 169 -10.90 9.86 28.90
CA LEU B 169 -11.36 9.34 27.63
C LEU B 169 -12.72 8.67 27.80
N SER B 170 -13.46 8.58 26.71
CA SER B 170 -14.77 7.96 26.67
C SER B 170 -14.66 6.67 25.86
N ILE B 171 -14.66 5.53 26.55
CA ILE B 171 -14.49 4.22 25.93
C ILE B 171 -15.84 3.51 25.88
N ALA B 172 -16.13 2.87 24.76
CA ALA B 172 -17.42 2.25 24.52
C ALA B 172 -17.24 0.83 24.01
N TYR B 173 -18.11 -0.08 24.46
CA TYR B 173 -18.12 -1.45 23.99
C TYR B 173 -19.20 -1.59 22.92
N PRO B 174 -18.84 -1.92 21.68
CA PRO B 174 -19.82 -1.88 20.60
C PRO B 174 -20.87 -2.98 20.73
N THR B 175 -22.02 -2.72 20.12
CA THR B 175 -23.10 -3.70 19.99
C THR B 175 -23.23 -4.10 18.53
N LEU B 176 -23.52 -5.37 18.30
CA LEU B 176 -23.52 -5.94 16.96
C LEU B 176 -24.95 -5.99 16.42
N SER B 177 -25.14 -5.41 15.24
CA SER B 177 -26.45 -5.37 14.59
C SER B 177 -26.31 -5.94 13.18
N GLU B 178 -27.20 -6.85 12.83
CA GLU B 178 -27.17 -7.50 11.52
C GLU B 178 -27.91 -6.65 10.50
N ILE B 179 -27.34 -6.56 9.29
CA ILE B 179 -27.92 -5.78 8.21
C ILE B 179 -28.73 -6.74 7.33
N LYS B 180 -30.03 -6.47 7.23
CA LYS B 180 -30.92 -7.35 6.49
C LYS B 180 -30.69 -7.21 4.99
N GLY B 181 -30.76 -8.34 4.29
CA GLY B 181 -30.69 -8.36 2.84
C GLY B 181 -29.30 -8.37 2.26
N VAL B 182 -28.26 -8.38 3.08
CA VAL B 182 -26.87 -8.32 2.62
C VAL B 182 -26.20 -9.67 2.89
N ILE B 183 -25.63 -10.24 1.83
CA ILE B 183 -24.89 -11.50 1.92
C ILE B 183 -23.47 -11.24 1.45
N VAL B 184 -22.49 -11.72 2.21
CA VAL B 184 -21.08 -11.56 1.87
C VAL B 184 -20.57 -12.87 1.31
N HIS B 185 -20.18 -12.86 0.04
CA HIS B 185 -19.70 -14.06 -0.65
C HIS B 185 -18.18 -14.02 -0.76
N ARG B 186 -17.53 -15.13 -0.44
CA ARG B 186 -16.10 -15.29 -0.65
C ARG B 186 -15.87 -16.17 -1.87
N LEU B 187 -15.09 -15.67 -2.83
CA LEU B 187 -14.89 -16.34 -4.10
C LEU B 187 -13.52 -16.99 -4.17
N GLU B 188 -13.45 -18.10 -4.90
CA GLU B 188 -12.21 -18.80 -5.18
C GLU B 188 -12.17 -19.13 -6.67
N GLY B 189 -10.96 -19.28 -7.20
CA GLY B 189 -10.79 -19.49 -8.63
C GLY B 189 -9.68 -20.46 -8.95
N VAL B 190 -9.78 -21.04 -10.14
CA VAL B 190 -8.74 -21.88 -10.72
C VAL B 190 -8.46 -21.37 -12.13
N SER B 191 -7.30 -21.75 -12.64
CA SER B 191 -6.87 -21.31 -13.96
C SER B 191 -7.42 -22.21 -15.06
N TYR B 192 -7.24 -21.78 -16.30
CA TYR B 192 -7.61 -22.57 -17.46
C TYR B 192 -6.64 -22.23 -18.59
N ASN B 193 -6.53 -23.15 -19.55
CA ASN B 193 -5.61 -23.01 -20.66
C ASN B 193 -6.37 -22.74 -21.96
N ILE B 194 -5.93 -21.70 -22.68
CA ILE B 194 -6.34 -21.48 -24.06
C ILE B 194 -5.14 -21.89 -24.92
N GLY B 195 -5.23 -23.06 -25.52
CA GLY B 195 -4.07 -23.62 -26.19
C GLY B 195 -2.99 -24.00 -25.20
N SER B 196 -1.91 -23.23 -25.18
CA SER B 196 -0.79 -23.50 -24.28
C SER B 196 -0.57 -22.40 -23.24
N GLN B 197 -1.43 -21.39 -23.21
CA GLN B 197 -1.31 -20.28 -22.26
C GLN B 197 -2.29 -20.49 -21.11
N GLU B 198 -1.80 -20.37 -19.88
CA GLU B 198 -2.64 -20.52 -18.71
C GLU B 198 -3.22 -19.16 -18.34
N TRP B 199 -4.55 -19.08 -18.29
CA TRP B 199 -5.26 -17.84 -18.04
C TRP B 199 -6.01 -17.91 -16.72
N TYR B 200 -6.36 -16.74 -16.20
CA TYR B 200 -7.00 -16.61 -14.89
C TYR B 200 -8.01 -15.48 -14.95
N THR B 201 -9.16 -15.69 -14.32
CA THR B 201 -10.22 -14.69 -14.31
C THR B 201 -10.05 -13.79 -13.09
N THR B 202 -10.08 -12.48 -13.32
CA THR B 202 -9.89 -11.49 -12.26
C THR B 202 -11.25 -11.14 -11.67
N VAL B 203 -11.49 -11.58 -10.44
CA VAL B 203 -12.73 -11.28 -9.74
C VAL B 203 -12.39 -10.83 -8.32
N PRO B 204 -13.23 -10.03 -7.68
CA PRO B 204 -12.97 -9.64 -6.29
C PRO B 204 -12.95 -10.86 -5.37
N LYS B 205 -12.07 -10.81 -4.37
CA LYS B 205 -12.00 -11.90 -3.41
C LYS B 205 -13.27 -11.99 -2.58
N TYR B 206 -13.88 -10.84 -2.27
CA TYR B 206 -15.12 -10.77 -1.52
C TYR B 206 -16.13 -9.96 -2.31
N VAL B 207 -17.37 -10.43 -2.32
CA VAL B 207 -18.46 -9.78 -3.06
C VAL B 207 -19.69 -9.77 -2.16
N ALA B 208 -20.37 -8.63 -2.09
CA ALA B 208 -21.59 -8.48 -1.32
C ALA B 208 -22.76 -8.21 -2.25
N THR B 209 -23.87 -8.90 -2.00
CA THR B 209 -25.09 -8.74 -2.80
C THR B 209 -26.25 -8.33 -1.91
N GLN B 210 -27.10 -7.45 -2.43
CA GLN B 210 -28.29 -6.98 -1.74
C GLN B 210 -29.43 -6.94 -2.76
N GLY B 211 -30.18 -8.04 -2.83
CA GLY B 211 -31.23 -8.16 -3.81
C GLY B 211 -30.68 -8.28 -5.23
N TYR B 212 -30.93 -7.27 -6.05
CA TYR B 212 -30.40 -7.21 -7.40
C TYR B 212 -29.08 -6.47 -7.48
N LEU B 213 -28.62 -5.84 -6.40
CA LEU B 213 -27.43 -5.01 -6.42
C LEU B 213 -26.22 -5.83 -5.97
N ILE B 214 -25.16 -5.78 -6.78
CA ILE B 214 -23.87 -6.39 -6.45
C ILE B 214 -22.90 -5.26 -6.13
N SER B 215 -22.18 -5.39 -5.02
CA SER B 215 -21.25 -4.35 -4.62
C SER B 215 -19.98 -4.99 -4.11
N ASN B 216 -18.92 -4.18 -4.06
CA ASN B 216 -17.65 -4.65 -3.53
C ASN B 216 -17.72 -4.76 -2.02
N PHE B 217 -16.67 -5.33 -1.44
CA PHE B 217 -16.59 -5.53 0.00
C PHE B 217 -15.14 -5.34 0.44
N ASP B 218 -14.96 -4.63 1.55
CA ASP B 218 -13.64 -4.35 2.10
C ASP B 218 -13.46 -5.13 3.39
N GLU B 219 -12.44 -5.99 3.45
CA GLU B 219 -12.23 -6.89 4.57
C GLU B 219 -11.15 -6.40 5.52
N SER B 220 -10.76 -5.13 5.42
CA SER B 220 -9.68 -4.61 6.27
C SER B 220 -10.08 -4.62 7.75
N SER B 221 -11.30 -4.18 8.05
CA SER B 221 -11.77 -4.09 9.42
C SER B 221 -12.72 -5.21 9.80
N CYS B 222 -12.80 -6.26 8.97
CA CYS B 222 -13.77 -7.32 9.15
C CYS B 222 -13.07 -8.58 9.64
N THR B 223 -13.64 -9.21 10.66
CA THR B 223 -13.21 -10.52 11.12
C THR B 223 -14.29 -11.53 10.77
N PHE B 224 -13.88 -12.64 10.15
CA PHE B 224 -14.82 -13.66 9.71
C PHE B 224 -14.89 -14.78 10.75
N MET B 225 -15.48 -14.43 11.89
CA MET B 225 -15.62 -15.38 12.97
C MET B 225 -16.63 -16.47 12.60
N PRO B 226 -16.52 -17.66 13.19
CA PRO B 226 -17.47 -18.73 12.88
C PRO B 226 -18.91 -18.36 13.13
N GLU B 227 -19.18 -17.53 14.14
CA GLU B 227 -20.54 -17.07 14.38
C GLU B 227 -21.04 -16.21 13.22
N GLY B 228 -20.19 -15.32 12.72
CA GLY B 228 -20.57 -14.47 11.61
C GLY B 228 -19.49 -13.46 11.31
N THR B 229 -19.77 -12.64 10.30
CA THR B 229 -18.85 -11.58 9.87
C THR B 229 -19.12 -10.32 10.69
N VAL B 230 -18.07 -9.81 11.34
CA VAL B 230 -18.17 -8.65 12.20
C VAL B 230 -17.22 -7.59 11.67
N CYS B 231 -17.75 -6.41 11.34
CA CYS B 231 -16.98 -5.34 10.74
C CYS B 231 -17.11 -4.07 11.57
N SER B 232 -15.98 -3.39 11.79
CA SER B 232 -16.00 -2.14 12.54
C SER B 232 -16.66 -1.02 11.73
N GLN B 233 -16.30 -0.88 10.47
CA GLN B 233 -16.86 0.11 9.58
C GLN B 233 -17.71 -0.58 8.51
N ASN B 234 -18.70 0.14 7.99
CA ASN B 234 -19.52 -0.40 6.91
C ASN B 234 -18.63 -0.62 5.69
N ALA B 235 -18.53 -1.88 5.27
CA ALA B 235 -17.52 -2.31 4.30
C ALA B 235 -18.00 -2.31 2.86
N LEU B 236 -19.26 -1.98 2.60
CA LEU B 236 -19.77 -2.02 1.24
C LEU B 236 -19.41 -0.74 0.51
N TYR B 237 -18.74 -0.88 -0.63
CA TYR B 237 -18.53 0.23 -1.55
C TYR B 237 -18.90 -0.21 -2.96
N PRO B 238 -19.31 0.72 -3.81
CA PRO B 238 -19.90 0.33 -5.10
C PRO B 238 -18.94 -0.44 -6.00
N MET B 239 -19.53 -1.28 -6.84
CA MET B 239 -18.82 -2.03 -7.86
C MET B 239 -19.17 -1.44 -9.23
N SER B 240 -18.20 -1.45 -10.14
CA SER B 240 -18.43 -0.90 -11.47
C SER B 240 -19.49 -1.71 -12.18
N PRO B 241 -20.38 -1.07 -12.95
CA PRO B 241 -21.45 -1.81 -13.64
C PRO B 241 -20.94 -2.89 -14.57
N LEU B 242 -19.78 -2.69 -15.19
CA LEU B 242 -19.22 -3.74 -16.06
C LEU B 242 -18.82 -4.96 -15.25
N LEU B 243 -18.26 -4.76 -14.06
CA LEU B 243 -17.90 -5.89 -13.20
C LEU B 243 -19.13 -6.53 -12.57
N GLN B 244 -20.25 -5.82 -12.51
CA GLN B 244 -21.49 -6.41 -12.03
C GLN B 244 -22.12 -7.32 -13.07
N GLU B 245 -21.96 -7.01 -14.35
CA GLU B 245 -22.45 -7.90 -15.40
C GLU B 245 -21.61 -9.17 -15.49
N CYS B 246 -20.34 -9.10 -15.11
CA CYS B 246 -19.50 -10.29 -15.05
C CYS B 246 -20.06 -11.30 -14.05
N LEU B 247 -20.39 -10.83 -12.85
CA LEU B 247 -20.90 -11.72 -11.81
C LEU B 247 -22.32 -12.19 -12.08
N ARG B 248 -23.01 -11.58 -13.05
CA ARG B 248 -24.34 -12.02 -13.44
C ARG B 248 -24.33 -13.02 -14.58
N GLY B 249 -23.15 -13.45 -15.03
CA GLY B 249 -23.02 -14.58 -15.93
C GLY B 249 -22.62 -14.28 -17.36
N SER B 250 -22.34 -13.02 -17.71
CA SER B 250 -21.98 -12.72 -19.10
C SER B 250 -20.68 -13.40 -19.50
N THR B 251 -19.67 -13.36 -18.63
CA THR B 251 -18.37 -14.02 -18.80
C THR B 251 -17.56 -13.43 -19.94
N LYS B 252 -18.14 -12.52 -20.71
CA LYS B 252 -17.38 -11.72 -21.66
C LYS B 252 -17.03 -10.36 -21.10
N SER B 253 -17.68 -9.95 -20.01
CA SER B 253 -17.32 -8.74 -19.29
C SER B 253 -16.26 -8.98 -18.22
N CYS B 254 -15.87 -10.24 -18.01
CA CYS B 254 -14.83 -10.58 -17.05
C CYS B 254 -13.47 -10.48 -17.71
N ALA B 255 -12.48 -10.06 -16.95
CA ALA B 255 -11.14 -9.84 -17.46
C ALA B 255 -10.24 -11.03 -17.15
N ARG B 256 -9.44 -11.43 -18.14
CA ARG B 256 -8.49 -12.52 -18.00
C ARG B 256 -7.09 -11.96 -17.80
N THR B 257 -6.31 -12.64 -16.96
CA THR B 257 -4.93 -12.27 -16.74
C THR B 257 -4.06 -13.52 -16.85
N LEU B 258 -2.80 -13.32 -17.24
CA LEU B 258 -1.89 -14.44 -17.37
C LEU B 258 -1.40 -14.87 -15.99
N VAL B 259 -0.90 -16.10 -15.94
CA VAL B 259 -0.53 -16.76 -14.70
C VAL B 259 0.93 -16.45 -14.36
N SER B 260 1.17 -16.11 -13.10
CA SER B 260 2.50 -15.75 -12.63
C SER B 260 3.31 -17.00 -12.31
N GLY B 261 4.55 -16.78 -11.85
CA GLY B 261 5.42 -17.90 -11.51
C GLY B 261 4.94 -18.68 -10.30
N SER B 262 4.47 -17.98 -9.27
CA SER B 262 3.96 -18.60 -8.05
C SER B 262 2.44 -18.64 -8.16
N PHE B 263 1.90 -19.78 -8.59
CA PHE B 263 0.46 -19.94 -8.77
C PHE B 263 0.12 -21.40 -8.51
N GLY B 264 -0.34 -21.70 -7.30
CA GLY B 264 -0.69 -23.06 -6.94
C GLY B 264 -2.17 -23.29 -6.86
N ASN B 265 -2.94 -22.63 -7.71
CA ASN B 265 -4.39 -22.79 -7.76
C ASN B 265 -4.76 -23.37 -9.12
N ARG B 266 -4.65 -24.69 -9.24
CA ARG B 266 -4.96 -25.38 -10.48
C ARG B 266 -6.04 -26.44 -10.33
N PHE B 267 -6.44 -26.77 -9.11
CA PHE B 267 -7.57 -27.69 -8.91
C PHE B 267 -8.32 -27.29 -7.65
N ILE B 268 -9.63 -27.42 -7.71
CA ILE B 268 -10.53 -27.08 -6.61
C ILE B 268 -11.48 -28.25 -6.40
N LEU B 269 -11.74 -28.58 -5.13
CA LEU B 269 -12.68 -29.63 -4.78
C LEU B 269 -14.06 -28.99 -4.56
N SER B 270 -15.05 -29.41 -5.35
CA SER B 270 -16.36 -28.76 -5.34
C SER B 270 -17.41 -29.80 -5.71
N GLN B 271 -18.32 -30.08 -4.78
CA GLN B 271 -19.43 -31.03 -5.00
C GLN B 271 -18.90 -32.45 -5.20
N GLY B 272 -17.88 -32.80 -4.43
CA GLY B 272 -17.26 -34.10 -4.52
C GLY B 272 -16.54 -34.35 -5.82
N ASN B 273 -16.30 -33.31 -6.61
CA ASN B 273 -15.67 -33.40 -7.91
C ASN B 273 -14.33 -32.67 -7.84
N LEU B 274 -13.65 -32.60 -8.98
CA LEU B 274 -12.35 -31.96 -9.04
C LEU B 274 -12.30 -31.10 -10.31
N ILE B 275 -12.52 -29.81 -10.15
CA ILE B 275 -12.30 -28.86 -11.23
C ILE B 275 -10.79 -28.67 -11.32
N ALA B 276 -10.15 -29.30 -12.30
CA ALA B 276 -8.71 -29.30 -12.41
C ALA B 276 -8.31 -28.84 -13.81
N ASN B 277 -7.22 -28.08 -13.89
CA ASN B 277 -6.64 -27.71 -15.16
C ASN B 277 -5.63 -28.78 -15.54
N CYS B 278 -6.05 -29.70 -16.39
CA CYS B 278 -5.22 -30.86 -16.74
C CYS B 278 -4.23 -30.57 -17.86
N ALA B 279 -4.28 -29.37 -18.44
CA ALA B 279 -3.28 -28.94 -19.41
C ALA B 279 -2.13 -28.18 -18.77
N SER B 280 -2.19 -27.97 -17.44
CA SER B 280 -1.11 -27.33 -16.70
C SER B 280 -0.54 -28.20 -15.60
N ILE B 281 -1.27 -29.20 -15.13
CA ILE B 281 -0.77 -30.19 -14.20
C ILE B 281 -1.06 -31.57 -14.79
N LEU B 282 -0.54 -32.60 -14.14
CA LEU B 282 -0.70 -33.98 -14.57
C LEU B 282 -1.84 -34.61 -13.78
N CYS B 283 -2.95 -34.91 -14.46
CA CYS B 283 -4.08 -35.59 -13.85
C CYS B 283 -3.99 -37.07 -14.20
N LYS B 284 -3.68 -37.88 -13.20
CA LYS B 284 -3.52 -39.32 -13.37
C LYS B 284 -4.64 -40.06 -12.66
N CYS B 285 -5.21 -41.06 -13.34
CA CYS B 285 -6.29 -41.85 -12.78
C CYS B 285 -5.69 -43.02 -12.02
N TYR B 286 -5.72 -42.95 -10.69
CA TYR B 286 -5.14 -44.01 -9.87
C TYR B 286 -5.85 -45.33 -10.06
N THR B 287 -7.14 -45.31 -10.39
CA THR B 287 -7.89 -46.55 -10.54
C THR B 287 -7.37 -47.39 -11.71
N THR B 288 -7.07 -46.75 -12.83
CA THR B 288 -6.64 -47.46 -14.02
C THR B 288 -5.25 -47.12 -14.50
N GLY B 289 -4.58 -46.13 -13.90
CA GLY B 289 -3.27 -45.72 -14.34
C GLY B 289 -3.25 -44.86 -15.58
N THR B 290 -4.42 -44.51 -16.11
CA THR B 290 -4.51 -43.71 -17.33
C THR B 290 -4.35 -42.23 -17.00
N ILE B 291 -3.60 -41.53 -17.86
CA ILE B 291 -3.42 -40.09 -17.70
C ILE B 291 -4.64 -39.38 -18.26
N ILE B 292 -5.24 -38.52 -17.45
CA ILE B 292 -6.38 -37.72 -17.89
C ILE B 292 -5.84 -36.54 -18.69
N ASN B 293 -6.10 -36.53 -19.99
CA ASN B 293 -5.60 -35.49 -20.86
C ASN B 293 -6.65 -34.38 -20.98
N GLN B 294 -6.31 -33.35 -21.76
CA GLN B 294 -7.21 -32.23 -21.99
C GLN B 294 -6.84 -31.63 -23.34
N ASP B 295 -7.68 -31.90 -24.34
CA ASP B 295 -7.43 -31.42 -25.69
C ASP B 295 -7.48 -29.90 -25.73
N PRO B 296 -6.74 -29.26 -26.64
CA PRO B 296 -6.75 -27.79 -26.70
C PRO B 296 -8.14 -27.18 -26.88
N ASP B 297 -9.11 -27.94 -27.40
CA ASP B 297 -10.46 -27.40 -27.52
C ASP B 297 -11.17 -27.29 -26.18
N LYS B 298 -10.60 -27.84 -25.12
CA LYS B 298 -11.17 -27.77 -23.78
C LYS B 298 -10.29 -26.92 -22.88
N ILE B 299 -10.91 -26.11 -22.03
CA ILE B 299 -10.17 -25.26 -21.12
C ILE B 299 -10.19 -25.76 -19.68
N LEU B 300 -11.18 -26.57 -19.30
CA LEU B 300 -11.27 -27.10 -17.95
C LEU B 300 -11.88 -28.49 -18.00
N THR B 301 -11.54 -29.30 -17.01
CA THR B 301 -12.09 -30.64 -16.88
C THR B 301 -12.62 -30.84 -15.47
N TYR B 302 -13.75 -31.55 -15.37
CA TYR B 302 -14.38 -31.88 -14.11
C TYR B 302 -14.26 -33.38 -13.88
N ILE B 303 -13.66 -33.76 -12.76
CA ILE B 303 -13.34 -35.16 -12.48
C ILE B 303 -14.33 -35.69 -11.46
N ALA B 304 -15.00 -36.79 -11.83
CA ALA B 304 -15.99 -37.44 -10.98
C ALA B 304 -15.74 -38.94 -10.97
N ALA B 305 -16.38 -39.61 -10.01
CA ALA B 305 -16.22 -41.06 -9.86
C ALA B 305 -16.89 -41.85 -10.97
N ASP B 306 -17.68 -41.21 -11.82
CA ASP B 306 -18.33 -41.93 -12.92
C ASP B 306 -17.34 -42.40 -13.96
N HIS B 307 -16.17 -41.79 -14.04
CA HIS B 307 -15.07 -42.26 -14.89
C HIS B 307 -13.83 -42.62 -14.09
N CYS B 308 -13.41 -41.76 -13.18
CA CYS B 308 -12.17 -41.95 -12.43
C CYS B 308 -12.47 -41.86 -10.93
N PRO B 309 -12.74 -42.98 -10.27
CA PRO B 309 -13.10 -42.92 -8.84
C PRO B 309 -12.03 -42.30 -7.97
N VAL B 310 -10.75 -42.58 -8.24
CA VAL B 310 -9.63 -42.00 -7.50
C VAL B 310 -8.68 -41.38 -8.52
N VAL B 311 -8.35 -40.11 -8.32
CA VAL B 311 -7.51 -39.35 -9.24
C VAL B 311 -6.32 -38.80 -8.48
N GLU B 312 -5.16 -38.79 -9.13
CA GLU B 312 -3.95 -38.21 -8.56
C GLU B 312 -3.57 -36.97 -9.37
N VAL B 313 -3.50 -35.83 -8.69
CA VAL B 313 -3.08 -34.57 -9.30
C VAL B 313 -1.95 -33.99 -8.45
N ASN B 314 -0.83 -33.67 -9.09
CA ASN B 314 0.34 -33.10 -8.43
C ASN B 314 0.78 -33.96 -7.25
N GLY B 315 0.72 -35.28 -7.43
CA GLY B 315 1.10 -36.19 -6.36
C GLY B 315 0.13 -36.27 -5.22
N VAL B 316 -1.12 -35.89 -5.43
CA VAL B 316 -2.15 -35.90 -4.40
C VAL B 316 -3.30 -36.77 -4.89
N THR B 317 -3.65 -37.79 -4.11
CA THR B 317 -4.73 -38.71 -4.44
C THR B 317 -5.99 -38.32 -3.69
N ILE B 318 -7.08 -38.14 -4.43
CA ILE B 318 -8.35 -37.69 -3.87
C ILE B 318 -9.47 -38.58 -4.41
N GLN B 319 -10.32 -39.08 -3.52
CA GLN B 319 -11.51 -39.81 -3.93
C GLN B 319 -12.62 -38.83 -4.30
N VAL B 320 -13.22 -39.02 -5.46
CA VAL B 320 -14.31 -38.17 -5.93
C VAL B 320 -15.59 -38.98 -5.95
N GLY B 321 -16.71 -38.29 -6.19
CA GLY B 321 -18.02 -38.91 -6.10
C GLY B 321 -18.84 -38.73 -7.37
N SER B 322 -20.15 -38.63 -7.16
CA SER B 322 -21.12 -38.50 -8.24
C SER B 322 -20.85 -37.27 -9.09
N ARG B 323 -21.10 -37.38 -10.39
CA ARG B 323 -20.84 -36.30 -11.32
C ARG B 323 -21.84 -35.18 -11.09
N ARG B 324 -21.35 -34.04 -10.60
CA ARG B 324 -22.16 -32.86 -10.33
C ARG B 324 -21.89 -31.73 -11.32
N TYR B 325 -21.08 -31.99 -12.33
CA TYR B 325 -20.60 -30.99 -13.28
C TYR B 325 -20.59 -31.61 -14.66
N PRO B 326 -20.59 -30.79 -15.72
CA PRO B 326 -20.35 -31.33 -17.06
C PRO B 326 -18.97 -31.96 -17.17
N ASP B 327 -18.72 -32.60 -18.32
CA ASP B 327 -17.44 -33.26 -18.51
C ASP B 327 -16.31 -32.26 -18.66
N ALA B 328 -16.53 -31.19 -19.43
CA ALA B 328 -15.49 -30.21 -19.69
C ALA B 328 -16.13 -28.93 -20.21
N VAL B 329 -15.31 -27.89 -20.34
CA VAL B 329 -15.72 -26.61 -20.89
C VAL B 329 -15.02 -26.42 -22.24
N TYR B 330 -15.80 -26.12 -23.28
CA TYR B 330 -15.28 -26.02 -24.63
C TYR B 330 -15.09 -24.56 -25.02
N LEU B 331 -14.00 -24.29 -25.75
CA LEU B 331 -13.70 -22.93 -26.17
C LEU B 331 -14.78 -22.37 -27.10
N HIS B 332 -15.29 -23.21 -28.01
CA HIS B 332 -16.23 -22.73 -29.02
C HIS B 332 -17.60 -22.41 -28.46
N ARG B 333 -17.90 -22.81 -27.22
CA ARG B 333 -19.22 -22.57 -26.64
C ARG B 333 -19.16 -21.70 -25.39
N ILE B 334 -18.09 -20.92 -25.22
CA ILE B 334 -17.97 -19.98 -24.12
C ILE B 334 -17.40 -18.67 -24.66
N ASP B 335 -17.92 -17.55 -24.15
CA ASP B 335 -17.43 -16.23 -24.51
C ASP B 335 -16.52 -15.74 -23.40
N LEU B 336 -15.27 -15.46 -23.74
CA LEU B 336 -14.28 -15.00 -22.79
C LEU B 336 -14.01 -13.52 -22.99
N GLY B 337 -13.57 -12.86 -21.92
CA GLY B 337 -13.35 -11.43 -21.94
C GLY B 337 -11.98 -11.06 -22.47
N PRO B 338 -11.63 -9.78 -22.38
CA PRO B 338 -10.35 -9.32 -22.90
C PRO B 338 -9.25 -9.49 -21.88
N PRO B 339 -8.02 -9.78 -22.33
CA PRO B 339 -6.91 -9.88 -21.39
C PRO B 339 -6.50 -8.52 -20.84
N ILE B 340 -6.06 -8.52 -19.58
CA ILE B 340 -5.64 -7.31 -18.90
C ILE B 340 -4.36 -7.58 -18.12
N SER B 341 -3.74 -6.49 -17.66
CA SER B 341 -2.61 -6.53 -16.74
C SER B 341 -2.93 -5.62 -15.58
N LEU B 342 -2.73 -6.12 -14.36
CA LEU B 342 -3.08 -5.38 -13.16
C LEU B 342 -1.94 -4.53 -12.62
N GLY B 343 -0.78 -4.53 -13.29
CA GLY B 343 0.34 -3.77 -12.80
C GLY B 343 0.14 -2.27 -12.91
N ARG B 344 0.73 -1.54 -11.97
CA ARG B 344 0.62 -0.09 -11.97
C ARG B 344 1.29 0.51 -13.20
N LEU B 345 2.49 0.04 -13.54
CA LEU B 345 3.17 0.52 -14.74
C LEU B 345 2.53 -0.04 -16.00
N ASP B 346 2.04 -1.28 -15.95
CA ASP B 346 1.37 -1.85 -17.11
C ASP B 346 0.09 -1.09 -17.44
N VAL B 347 -0.65 -0.68 -16.41
CA VAL B 347 -1.86 0.10 -16.64
C VAL B 347 -1.53 1.44 -17.28
N GLY B 348 -0.50 2.12 -16.77
CA GLY B 348 -0.13 3.42 -17.32
C GLY B 348 0.34 3.34 -18.75
N THR B 349 1.13 2.30 -19.07
CA THR B 349 1.61 2.15 -20.44
C THR B 349 0.47 1.90 -21.42
N ASN B 350 -0.49 1.06 -21.03
CA ASN B 350 -1.61 0.76 -21.92
C ASN B 350 -2.64 1.88 -21.95
N LEU B 351 -2.85 2.57 -20.82
CA LEU B 351 -3.77 3.70 -20.82
C LEU B 351 -3.23 4.85 -21.66
N GLY B 352 -1.93 5.14 -21.54
CA GLY B 352 -1.34 6.19 -22.35
C GLY B 352 -1.38 5.88 -23.84
N ASN B 353 -1.15 4.62 -24.20
CA ASN B 353 -1.24 4.22 -25.60
C ASN B 353 -2.66 4.35 -26.13
N ALA B 354 -3.65 3.99 -25.31
CA ALA B 354 -5.04 4.10 -25.73
C ALA B 354 -5.49 5.55 -25.86
N ILE B 355 -5.06 6.40 -24.92
CA ILE B 355 -5.43 7.82 -24.97
C ILE B 355 -4.85 8.46 -26.21
N ALA B 356 -3.60 8.15 -26.54
CA ALA B 356 -2.97 8.73 -27.72
C ALA B 356 -3.71 8.35 -29.00
N LYS B 357 -4.22 7.11 -29.06
CA LYS B 357 -4.97 6.68 -30.23
C LYS B 357 -6.25 7.50 -30.41
N LEU B 358 -6.92 7.83 -29.29
CA LEU B 358 -8.16 8.60 -29.37
C LEU B 358 -7.92 9.99 -29.91
N GLU B 359 -6.84 10.64 -29.48
CA GLU B 359 -6.54 12.00 -29.93
C GLU B 359 -6.19 12.02 -31.41
N ASP B 360 -5.59 10.95 -31.93
CA ASP B 360 -5.23 10.92 -33.35
C ASP B 360 -6.44 10.86 -34.26
N ALA B 361 -7.61 10.50 -33.74
CA ALA B 361 -8.84 10.44 -34.51
C ALA B 361 -9.92 11.33 -33.92
N LYS B 362 -9.52 12.43 -33.29
CA LYS B 362 -10.50 13.33 -32.67
C LYS B 362 -11.43 13.94 -33.72
N GLU B 363 -10.89 14.29 -34.88
CA GLU B 363 -11.72 14.89 -35.93
C GLU B 363 -12.78 13.90 -36.42
N LEU B 364 -12.41 12.63 -36.56
CA LEU B 364 -13.36 11.63 -37.02
C LEU B 364 -14.43 11.34 -35.98
N LEU B 365 -14.03 11.30 -34.70
CA LEU B 365 -14.97 10.93 -33.64
C LEU B 365 -16.10 11.95 -33.51
N GLU B 366 -15.77 13.25 -33.61
CA GLU B 366 -16.78 14.28 -33.45
C GLU B 366 -17.73 14.38 -34.64
N SER B 367 -17.43 13.72 -35.75
CA SER B 367 -18.26 13.79 -36.95
C SER B 367 -19.45 12.85 -36.79
N SER B 368 -20.51 13.36 -36.16
CA SER B 368 -21.74 12.59 -35.98
C SER B 368 -22.62 12.57 -37.21
N ASP B 369 -22.36 13.43 -38.19
CA ASP B 369 -23.15 13.49 -39.41
C ASP B 369 -22.68 12.51 -40.48
N GLN B 370 -21.58 11.79 -40.23
CA GLN B 370 -21.10 10.82 -41.20
C GLN B 370 -22.10 9.69 -41.41
N ILE B 371 -22.70 9.22 -40.32
CA ILE B 371 -23.74 8.19 -40.43
C ILE B 371 -24.97 8.76 -41.13
N LEU B 372 -25.34 10.00 -40.81
CA LEU B 372 -26.48 10.63 -41.46
C LEU B 372 -26.23 10.83 -42.95
N ARG B 373 -25.00 11.23 -43.30
CA ARG B 373 -24.67 11.42 -44.72
C ARG B 373 -24.74 10.11 -45.49
N SER B 374 -24.26 9.03 -44.90
CA SER B 374 -24.28 7.72 -45.55
C SER B 374 -25.51 6.92 -45.12
N GLN C 24 17.02 -9.99 -27.02
CA GLN C 24 16.01 -9.69 -26.00
C GLN C 24 15.96 -8.19 -25.72
N ILE C 25 16.58 -7.76 -24.63
CA ILE C 25 16.56 -6.35 -24.26
C ILE C 25 17.49 -5.57 -25.18
N HIS C 26 16.96 -4.53 -25.80
CA HIS C 26 17.76 -3.65 -26.65
C HIS C 26 18.34 -2.56 -25.75
N TRP C 27 19.50 -2.87 -25.17
CA TRP C 27 20.17 -1.92 -24.30
C TRP C 27 20.57 -0.64 -25.03
N GLY C 28 20.85 -0.74 -26.33
CA GLY C 28 21.12 0.44 -27.14
C GLY C 28 20.04 1.49 -27.02
N ASN C 29 18.83 1.16 -27.48
CA ASN C 29 17.72 2.12 -27.46
C ASN C 29 17.33 2.55 -26.06
N LEU C 30 17.48 1.67 -25.07
CA LEU C 30 17.17 2.07 -23.70
C LEU C 30 18.09 3.16 -23.19
N SER C 31 19.35 3.16 -23.63
CA SER C 31 20.28 4.20 -23.20
C SER C 31 19.95 5.55 -23.83
N LYS C 32 19.31 5.54 -24.99
CA LYS C 32 18.96 6.79 -25.65
C LYS C 32 17.78 7.49 -25.00
N ILE C 33 17.00 6.80 -24.18
CA ILE C 33 15.94 7.42 -23.39
C ILE C 33 16.31 7.44 -21.91
N GLY C 34 17.58 7.27 -21.58
CA GLY C 34 18.08 7.41 -20.24
C GLY C 34 18.13 6.14 -19.42
N VAL C 35 17.60 5.03 -19.92
CA VAL C 35 17.54 3.79 -19.16
C VAL C 35 18.86 3.04 -19.32
N VAL C 36 19.44 2.64 -18.20
CA VAL C 36 20.70 1.90 -18.21
C VAL C 36 20.62 0.75 -17.22
N GLY C 37 21.26 -0.37 -17.57
CA GLY C 37 21.32 -1.50 -16.67
C GLY C 37 22.41 -1.31 -15.62
N ILE C 38 22.08 -1.63 -14.37
CA ILE C 38 22.99 -1.43 -13.25
C ILE C 38 23.30 -2.72 -12.52
N GLY C 39 22.68 -3.85 -12.87
CA GLY C 39 23.00 -5.10 -12.23
C GLY C 39 22.21 -6.28 -12.77
N SER C 40 22.89 -7.39 -13.03
CA SER C 40 22.25 -8.61 -13.50
C SER C 40 22.82 -9.80 -12.73
N ALA C 41 21.98 -10.79 -12.48
CA ALA C 41 22.39 -11.96 -11.72
C ALA C 41 21.44 -13.12 -12.02
N SER C 42 21.83 -14.30 -11.57
CA SER C 42 20.99 -15.48 -11.69
C SER C 42 19.94 -15.50 -10.58
N TYR C 43 18.84 -16.18 -10.87
CA TYR C 43 17.68 -16.23 -9.97
C TYR C 43 17.63 -17.58 -9.26
N LYS C 44 17.54 -17.55 -7.94
CA LYS C 44 17.49 -18.75 -7.12
C LYS C 44 16.24 -18.76 -6.26
N VAL C 45 15.59 -19.92 -6.18
CA VAL C 45 14.39 -20.12 -5.37
C VAL C 45 14.68 -21.22 -4.37
N MET C 46 14.25 -21.02 -3.13
CA MET C 46 14.47 -22.00 -2.07
C MET C 46 13.21 -22.82 -1.83
N THR C 47 13.41 -24.13 -1.66
CA THR C 47 12.35 -25.07 -1.38
C THR C 47 12.65 -25.80 -0.07
N ARG C 48 11.60 -26.27 0.58
CA ARG C 48 11.69 -26.93 1.88
C ARG C 48 11.68 -28.44 1.69
N SER C 49 12.72 -29.11 2.19
CA SER C 49 12.85 -30.56 2.05
C SER C 49 12.82 -31.27 3.40
N SER C 50 13.71 -30.91 4.32
CA SER C 50 13.80 -31.58 5.62
C SER C 50 13.09 -30.76 6.69
N HIS C 51 12.36 -31.45 7.55
CA HIS C 51 11.57 -30.83 8.60
C HIS C 51 12.07 -31.26 9.97
N GLN C 52 12.14 -30.30 10.89
CA GLN C 52 12.44 -30.55 12.29
C GLN C 52 11.21 -30.24 13.13
N SER C 53 11.27 -30.62 14.40
CA SER C 53 10.14 -30.48 15.31
C SER C 53 10.47 -29.45 16.38
N LEU C 54 9.65 -28.39 16.46
CA LEU C 54 9.77 -27.36 17.47
C LEU C 54 8.45 -27.28 18.21
N VAL C 55 8.50 -27.45 19.53
CA VAL C 55 7.30 -27.46 20.37
C VAL C 55 7.35 -26.25 21.30
N ILE C 56 6.22 -25.56 21.42
CA ILE C 56 6.10 -24.39 22.29
C ILE C 56 5.43 -24.86 23.57
N LYS C 57 6.22 -24.99 24.63
CA LYS C 57 5.72 -25.37 25.94
C LYS C 57 5.07 -24.15 26.58
N LEU C 58 3.73 -24.14 26.63
CA LEU C 58 3.02 -22.96 27.11
C LEU C 58 2.90 -22.87 28.62
N MET C 59 3.19 -23.95 29.35
CA MET C 59 3.06 -23.95 30.80
C MET C 59 4.43 -24.01 31.45
N PRO C 60 4.84 -22.98 32.18
CA PRO C 60 6.19 -22.96 32.74
C PRO C 60 6.33 -23.85 33.98
N ASN C 61 7.58 -24.08 34.36
CA ASN C 61 7.92 -24.84 35.55
C ASN C 61 7.99 -23.87 36.72
N ILE C 62 7.08 -24.00 37.67
CA ILE C 62 6.99 -23.10 38.81
C ILE C 62 7.12 -23.88 40.12
N THR C 63 7.85 -25.00 40.07
CA THR C 63 7.99 -25.82 41.27
C THR C 63 8.76 -25.08 42.35
N LEU C 64 9.79 -24.33 41.98
CA LEU C 64 10.63 -23.63 42.94
C LEU C 64 9.98 -22.34 43.46
N LEU C 65 8.82 -21.96 42.94
CA LEU C 65 8.14 -20.75 43.39
C LEU C 65 7.29 -20.98 44.64
N ASN C 66 7.10 -22.23 45.07
CA ASN C 66 6.35 -22.55 46.28
C ASN C 66 4.93 -21.96 46.24
N ASN C 67 4.15 -22.48 45.28
CA ASN C 67 2.72 -22.22 45.10
C ASN C 67 2.31 -20.77 45.31
N CYS C 68 3.16 -19.83 44.89
CA CYS C 68 2.90 -18.42 45.05
C CYS C 68 2.19 -17.81 43.85
N THR C 69 1.92 -18.59 42.81
CA THR C 69 1.31 -18.07 41.59
C THR C 69 0.10 -18.90 41.17
N ARG C 70 -0.58 -19.51 42.13
CA ARG C 70 -1.72 -20.36 41.81
C ARG C 70 -2.83 -19.58 41.12
N VAL C 71 -3.14 -18.38 41.63
CA VAL C 71 -4.21 -17.59 41.06
C VAL C 71 -3.85 -17.08 39.67
N GLU C 72 -2.60 -16.65 39.50
CA GLU C 72 -2.17 -16.11 38.21
C GLU C 72 -2.07 -17.21 37.15
N ILE C 73 -1.57 -18.39 37.54
CA ILE C 73 -1.44 -19.49 36.60
C ILE C 73 -2.81 -19.96 36.12
N ALA C 74 -3.77 -20.07 37.04
CA ALA C 74 -5.11 -20.52 36.66
C ALA C 74 -5.77 -19.55 35.69
N GLU C 75 -5.63 -18.25 35.92
CA GLU C 75 -6.15 -17.26 34.97
C GLU C 75 -5.41 -17.34 33.63
N TYR C 76 -4.13 -17.72 33.66
CA TYR C 76 -3.37 -17.90 32.43
C TYR C 76 -3.90 -19.08 31.63
N ARG C 77 -4.24 -20.18 32.30
CA ARG C 77 -4.71 -21.37 31.60
C ARG C 77 -6.04 -21.14 30.90
N ARG C 78 -6.99 -20.50 31.59
CA ARG C 78 -8.32 -20.31 31.00
C ARG C 78 -8.29 -19.41 29.78
N LEU C 79 -7.37 -18.44 29.75
CA LEU C 79 -7.22 -17.61 28.57
C LEU C 79 -6.64 -18.39 27.39
N LEU C 80 -5.72 -19.32 27.69
CA LEU C 80 -5.11 -20.13 26.63
C LEU C 80 -6.14 -21.04 25.97
N ARG C 81 -7.05 -21.62 26.76
CA ARG C 81 -8.03 -22.56 26.21
C ARG C 81 -8.95 -21.88 25.20
N THR C 82 -9.18 -20.58 25.34
CA THR C 82 -10.06 -19.88 24.41
C THR C 82 -9.49 -19.82 23.01
N VAL C 83 -8.16 -19.77 22.88
CA VAL C 83 -7.52 -19.65 21.58
C VAL C 83 -7.01 -21.01 21.10
N LEU C 84 -6.66 -21.89 22.06
CA LEU C 84 -6.10 -23.19 21.69
C LEU C 84 -7.17 -24.14 21.17
N GLU C 85 -8.37 -24.09 21.75
CA GLU C 85 -9.42 -25.03 21.38
C GLU C 85 -9.83 -24.93 19.91
N PRO C 86 -10.06 -23.75 19.32
CA PRO C 86 -10.40 -23.71 17.89
C PRO C 86 -9.31 -24.30 16.99
N ILE C 87 -8.04 -24.17 17.37
CA ILE C 87 -6.96 -24.71 16.54
C ILE C 87 -6.96 -26.23 16.60
N ARG C 88 -7.13 -26.80 17.80
CA ARG C 88 -7.11 -28.25 17.94
C ARG C 88 -8.27 -28.89 17.20
N ASP C 89 -9.45 -28.27 17.25
CA ASP C 89 -10.61 -28.82 16.56
C ASP C 89 -10.40 -28.83 15.05
N ALA C 90 -9.80 -27.76 14.50
CA ALA C 90 -9.54 -27.72 13.07
C ALA C 90 -8.56 -28.79 12.63
N LEU C 91 -7.52 -29.02 13.43
CA LEU C 91 -6.54 -30.06 13.12
C LEU C 91 -7.19 -31.44 13.13
N ASN C 92 -8.04 -31.70 14.13
CA ASN C 92 -8.68 -33.01 14.24
C ASN C 92 -9.62 -33.27 13.07
N ALA C 93 -10.37 -32.26 12.64
CA ALA C 93 -11.31 -32.45 11.54
C ALA C 93 -10.60 -32.77 10.24
N MET C 94 -9.46 -32.11 9.98
CA MET C 94 -8.75 -32.35 8.73
C MET C 94 -8.09 -33.74 8.71
N THR C 95 -7.48 -34.13 9.82
CA THR C 95 -6.81 -35.43 9.87
C THR C 95 -7.79 -36.60 9.92
N GLN C 96 -9.07 -36.33 10.15
CA GLN C 96 -10.08 -37.39 10.11
C GLN C 96 -10.40 -37.83 8.69
N ASN C 97 -10.23 -36.93 7.72
CA ASN C 97 -10.51 -37.24 6.31
C ASN C 97 -9.33 -37.90 5.61
N ILE C 98 -8.41 -38.49 6.37
CA ILE C 98 -7.23 -39.15 5.82
C ILE C 98 -7.44 -40.65 5.93
N ARG C 99 -7.36 -41.34 4.79
CA ARG C 99 -7.60 -42.77 4.73
C ARG C 99 -6.41 -43.50 4.12
N PRO C 100 -6.16 -44.74 4.54
CA PRO C 100 -5.10 -45.53 3.89
C PRO C 100 -5.46 -45.86 2.46
N VAL C 101 -4.42 -46.05 1.64
CA VAL C 101 -4.62 -46.31 0.23
C VAL C 101 -5.24 -47.70 0.06
N GLN C 102 -6.46 -47.74 -0.48
CA GLN C 102 -7.15 -48.99 -0.74
C GLN C 102 -6.96 -49.40 -2.20
N SER C 103 -5.73 -49.80 -2.51
CA SER C 103 -5.41 -50.22 -3.86
C SER C 103 -6.19 -51.48 -4.24
N VAL C 104 -6.68 -51.50 -5.48
CA VAL C 104 -7.50 -52.58 -6.05
C VAL C 104 -8.42 -53.25 -5.03
N GLY D 3 1.68 -43.95 2.49
CA GLY D 3 0.81 -43.24 1.57
C GLY D 3 -0.64 -43.26 2.00
N VAL D 4 -1.33 -42.12 1.82
CA VAL D 4 -2.74 -41.99 2.17
C VAL D 4 -3.49 -41.29 1.05
N VAL D 5 -4.81 -41.44 1.07
CA VAL D 5 -5.70 -40.82 0.10
C VAL D 5 -6.70 -39.96 0.85
N LEU D 6 -6.95 -38.76 0.33
CA LEU D 6 -7.92 -37.85 0.93
C LEU D 6 -9.32 -38.19 0.46
N ALA D 7 -10.20 -38.50 1.40
CA ALA D 7 -11.58 -38.86 1.09
C ALA D 7 -12.39 -37.58 0.96
N GLY D 8 -12.67 -37.18 -0.28
CA GLY D 8 -13.36 -35.94 -0.55
C GLY D 8 -14.86 -36.05 -0.38
N ALA D 9 -15.32 -36.36 0.83
CA ALA D 9 -16.72 -36.69 1.06
C ALA D 9 -17.25 -35.91 2.25
N ALA D 10 -16.49 -35.88 3.34
CA ALA D 10 -16.81 -35.09 4.51
C ALA D 10 -16.30 -33.65 4.40
N LEU D 11 -15.72 -33.27 3.26
CA LEU D 11 -15.20 -31.93 3.06
C LEU D 11 -16.13 -31.12 2.15
N GLY D 12 -16.19 -29.83 2.42
CA GLY D 12 -16.79 -28.88 1.51
C GLY D 12 -15.85 -28.50 0.38
N VAL D 13 -16.13 -27.36 -0.25
CA VAL D 13 -15.19 -26.70 -1.13
C VAL D 13 -13.85 -26.53 -0.42
N ALA D 14 -12.81 -27.14 -0.97
CA ALA D 14 -11.45 -27.02 -0.46
C ALA D 14 -10.49 -26.72 -1.59
N THR D 15 -9.52 -25.85 -1.33
CA THR D 15 -8.56 -25.42 -2.33
C THR D 15 -7.37 -26.37 -2.37
N ALA D 16 -6.54 -26.21 -3.41
CA ALA D 16 -5.34 -27.03 -3.55
C ALA D 16 -4.40 -26.83 -2.36
N ALA D 17 -4.27 -25.60 -1.89
CA ALA D 17 -3.42 -25.33 -0.73
C ALA D 17 -3.93 -26.04 0.52
N GLN D 18 -5.25 -26.03 0.71
CA GLN D 18 -5.83 -26.73 1.86
C GLN D 18 -5.74 -28.23 1.70
N ILE D 19 -5.92 -28.73 0.47
CA ILE D 19 -5.82 -30.17 0.22
C ILE D 19 -4.39 -30.64 0.40
N THR D 20 -3.43 -29.92 -0.18
CA THR D 20 -2.03 -30.32 -0.07
C THR D 20 -1.53 -30.25 1.36
N ALA D 21 -1.89 -29.19 2.09
CA ALA D 21 -1.44 -29.05 3.46
C ALA D 21 -2.13 -30.04 4.39
N GLY D 22 -3.37 -30.43 4.09
CA GLY D 22 -4.06 -31.39 4.91
C GLY D 22 -3.42 -32.77 4.87
N ILE D 23 -3.07 -33.24 3.67
CA ILE D 23 -2.41 -34.53 3.54
C ILE D 23 -0.99 -34.47 4.09
N ALA D 24 -0.29 -33.37 3.84
CA ALA D 24 1.06 -33.21 4.39
C ALA D 24 1.06 -33.22 5.92
N LEU D 25 -0.08 -32.97 6.55
CA LEU D 25 -0.14 -33.03 8.00
C LEU D 25 -0.06 -34.46 8.51
N HIS D 26 -0.53 -35.43 7.72
CA HIS D 26 -0.45 -36.83 8.13
C HIS D 26 1.00 -37.29 8.28
N GLN D 27 1.84 -36.92 7.31
CA GLN D 27 3.25 -37.31 7.38
C GLN D 27 3.97 -36.57 8.52
N SER D 28 3.63 -35.30 8.73
CA SER D 28 4.33 -34.49 9.73
C SER D 28 3.91 -34.83 11.16
N MET D 29 2.64 -35.15 11.36
CA MET D 29 2.12 -35.33 12.71
C MET D 29 2.69 -36.59 13.36
N LEU D 30 2.87 -36.52 14.68
CA LEU D 30 3.37 -37.64 15.45
C LEU D 30 2.21 -38.55 15.86
N ASN D 31 2.52 -39.83 16.02
CA ASN D 31 1.51 -40.79 16.46
C ASN D 31 1.22 -40.59 17.94
N SER D 32 0.15 -41.24 18.40
CA SER D 32 -0.32 -41.05 19.77
C SER D 32 0.69 -41.49 20.82
N GLN D 33 1.62 -42.40 20.46
CA GLN D 33 2.64 -42.81 21.41
C GLN D 33 3.69 -41.72 21.59
N ALA D 34 4.10 -41.08 20.49
CA ALA D 34 5.10 -40.01 20.58
C ALA D 34 4.58 -38.83 21.39
N ILE D 35 3.30 -38.49 21.22
CA ILE D 35 2.70 -37.41 21.99
C ILE D 35 2.72 -37.75 23.48
N ASP D 36 2.43 -39.00 23.82
CA ASP D 36 2.47 -39.43 25.22
C ASP D 36 3.89 -39.34 25.78
N ASN D 37 4.88 -39.73 24.99
CA ASN D 37 6.26 -39.61 25.43
C ASN D 37 6.69 -38.14 25.51
N LEU D 38 6.24 -37.32 24.56
CA LEU D 38 6.58 -35.91 24.58
C LEU D 38 5.99 -35.21 25.79
N ARG D 39 4.76 -35.57 26.16
CA ARG D 39 4.11 -34.96 27.32
C ARG D 39 4.88 -35.25 28.60
N ALA D 40 5.39 -36.47 28.75
CA ALA D 40 6.15 -36.81 29.95
C ALA D 40 7.47 -36.05 30.01
N SER D 41 8.13 -35.89 28.86
CA SER D 41 9.42 -35.18 28.83
C SER D 41 9.23 -33.69 29.11
N LEU D 42 8.16 -33.10 28.58
CA LEU D 42 7.92 -31.67 28.80
C LEU D 42 7.67 -31.37 30.26
N GLU D 43 7.05 -32.30 30.99
CA GLU D 43 6.76 -32.06 32.40
C GLU D 43 8.04 -31.92 33.23
N THR D 44 9.10 -32.61 32.84
CA THR D 44 10.36 -32.56 33.57
C THR D 44 11.31 -31.49 33.06
N THR D 45 10.96 -30.78 31.99
CA THR D 45 11.82 -29.71 31.47
C THR D 45 11.85 -28.54 32.44
N ASN D 46 13.05 -27.98 32.64
CA ASN D 46 13.26 -26.87 33.56
C ASN D 46 13.88 -25.65 32.92
N GLN D 47 14.46 -25.76 31.73
CA GLN D 47 15.16 -24.66 31.10
C GLN D 47 14.31 -24.01 30.02
N ALA D 48 14.73 -22.80 29.61
CA ALA D 48 14.00 -22.06 28.59
C ALA D 48 14.01 -22.80 27.26
N ILE D 49 15.16 -23.35 26.86
CA ILE D 49 15.29 -24.11 25.64
C ILE D 49 15.96 -25.44 25.96
N GLU D 50 15.33 -26.54 25.57
CA GLU D 50 15.90 -27.87 25.73
C GLU D 50 15.59 -28.71 24.51
N ALA D 51 16.42 -29.73 24.31
CA ALA D 51 16.25 -30.68 23.22
C ALA D 51 15.81 -32.02 23.80
N ILE D 52 14.74 -32.59 23.24
CA ILE D 52 14.22 -33.87 23.69
C ILE D 52 14.79 -34.96 22.82
N ARG D 53 15.41 -35.95 23.45
CA ARG D 53 16.11 -37.03 22.75
C ARG D 53 15.29 -38.31 22.81
N GLN D 54 15.03 -38.90 21.65
CA GLN D 54 14.35 -40.18 21.56
C GLN D 54 14.80 -40.89 20.29
N ALA D 55 14.79 -42.22 20.33
CA ALA D 55 15.25 -43.03 19.20
C ALA D 55 14.18 -43.22 18.13
N GLY D 56 12.92 -42.91 18.42
CA GLY D 56 11.86 -43.10 17.45
C GLY D 56 11.87 -42.10 16.32
N GLN D 57 12.49 -40.94 16.52
CA GLN D 57 12.53 -39.89 15.52
C GLN D 57 13.72 -38.99 15.83
N GLY D 58 13.77 -37.83 15.18
CA GLY D 58 14.80 -36.85 15.45
C GLY D 58 14.55 -36.10 16.75
N MET D 59 15.51 -35.25 17.09
CA MET D 59 15.38 -34.45 18.30
C MET D 59 14.24 -33.44 18.18
N ILE D 60 13.61 -33.15 19.31
CA ILE D 60 12.55 -32.15 19.39
C ILE D 60 13.02 -31.07 20.35
N LEU D 61 13.02 -29.82 19.89
CA LEU D 61 13.46 -28.69 20.69
C LEU D 61 12.26 -28.12 21.44
N ALA D 62 12.39 -28.02 22.76
CA ALA D 62 11.34 -27.50 23.62
C ALA D 62 11.72 -26.10 24.09
N VAL D 63 10.87 -25.12 23.80
CA VAL D 63 11.09 -23.74 24.18
C VAL D 63 9.91 -23.27 25.02
N GLN D 64 10.18 -22.60 26.12
CA GLN D 64 9.13 -22.02 26.95
C GLN D 64 9.46 -20.54 27.12
N GLY D 65 8.48 -19.68 26.87
CA GLY D 65 8.72 -18.26 26.72
C GLY D 65 8.86 -17.44 27.99
N VAL D 66 8.72 -18.04 29.17
CA VAL D 66 8.72 -17.26 30.41
C VAL D 66 9.78 -17.80 31.37
N GLN D 67 10.30 -19.00 31.10
CA GLN D 67 11.19 -19.66 32.05
C GLN D 67 12.47 -18.87 32.30
N ASP D 68 12.92 -18.09 31.32
CA ASP D 68 14.11 -17.25 31.53
C ASP D 68 13.87 -16.25 32.65
N TYR D 69 12.70 -15.61 32.66
CA TYR D 69 12.38 -14.66 33.72
C TYR D 69 12.31 -15.35 35.08
N ILE D 70 11.75 -16.56 35.13
CA ILE D 70 11.56 -17.24 36.41
C ILE D 70 12.89 -17.62 37.02
N ASN D 71 13.79 -18.21 36.24
CA ASN D 71 15.05 -18.68 36.79
C ASN D 71 16.03 -17.54 37.07
N ASN D 72 16.00 -16.49 36.24
CA ASN D 72 16.95 -15.40 36.37
C ASN D 72 16.49 -14.32 37.34
N GLU D 73 15.19 -14.04 37.38
CA GLU D 73 14.66 -12.94 38.17
C GLU D 73 13.88 -13.41 39.41
N LEU D 74 12.92 -14.32 39.23
CA LEU D 74 12.01 -14.65 40.32
C LEU D 74 12.66 -15.57 41.35
N ILE D 75 13.19 -16.72 40.91
CA ILE D 75 13.72 -17.70 41.85
C ILE D 75 14.85 -17.15 42.72
N PRO D 76 15.85 -16.44 42.17
CA PRO D 76 16.89 -15.89 43.06
C PRO D 76 16.35 -14.93 44.11
N SER D 77 15.32 -14.15 43.77
CA SER D 77 14.76 -13.18 44.69
C SER D 77 13.49 -13.74 45.33
N MET D 78 13.69 -14.67 46.26
CA MET D 78 12.58 -15.22 47.03
C MET D 78 12.84 -15.30 48.52
N ASN D 79 14.07 -15.11 48.97
CA ASN D 79 14.36 -15.06 50.40
C ASN D 79 14.02 -13.71 51.00
N GLN D 80 13.78 -12.68 50.18
CA GLN D 80 13.46 -11.35 50.65
C GLN D 80 12.13 -10.80 50.15
N LEU D 81 11.61 -11.30 49.04
CA LEU D 81 10.32 -10.83 48.55
C LEU D 81 9.18 -11.66 49.13
N SER D 82 8.04 -11.02 49.30
CA SER D 82 6.85 -11.68 49.83
C SER D 82 6.20 -12.54 48.76
N CYS D 83 5.36 -13.47 49.20
CA CYS D 83 4.69 -14.38 48.27
C CYS D 83 3.73 -13.61 47.36
N ASP D 84 3.06 -12.59 47.90
CA ASP D 84 2.11 -11.83 47.09
C ASP D 84 2.81 -11.09 45.96
N LEU D 85 3.97 -10.52 46.23
CA LEU D 85 4.68 -9.77 45.19
C LEU D 85 5.22 -10.69 44.10
N ILE D 86 5.60 -11.91 44.45
CA ILE D 86 6.11 -12.86 43.45
C ILE D 86 5.03 -13.16 42.42
N GLY D 87 3.79 -13.37 42.88
CA GLY D 87 2.72 -13.68 41.95
C GLY D 87 2.39 -12.53 41.02
N GLN D 88 2.41 -11.30 41.54
CA GLN D 88 2.10 -10.14 40.72
C GLN D 88 3.12 -9.95 39.60
N LYS D 89 4.41 -10.12 39.93
CA LYS D 89 5.47 -9.99 38.93
C LYS D 89 5.33 -11.05 37.84
N LEU D 90 5.02 -12.29 38.23
CA LEU D 90 4.82 -13.33 37.22
C LEU D 90 3.54 -13.10 36.44
N GLY D 91 2.52 -12.54 37.08
CA GLY D 91 1.25 -12.36 36.39
C GLY D 91 1.35 -11.38 35.26
N LEU D 92 2.19 -10.36 35.40
CA LEU D 92 2.37 -9.36 34.36
C LEU D 92 2.97 -9.98 33.11
N LYS D 93 3.98 -10.85 33.29
CA LYS D 93 4.64 -11.51 32.18
C LYS D 93 3.71 -12.51 31.50
N LEU D 94 2.95 -13.28 32.29
CA LEU D 94 2.03 -14.26 31.73
C LEU D 94 0.95 -13.61 30.87
N LEU D 95 0.57 -12.37 31.18
CA LEU D 95 -0.51 -11.73 30.46
C LEU D 95 -0.02 -11.08 29.18
N ARG D 96 1.26 -10.70 29.13
CA ARG D 96 1.83 -10.16 27.89
C ARG D 96 2.20 -11.29 26.94
N TYR D 97 2.60 -12.45 27.49
CA TYR D 97 2.83 -13.62 26.67
C TYR D 97 1.55 -14.09 26.00
N TYR D 98 0.45 -14.10 26.74
CA TYR D 98 -0.85 -14.45 26.17
C TYR D 98 -1.20 -13.56 24.99
N THR D 99 -0.95 -12.26 25.09
CA THR D 99 -1.34 -11.35 24.02
C THR D 99 -0.54 -11.63 22.75
N GLU D 100 0.67 -12.13 22.91
CA GLU D 100 1.49 -12.55 21.78
C GLU D 100 0.93 -13.81 21.12
N ILE D 101 0.51 -14.77 21.94
CA ILE D 101 -0.10 -16.00 21.42
C ILE D 101 -1.47 -15.70 20.83
N LEU D 102 -2.20 -14.76 21.42
CA LEU D 102 -3.48 -14.37 20.85
C LEU D 102 -3.30 -13.66 19.51
N SER D 103 -2.29 -12.79 19.41
CA SER D 103 -2.05 -12.08 18.17
C SER D 103 -1.49 -12.99 17.08
N LEU D 104 -0.98 -14.16 17.45
CA LEU D 104 -0.33 -15.08 16.52
C LEU D 104 -1.22 -16.24 16.11
N PHE D 105 -1.77 -16.97 17.08
CA PHE D 105 -2.61 -18.13 16.82
C PHE D 105 -4.09 -17.83 17.00
N GLY D 106 -4.48 -16.57 17.10
CA GLY D 106 -5.84 -16.21 17.41
C GLY D 106 -6.73 -16.12 16.17
N PRO D 107 -7.84 -15.39 16.30
CA PRO D 107 -8.77 -15.27 15.17
C PRO D 107 -8.18 -14.59 13.95
N SER D 108 -7.09 -13.85 14.10
CA SER D 108 -6.43 -13.26 12.94
C SER D 108 -5.89 -14.35 12.00
N LEU D 109 -5.59 -15.53 12.54
CA LEU D 109 -5.16 -16.68 11.74
C LEU D 109 -6.41 -17.45 11.32
N ARG D 110 -6.89 -17.18 10.11
CA ARG D 110 -8.17 -17.75 9.68
C ARG D 110 -8.03 -19.24 9.35
N ASP D 111 -6.94 -19.64 8.71
CA ASP D 111 -6.74 -21.02 8.25
C ASP D 111 -5.46 -21.56 8.86
N PRO D 112 -5.52 -22.16 10.04
CA PRO D 112 -4.30 -22.72 10.65
C PRO D 112 -3.70 -23.88 9.88
N ILE D 113 -4.49 -24.57 9.05
CA ILE D 113 -3.97 -25.73 8.33
C ILE D 113 -2.94 -25.30 7.30
N SER D 114 -3.25 -24.27 6.51
CA SER D 114 -2.39 -23.81 5.44
C SER D 114 -1.56 -22.58 5.84
N ALA D 115 -1.20 -22.47 7.11
CA ALA D 115 -0.50 -21.31 7.63
C ALA D 115 0.98 -21.62 7.79
N GLU D 116 1.83 -20.80 7.18
CA GLU D 116 3.27 -20.87 7.33
C GLU D 116 3.74 -19.63 8.07
N ILE D 117 4.34 -19.82 9.23
CA ILE D 117 4.76 -18.72 10.10
C ILE D 117 6.28 -18.65 10.07
N SER D 118 6.80 -17.47 9.75
CA SER D 118 8.24 -17.29 9.73
C SER D 118 8.80 -17.33 11.15
N ILE D 119 10.08 -17.68 11.24
CA ILE D 119 10.74 -17.74 12.55
C ILE D 119 10.78 -16.37 13.21
N GLN D 120 10.77 -15.30 12.41
CA GLN D 120 10.76 -13.95 12.98
C GLN D 120 9.45 -13.65 13.67
N ALA D 121 8.32 -14.05 13.07
CA ALA D 121 7.02 -13.80 13.67
C ALA D 121 6.83 -14.56 14.97
N LEU D 122 7.58 -15.63 15.19
CA LEU D 122 7.50 -16.43 16.39
C LEU D 122 8.47 -15.97 17.47
N SER D 123 9.16 -14.84 17.26
CA SER D 123 10.29 -14.48 18.10
C SER D 123 9.89 -14.29 19.56
N TYR D 124 8.79 -13.57 19.80
CA TYR D 124 8.36 -13.36 21.18
C TYR D 124 7.87 -14.65 21.81
N ALA D 125 7.19 -15.49 21.02
CA ALA D 125 6.71 -16.77 21.52
C ALA D 125 7.84 -17.73 21.82
N LEU D 126 9.01 -17.53 21.23
CA LEU D 126 10.17 -18.36 21.49
C LEU D 126 10.97 -17.88 22.69
N GLY D 127 10.57 -16.78 23.31
CA GLY D 127 11.29 -16.19 24.43
C GLY D 127 11.85 -14.81 24.17
N GLY D 128 11.73 -14.27 22.96
CA GLY D 128 12.21 -12.94 22.67
C GLY D 128 13.26 -12.90 21.58
N ASP D 129 14.13 -13.91 21.56
CA ASP D 129 15.26 -13.96 20.64
C ASP D 129 15.27 -15.31 19.93
N ILE D 130 15.57 -15.30 18.63
CA ILE D 130 15.61 -16.51 17.83
C ILE D 130 17.02 -16.97 17.52
N ASN D 131 18.03 -16.20 17.91
CA ASN D 131 19.42 -16.57 17.59
C ASN D 131 19.83 -17.86 18.27
N LYS D 132 19.48 -18.03 19.54
CA LYS D 132 19.82 -19.25 20.26
C LYS D 132 18.96 -20.43 19.84
N VAL D 133 17.76 -20.19 19.32
CA VAL D 133 16.94 -21.27 18.79
C VAL D 133 17.54 -21.80 17.50
N LEU D 134 18.04 -20.91 16.65
CA LEU D 134 18.57 -21.32 15.35
C LEU D 134 19.80 -22.19 15.49
N GLU D 135 20.65 -21.90 16.49
CA GLU D 135 21.87 -22.69 16.63
C GLU D 135 21.59 -24.09 17.16
N LYS D 136 20.57 -24.25 18.00
CA LYS D 136 20.22 -25.58 18.49
C LYS D 136 19.45 -26.39 17.46
N LEU D 137 18.90 -25.75 16.44
CA LEU D 137 18.31 -26.47 15.32
C LEU D 137 19.35 -26.86 14.28
N GLY D 138 20.61 -26.46 14.47
CA GLY D 138 21.63 -26.72 13.47
C GLY D 138 21.58 -25.81 12.27
N TYR D 139 20.85 -24.69 12.36
CA TYR D 139 20.66 -23.79 11.23
C TYR D 139 21.82 -22.80 11.20
N SER D 140 22.75 -23.00 10.27
CA SER D 140 23.89 -22.11 10.12
C SER D 140 24.39 -22.24 8.68
N GLY D 141 25.47 -21.53 8.39
CA GLY D 141 26.06 -21.52 7.07
C GLY D 141 26.34 -20.11 6.60
N GLY D 142 26.86 -20.02 5.37
CA GLY D 142 27.18 -18.73 4.80
C GLY D 142 25.99 -17.95 4.30
N ASP D 143 24.88 -18.63 4.02
CA ASP D 143 23.68 -17.97 3.50
C ASP D 143 22.55 -17.93 4.53
N LEU D 144 22.88 -18.02 5.82
CA LEU D 144 21.86 -17.90 6.85
C LEU D 144 21.23 -16.51 6.84
N LEU D 145 22.06 -15.47 6.72
CA LEU D 145 21.55 -14.11 6.77
C LEU D 145 20.64 -13.81 5.58
N GLY D 146 21.01 -14.28 4.38
CA GLY D 146 20.16 -14.08 3.23
C GLY D 146 18.84 -14.82 3.32
N ILE D 147 18.88 -16.06 3.80
CA ILE D 147 17.66 -16.82 4.01
C ILE D 147 16.82 -16.18 5.11
N LEU D 148 17.46 -15.77 6.21
CA LEU D 148 16.74 -15.19 7.34
C LEU D 148 16.12 -13.85 6.97
N GLU D 149 16.79 -13.06 6.14
CA GLU D 149 16.25 -11.77 5.74
C GLU D 149 15.11 -11.91 4.74
N SER D 150 15.06 -13.02 3.99
CA SER D 150 13.98 -13.28 3.06
C SER D 150 12.81 -14.01 3.71
N ARG D 151 12.89 -14.26 5.02
CA ARG D 151 11.87 -15.03 5.75
C ARG D 151 11.68 -16.41 5.13
N GLY D 152 12.80 -17.09 4.90
CA GLY D 152 12.79 -18.39 4.27
C GLY D 152 12.57 -19.55 5.23
N ILE D 153 12.79 -19.32 6.51
CA ILE D 153 12.59 -20.32 7.54
C ILE D 153 11.17 -20.16 8.07
N LYS D 154 10.31 -21.14 7.78
CA LYS D 154 8.90 -21.06 8.13
C LYS D 154 8.49 -22.32 8.86
N ALA D 155 7.41 -22.22 9.64
CA ALA D 155 6.91 -23.31 10.45
C ALA D 155 5.45 -23.57 10.14
N ARG D 156 5.04 -24.82 10.27
CA ARG D 156 3.66 -25.25 10.07
C ARG D 156 3.11 -25.77 11.39
N ILE D 157 1.80 -25.59 11.59
CA ILE D 157 1.14 -26.09 12.78
C ILE D 157 0.89 -27.58 12.60
N THR D 158 1.30 -28.38 13.58
CA THR D 158 1.23 -29.83 13.51
C THR D 158 0.30 -30.43 14.55
N HIS D 159 0.46 -30.09 15.83
CA HIS D 159 -0.35 -30.67 16.88
C HIS D 159 -0.57 -29.63 17.97
N VAL D 160 -1.79 -29.60 18.49
CA VAL D 160 -2.16 -28.72 19.59
C VAL D 160 -2.74 -29.57 20.69
N ASP D 161 -2.14 -29.51 21.87
CA ASP D 161 -2.56 -30.30 23.02
C ASP D 161 -3.16 -29.36 24.06
N THR D 162 -4.46 -29.48 24.29
CA THR D 162 -5.12 -28.65 25.29
C THR D 162 -4.99 -29.21 26.70
N GLU D 163 -4.65 -30.50 26.84
CA GLU D 163 -4.48 -31.08 28.16
C GLU D 163 -3.19 -30.59 28.82
N SER D 164 -2.09 -30.57 28.06
CA SER D 164 -0.79 -30.15 28.59
C SER D 164 -0.37 -28.78 28.08
N TYR D 165 -1.17 -28.15 27.22
CA TYR D 165 -0.92 -26.78 26.76
C TYR D 165 0.44 -26.66 26.06
N PHE D 166 0.54 -27.31 24.91
CA PHE D 166 1.72 -27.11 24.06
C PHE D 166 1.32 -27.21 22.60
N ILE D 167 2.09 -26.54 21.76
CA ILE D 167 1.88 -26.50 20.31
C ILE D 167 3.10 -27.10 19.65
N VAL D 168 2.89 -28.06 18.74
CA VAL D 168 3.97 -28.70 18.00
C VAL D 168 4.01 -28.13 16.60
N LEU D 169 5.21 -27.74 16.16
CA LEU D 169 5.41 -27.11 14.88
C LEU D 169 6.47 -27.87 14.09
N SER D 170 6.36 -27.81 12.77
CA SER D 170 7.34 -28.40 11.86
C SER D 170 8.08 -27.27 11.16
N ILE D 171 9.35 -27.09 11.51
CA ILE D 171 10.16 -26.00 11.00
C ILE D 171 11.20 -26.56 10.03
N ALA D 172 11.37 -25.91 8.90
CA ALA D 172 12.22 -26.41 7.83
C ALA D 172 13.24 -25.36 7.41
N TYR D 173 14.48 -25.81 7.18
CA TYR D 173 15.52 -24.96 6.63
C TYR D 173 15.56 -25.14 5.12
N PRO D 174 15.33 -24.09 4.34
CA PRO D 174 15.22 -24.25 2.88
C PRO D 174 16.56 -24.54 2.23
N THR D 175 16.48 -25.11 1.03
CA THR D 175 17.64 -25.37 0.19
C THR D 175 17.52 -24.55 -1.08
N LEU D 176 18.58 -23.86 -1.45
CA LEU D 176 18.57 -22.94 -2.58
C LEU D 176 18.87 -23.68 -3.87
N SER D 177 18.05 -23.46 -4.89
CA SER D 177 18.25 -24.03 -6.21
C SER D 177 18.15 -22.93 -7.26
N GLU D 178 19.13 -22.88 -8.15
CA GLU D 178 19.18 -21.83 -9.17
C GLU D 178 18.25 -22.17 -10.33
N ILE D 179 17.46 -21.20 -10.76
CA ILE D 179 16.51 -21.38 -11.85
C ILE D 179 17.24 -21.15 -13.17
N LYS D 180 17.22 -22.15 -14.04
CA LYS D 180 17.97 -22.09 -15.30
C LYS D 180 17.29 -21.16 -16.30
N GLY D 181 18.08 -20.31 -16.93
CA GLY D 181 17.60 -19.47 -18.02
C GLY D 181 16.93 -18.18 -17.61
N VAL D 182 16.96 -17.82 -16.33
CA VAL D 182 16.30 -16.61 -15.82
C VAL D 182 17.36 -15.64 -15.36
N ILE D 183 17.30 -14.41 -15.87
CA ILE D 183 18.22 -13.34 -15.52
C ILE D 183 17.42 -12.18 -14.95
N VAL D 184 17.84 -11.66 -13.80
CA VAL D 184 17.19 -10.54 -13.15
C VAL D 184 18.01 -9.29 -13.39
N HIS D 185 17.42 -8.31 -14.08
CA HIS D 185 18.09 -7.06 -14.42
C HIS D 185 17.56 -5.93 -13.54
N ARG D 186 18.48 -5.14 -13.00
CA ARG D 186 18.13 -3.92 -12.27
C ARG D 186 18.36 -2.72 -13.18
N LEU D 187 17.32 -1.91 -13.36
CA LEU D 187 17.34 -0.79 -14.30
C LEU D 187 17.48 0.52 -13.55
N GLU D 188 18.22 1.46 -14.16
CA GLU D 188 18.33 2.82 -13.67
C GLU D 188 18.04 3.77 -14.82
N GLY D 189 17.66 4.99 -14.48
CA GLY D 189 17.29 5.96 -15.49
C GLY D 189 17.67 7.37 -15.11
N VAL D 190 17.75 8.23 -16.11
CA VAL D 190 17.98 9.66 -15.94
C VAL D 190 16.92 10.40 -16.72
N SER D 191 16.72 11.67 -16.36
CA SER D 191 15.73 12.49 -17.03
C SER D 191 16.28 13.05 -18.34
N TYR D 192 15.40 13.62 -19.14
CA TYR D 192 15.78 14.27 -20.38
C TYR D 192 14.80 15.41 -20.65
N ASN D 193 15.27 16.42 -21.37
CA ASN D 193 14.51 17.65 -21.58
C ASN D 193 13.99 17.71 -23.01
N ILE D 194 12.71 18.00 -23.14
CA ILE D 194 12.09 18.29 -24.43
C ILE D 194 11.76 19.79 -24.40
N GLY D 195 12.63 20.58 -25.00
CA GLY D 195 12.52 22.03 -24.88
C GLY D 195 12.84 22.46 -23.47
N SER D 196 11.82 22.90 -22.73
CA SER D 196 11.99 23.33 -21.35
C SER D 196 11.37 22.36 -20.34
N GLN D 197 10.75 21.29 -20.79
CA GLN D 197 10.10 20.32 -19.92
C GLN D 197 11.02 19.12 -19.70
N GLU D 198 11.22 18.76 -18.44
CA GLU D 198 12.05 17.61 -18.08
C GLU D 198 11.16 16.37 -17.98
N TRP D 199 11.49 15.35 -18.77
CA TRP D 199 10.72 14.12 -18.82
C TRP D 199 11.52 12.95 -18.26
N TYR D 200 10.87 11.79 -18.20
CA TYR D 200 11.42 10.62 -17.56
C TYR D 200 10.69 9.40 -18.12
N THR D 201 11.42 8.31 -18.35
CA THR D 201 10.85 7.11 -18.93
C THR D 201 10.42 6.17 -17.81
N THR D 202 9.17 5.70 -17.88
CA THR D 202 8.58 4.84 -16.86
C THR D 202 8.89 3.39 -17.21
N VAL D 203 9.83 2.80 -16.48
CA VAL D 203 10.21 1.41 -16.67
C VAL D 203 10.23 0.71 -15.32
N PRO D 204 10.03 -0.60 -15.26
CA PRO D 204 10.12 -1.29 -13.96
C PRO D 204 11.52 -1.21 -13.39
N LYS D 205 11.60 -1.21 -12.06
CA LYS D 205 12.89 -1.18 -11.40
C LYS D 205 13.64 -2.50 -11.60
N TYR D 206 12.92 -3.62 -11.63
CA TYR D 206 13.49 -4.95 -11.84
C TYR D 206 12.77 -5.62 -13.00
N VAL D 207 13.54 -6.30 -13.83
CA VAL D 207 13.02 -6.99 -15.01
C VAL D 207 13.68 -8.37 -15.09
N ALA D 208 12.88 -9.40 -15.33
CA ALA D 208 13.37 -10.75 -15.50
C ALA D 208 13.41 -11.10 -16.98
N THR D 209 14.40 -11.92 -17.35
CA THR D 209 14.61 -12.31 -18.74
C THR D 209 14.75 -13.82 -18.83
N GLN D 210 14.00 -14.43 -19.75
CA GLN D 210 14.08 -15.87 -20.00
C GLN D 210 13.91 -16.08 -21.51
N GLY D 211 15.04 -16.16 -22.21
CA GLY D 211 15.02 -16.31 -23.65
C GLY D 211 14.45 -15.10 -24.35
N TYR D 212 13.37 -15.30 -25.11
CA TYR D 212 12.69 -14.21 -25.81
C TYR D 212 11.60 -13.57 -24.96
N LEU D 213 11.30 -14.11 -23.78
CA LEU D 213 10.21 -13.62 -22.95
C LEU D 213 10.75 -12.67 -21.89
N ILE D 214 10.10 -11.52 -21.75
CA ILE D 214 10.39 -10.54 -20.72
C ILE D 214 9.23 -10.55 -19.73
N SER D 215 9.55 -10.60 -18.44
CA SER D 215 8.54 -10.63 -17.40
C SER D 215 8.92 -9.66 -16.28
N ASN D 216 7.94 -9.34 -15.45
CA ASN D 216 8.16 -8.48 -14.30
C ASN D 216 8.84 -9.26 -13.18
N PHE D 217 9.26 -8.53 -12.15
CA PHE D 217 9.93 -9.11 -11.01
C PHE D 217 9.42 -8.44 -9.74
N ASP D 218 9.16 -9.23 -8.70
CA ASP D 218 8.64 -8.72 -7.43
C ASP D 218 9.72 -8.93 -6.37
N GLU D 219 10.42 -7.85 -6.00
CA GLU D 219 11.52 -7.91 -5.06
C GLU D 219 11.07 -7.85 -3.61
N SER D 220 9.79 -8.10 -3.33
CA SER D 220 9.30 -8.01 -1.96
C SER D 220 9.95 -9.05 -1.04
N SER D 221 10.09 -10.28 -1.53
CA SER D 221 10.66 -11.37 -0.74
C SER D 221 12.07 -11.72 -1.16
N CYS D 222 12.71 -10.90 -1.98
CA CYS D 222 14.00 -11.21 -2.57
C CYS D 222 15.11 -10.42 -1.90
N THR D 223 16.21 -11.10 -1.61
CA THR D 223 17.42 -10.49 -1.08
C THR D 223 18.51 -10.58 -2.13
N PHE D 224 19.05 -9.44 -2.53
CA PHE D 224 20.11 -9.40 -3.53
C PHE D 224 21.46 -9.46 -2.83
N MET D 225 21.72 -10.64 -2.26
CA MET D 225 22.94 -10.88 -1.52
C MET D 225 24.15 -10.85 -2.46
N PRO D 226 25.35 -10.58 -1.92
CA PRO D 226 26.55 -10.62 -2.77
C PRO D 226 26.74 -11.95 -3.48
N GLU D 227 26.41 -13.05 -2.81
CA GLU D 227 26.49 -14.36 -3.46
C GLU D 227 25.50 -14.47 -4.62
N GLY D 228 24.28 -13.98 -4.42
CA GLY D 228 23.27 -14.04 -5.46
C GLY D 228 21.92 -13.59 -4.93
N THR D 229 20.92 -13.73 -5.78
CA THR D 229 19.55 -13.34 -5.44
C THR D 229 18.79 -14.54 -4.90
N VAL D 230 18.37 -14.46 -3.64
CA VAL D 230 17.62 -15.52 -2.98
C VAL D 230 16.22 -15.00 -2.70
N CYS D 231 15.20 -15.76 -3.08
CA CYS D 231 13.81 -15.34 -2.94
C CYS D 231 12.99 -16.45 -2.29
N SER D 232 12.03 -16.04 -1.46
CA SER D 232 11.16 -17.01 -0.79
C SER D 232 10.11 -17.56 -1.76
N GLN D 233 9.28 -16.69 -2.31
CA GLN D 233 8.28 -17.09 -3.28
C GLN D 233 8.89 -17.02 -4.69
N ASN D 234 8.05 -17.14 -5.70
CA ASN D 234 8.46 -16.93 -7.08
C ASN D 234 8.09 -15.51 -7.48
N ALA D 235 9.09 -14.72 -7.86
CA ALA D 235 8.92 -13.29 -8.07
C ALA D 235 8.55 -12.92 -9.50
N LEU D 236 8.55 -13.87 -10.43
CA LEU D 236 8.21 -13.56 -11.81
C LEU D 236 6.70 -13.55 -12.00
N TYR D 237 6.20 -12.44 -12.56
CA TYR D 237 4.82 -12.36 -13.00
C TYR D 237 4.78 -11.70 -14.36
N PRO D 238 3.76 -11.98 -15.17
CA PRO D 238 3.79 -11.56 -16.58
C PRO D 238 3.84 -10.04 -16.73
N MET D 239 4.44 -9.61 -17.84
CA MET D 239 4.54 -8.22 -18.22
C MET D 239 3.67 -7.97 -19.45
N SER D 240 3.03 -6.81 -19.50
CA SER D 240 2.15 -6.49 -20.60
C SER D 240 2.89 -6.55 -21.92
N PRO D 241 2.28 -7.07 -22.99
CA PRO D 241 2.99 -7.14 -24.27
C PRO D 241 3.46 -5.79 -24.79
N LEU D 242 2.74 -4.71 -24.49
CA LEU D 242 3.17 -3.39 -24.92
C LEU D 242 4.41 -2.94 -24.15
N LEU D 243 4.51 -3.31 -22.87
CA LEU D 243 5.70 -2.98 -22.10
C LEU D 243 6.89 -3.84 -22.49
N GLN D 244 6.64 -5.01 -23.09
CA GLN D 244 7.74 -5.86 -23.56
C GLN D 244 8.33 -5.33 -24.87
N GLU D 245 7.51 -4.71 -25.72
CA GLU D 245 8.04 -4.11 -26.94
C GLU D 245 8.92 -2.91 -26.63
N CYS D 246 8.65 -2.21 -25.52
CA CYS D 246 9.49 -1.10 -25.12
C CYS D 246 10.90 -1.57 -24.75
N LEU D 247 10.99 -2.62 -23.93
CA LEU D 247 12.30 -3.11 -23.50
C LEU D 247 13.06 -3.78 -24.63
N ARG D 248 12.38 -4.19 -25.69
CA ARG D 248 13.01 -4.86 -26.82
C ARG D 248 13.44 -3.89 -27.91
N GLY D 249 13.28 -2.59 -27.71
CA GLY D 249 13.80 -1.63 -28.67
C GLY D 249 12.85 -0.53 -29.10
N SER D 250 11.56 -0.84 -29.17
CA SER D 250 10.57 0.13 -29.65
C SER D 250 10.40 1.23 -28.61
N THR D 251 11.00 2.39 -28.87
CA THR D 251 10.95 3.50 -27.93
C THR D 251 9.63 4.25 -27.96
N LYS D 252 8.84 4.08 -29.03
CA LYS D 252 7.51 4.68 -29.07
C LYS D 252 6.53 3.99 -28.15
N SER D 253 6.86 2.80 -27.67
CA SER D 253 5.99 2.06 -26.77
C SER D 253 6.31 2.28 -25.30
N CYS D 254 7.26 3.15 -24.99
CA CYS D 254 7.64 3.46 -23.61
C CYS D 254 6.91 4.71 -23.15
N ALA D 255 6.28 4.63 -21.98
CA ALA D 255 5.56 5.77 -21.45
C ALA D 255 6.50 6.70 -20.70
N ARG D 256 6.24 7.99 -20.82
CA ARG D 256 7.05 9.03 -20.21
C ARG D 256 6.21 9.87 -19.26
N THR D 257 6.83 10.34 -18.20
CA THR D 257 6.14 11.14 -17.19
C THR D 257 6.98 12.36 -16.84
N LEU D 258 6.31 13.40 -16.36
CA LEU D 258 6.99 14.62 -15.96
C LEU D 258 7.73 14.41 -14.64
N VAL D 259 8.73 15.24 -14.42
CA VAL D 259 9.63 15.10 -13.28
C VAL D 259 9.03 15.73 -12.04
N SER D 260 9.15 15.03 -10.91
CA SER D 260 8.65 15.48 -9.63
C SER D 260 9.57 16.56 -9.05
N GLY D 261 9.30 16.97 -7.81
CA GLY D 261 10.09 17.98 -7.14
C GLY D 261 11.28 17.44 -6.39
N SER D 262 11.23 16.17 -6.01
CA SER D 262 12.30 15.51 -5.27
C SER D 262 13.15 14.62 -6.15
N PHE D 263 13.04 14.76 -7.48
CA PHE D 263 13.78 13.92 -8.41
C PHE D 263 15.17 14.48 -8.61
N GLY D 264 16.17 13.74 -8.15
CA GLY D 264 17.56 14.16 -8.28
C GLY D 264 18.42 13.16 -9.04
N ASN D 265 17.84 12.51 -10.04
CA ASN D 265 18.56 11.54 -10.88
C ASN D 265 18.71 12.16 -12.26
N ARG D 266 19.74 13.00 -12.42
CA ARG D 266 19.95 13.72 -13.66
C ARG D 266 21.28 13.41 -14.33
N PHE D 267 22.16 12.65 -13.69
CA PHE D 267 23.39 12.20 -14.34
C PHE D 267 23.75 10.82 -13.82
N ILE D 268 24.16 9.95 -14.75
CA ILE D 268 24.55 8.57 -14.45
C ILE D 268 25.93 8.34 -15.05
N LEU D 269 26.78 7.62 -14.31
CA LEU D 269 28.11 7.26 -14.79
C LEU D 269 28.05 5.88 -15.41
N SER D 270 28.36 5.79 -16.70
CA SER D 270 28.24 4.53 -17.43
C SER D 270 29.34 4.44 -18.48
N GLN D 271 30.10 3.34 -18.46
CA GLN D 271 31.20 3.11 -19.40
C GLN D 271 32.23 4.23 -19.31
N GLY D 272 32.47 4.69 -18.08
CA GLY D 272 33.50 5.67 -17.82
C GLY D 272 33.12 7.05 -18.25
N ASN D 273 31.90 7.24 -18.74
CA ASN D 273 31.36 8.47 -19.27
C ASN D 273 30.25 8.95 -18.35
N LEU D 274 29.78 10.17 -18.61
CA LEU D 274 28.73 10.77 -17.79
C LEU D 274 27.55 11.05 -18.70
N ILE D 275 26.44 10.37 -18.46
CA ILE D 275 25.17 10.64 -19.13
C ILE D 275 24.41 11.62 -18.27
N ALA D 276 24.36 12.87 -18.70
CA ALA D 276 23.80 13.95 -17.89
C ALA D 276 22.76 14.71 -18.69
N ASN D 277 21.79 15.27 -17.97
CA ASN D 277 20.81 16.17 -18.55
C ASN D 277 21.31 17.59 -18.28
N CYS D 278 22.03 18.14 -19.26
CA CYS D 278 22.65 19.45 -19.10
C CYS D 278 21.68 20.60 -19.31
N ALA D 279 20.46 20.32 -19.74
CA ALA D 279 19.42 21.34 -19.82
C ALA D 279 18.69 21.54 -18.51
N SER D 280 19.01 20.74 -17.49
CA SER D 280 18.42 20.87 -16.16
C SER D 280 19.44 21.05 -15.06
N ILE D 281 20.73 20.81 -15.32
CA ILE D 281 21.81 21.08 -14.38
C ILE D 281 22.91 21.81 -15.12
N LEU D 282 23.86 22.33 -14.35
CA LEU D 282 24.95 23.14 -14.88
C LEU D 282 26.17 22.23 -15.09
N CYS D 283 26.35 21.76 -16.32
CA CYS D 283 27.51 20.97 -16.69
C CYS D 283 28.64 21.91 -17.07
N LYS D 284 29.72 21.89 -16.28
CA LYS D 284 30.85 22.78 -16.48
C LYS D 284 32.11 21.97 -16.71
N CYS D 285 32.93 22.40 -17.66
CA CYS D 285 34.18 21.73 -18.00
C CYS D 285 35.29 22.27 -17.10
N TYR D 286 35.69 21.49 -16.11
CA TYR D 286 36.68 21.95 -15.14
C TYR D 286 38.04 22.20 -15.80
N THR D 287 38.44 21.35 -16.74
CA THR D 287 39.75 21.49 -17.37
C THR D 287 39.84 22.72 -18.28
N THR D 288 38.72 23.35 -18.61
CA THR D 288 38.74 24.49 -19.52
C THR D 288 38.03 25.69 -18.91
N GLY D 289 37.08 25.44 -18.00
CA GLY D 289 36.29 26.49 -17.41
C GLY D 289 35.03 26.84 -18.17
N THR D 290 34.85 26.30 -19.37
CA THR D 290 33.64 26.56 -20.14
C THR D 290 32.48 25.74 -19.59
N ILE D 291 31.28 26.11 -20.03
CA ILE D 291 30.04 25.47 -19.59
C ILE D 291 29.48 24.65 -20.74
N ILE D 292 29.19 23.38 -20.47
CA ILE D 292 28.62 22.49 -21.47
C ILE D 292 27.13 22.78 -21.57
N ASN D 293 26.67 23.13 -22.77
CA ASN D 293 25.27 23.46 -22.98
C ASN D 293 24.58 22.35 -23.76
N GLN D 294 23.26 22.29 -23.62
CA GLN D 294 22.43 21.31 -24.30
C GLN D 294 21.38 22.06 -25.11
N ASP D 295 21.56 22.09 -26.42
CA ASP D 295 20.63 22.77 -27.29
C ASP D 295 19.27 22.07 -27.24
N PRO D 296 18.18 22.82 -27.42
CA PRO D 296 16.84 22.20 -27.35
C PRO D 296 16.61 21.10 -28.37
N ASP D 297 17.39 21.04 -29.46
CA ASP D 297 17.25 19.92 -30.38
C ASP D 297 17.86 18.64 -29.84
N LYS D 298 18.59 18.70 -28.72
CA LYS D 298 19.15 17.54 -28.07
C LYS D 298 18.45 17.31 -26.74
N ILE D 299 18.19 16.04 -26.42
CA ILE D 299 17.49 15.69 -25.20
C ILE D 299 18.42 15.15 -24.11
N LEU D 300 19.60 14.66 -24.48
CA LEU D 300 20.50 14.06 -23.50
C LEU D 300 21.93 14.20 -24.00
N THR D 301 22.86 14.32 -23.06
CA THR D 301 24.27 14.59 -23.35
C THR D 301 25.15 13.51 -22.77
N TYR D 302 26.14 13.08 -23.55
CA TYR D 302 27.12 12.09 -23.14
C TYR D 302 28.48 12.79 -23.02
N ILE D 303 29.07 12.74 -21.84
CA ILE D 303 30.30 13.47 -21.55
C ILE D 303 31.44 12.48 -21.43
N ALA D 304 32.48 12.67 -22.25
CA ALA D 304 33.66 11.82 -22.25
C ALA D 304 34.90 12.69 -22.22
N ALA D 305 36.05 12.06 -21.95
CA ALA D 305 37.32 12.78 -21.84
C ALA D 305 37.84 13.27 -23.18
N ASP D 306 37.24 12.87 -24.30
CA ASP D 306 37.70 13.34 -25.60
C ASP D 306 37.42 14.82 -25.82
N HIS D 307 36.54 15.41 -25.01
CA HIS D 307 36.30 16.85 -25.10
C HIS D 307 36.49 17.53 -23.74
N CYS D 308 36.29 16.77 -22.66
CA CYS D 308 36.32 17.33 -21.31
C CYS D 308 36.79 16.27 -20.34
N PRO D 309 38.09 16.21 -20.06
CA PRO D 309 38.60 15.18 -19.13
C PRO D 309 38.00 15.24 -17.74
N VAL D 310 37.77 16.44 -17.20
CA VAL D 310 37.18 16.62 -15.88
C VAL D 310 35.99 17.56 -16.01
N VAL D 311 34.86 17.15 -15.45
CA VAL D 311 33.60 17.90 -15.58
C VAL D 311 32.99 18.06 -14.20
N GLU D 312 32.50 19.26 -13.91
CA GLU D 312 31.74 19.52 -12.69
C GLU D 312 30.25 19.47 -13.02
N VAL D 313 29.49 18.73 -12.22
CA VAL D 313 28.10 18.43 -12.57
C VAL D 313 27.15 19.33 -11.81
N ASN D 314 27.14 19.22 -10.48
CA ASN D 314 26.44 20.19 -9.64
C ASN D 314 27.40 20.88 -8.69
N GLY D 315 28.08 20.12 -7.84
CA GLY D 315 29.14 20.63 -6.99
C GLY D 315 30.22 19.58 -6.89
N VAL D 316 30.08 18.54 -7.70
CA VAL D 316 30.97 17.38 -7.70
C VAL D 316 31.72 17.33 -9.02
N THR D 317 33.02 17.09 -8.94
CA THR D 317 33.87 16.94 -10.11
C THR D 317 34.29 15.48 -10.24
N ILE D 318 34.15 14.93 -11.44
CA ILE D 318 34.55 13.56 -11.72
C ILE D 318 35.45 13.56 -12.95
N GLN D 319 36.27 12.51 -13.06
CA GLN D 319 37.22 12.36 -14.15
C GLN D 319 36.70 11.28 -15.10
N VAL D 320 36.12 11.71 -16.21
CA VAL D 320 35.55 10.80 -17.20
C VAL D 320 36.64 10.25 -18.12
N GLY D 321 36.27 9.32 -19.00
CA GLY D 321 37.23 8.60 -19.80
C GLY D 321 36.95 8.59 -21.30
N SER D 322 37.50 7.60 -21.99
CA SER D 322 37.43 7.54 -23.44
C SER D 322 35.99 7.41 -23.93
N ARG D 323 35.72 8.02 -25.09
CA ARG D 323 34.38 8.13 -25.66
C ARG D 323 33.75 6.78 -25.95
N ARG D 324 32.72 6.43 -25.17
CA ARG D 324 32.05 5.13 -25.26
C ARG D 324 30.59 5.25 -25.68
N TYR D 325 30.18 6.40 -26.21
CA TYR D 325 28.78 6.74 -26.43
C TYR D 325 28.72 7.79 -27.53
N PRO D 326 27.56 8.00 -28.13
CA PRO D 326 27.44 9.07 -29.13
C PRO D 326 27.58 10.43 -28.46
N ASP D 327 27.66 11.47 -29.29
CA ASP D 327 27.81 12.81 -28.75
C ASP D 327 26.58 13.25 -27.96
N ALA D 328 25.40 12.96 -28.47
CA ALA D 328 24.14 13.34 -27.83
C ALA D 328 23.01 12.61 -28.54
N VAL D 329 21.80 12.77 -28.00
CA VAL D 329 20.59 12.21 -28.58
C VAL D 329 19.77 13.35 -29.14
N TYR D 330 19.35 13.21 -30.40
CA TYR D 330 18.61 14.26 -31.08
C TYR D 330 17.12 13.97 -31.07
N LEU D 331 16.31 15.03 -30.92
CA LEU D 331 14.87 14.88 -30.82
C LEU D 331 14.26 14.37 -32.11
N HIS D 332 14.80 14.77 -33.26
CA HIS D 332 14.24 14.34 -34.54
C HIS D 332 14.71 12.96 -34.97
N ARG D 333 15.64 12.34 -34.24
CA ARG D 333 16.15 11.02 -34.57
C ARG D 333 15.75 9.97 -33.54
N ILE D 334 14.75 10.26 -32.72
CA ILE D 334 14.24 9.31 -31.73
C ILE D 334 12.74 9.48 -31.64
N ASP D 335 12.03 8.37 -31.45
CA ASP D 335 10.59 8.37 -31.27
C ASP D 335 10.28 8.15 -29.80
N LEU D 336 9.45 9.04 -29.23
CA LEU D 336 9.10 8.97 -27.83
C LEU D 336 7.63 8.60 -27.67
N GLY D 337 7.32 7.96 -26.54
CA GLY D 337 5.99 7.49 -26.29
C GLY D 337 5.07 8.57 -25.79
N PRO D 338 3.84 8.19 -25.48
CA PRO D 338 2.85 9.16 -25.01
C PRO D 338 3.09 9.52 -23.55
N PRO D 339 2.86 10.77 -23.17
CA PRO D 339 2.95 11.13 -21.75
C PRO D 339 1.84 10.50 -20.94
N ILE D 340 2.17 10.15 -19.69
CA ILE D 340 1.22 9.51 -18.79
C ILE D 340 1.36 10.12 -17.40
N SER D 341 0.39 9.79 -16.55
CA SER D 341 0.43 10.09 -15.13
C SER D 341 0.09 8.82 -14.38
N LEU D 342 0.88 8.50 -13.36
CA LEU D 342 0.73 7.25 -12.64
C LEU D 342 -0.14 7.37 -11.40
N GLY D 343 -0.69 8.55 -11.13
CA GLY D 343 -1.52 8.72 -9.95
C GLY D 343 -2.84 7.98 -10.06
N ARG D 344 -3.30 7.47 -8.92
CA ARG D 344 -4.58 6.75 -8.89
C ARG D 344 -5.73 7.66 -9.29
N LEU D 345 -5.76 8.88 -8.78
CA LEU D 345 -6.78 9.84 -9.19
C LEU D 345 -6.53 10.35 -10.60
N ASP D 346 -5.27 10.46 -11.00
CA ASP D 346 -4.96 10.87 -12.36
C ASP D 346 -5.36 9.79 -13.37
N VAL D 347 -5.21 8.52 -12.99
CA VAL D 347 -5.62 7.43 -13.87
C VAL D 347 -7.14 7.40 -14.02
N GLY D 348 -7.86 7.56 -12.90
CA GLY D 348 -9.31 7.52 -12.96
C GLY D 348 -9.90 8.66 -13.76
N THR D 349 -9.35 9.87 -13.60
CA THR D 349 -9.85 11.01 -14.36
C THR D 349 -9.61 10.83 -15.86
N ASN D 350 -8.44 10.32 -16.24
CA ASN D 350 -8.14 10.10 -17.65
C ASN D 350 -8.84 8.89 -18.23
N LEU D 351 -9.06 7.85 -17.42
CA LEU D 351 -9.77 6.67 -17.90
C LEU D 351 -11.25 6.99 -18.11
N GLY D 352 -11.85 7.74 -17.19
CA GLY D 352 -13.24 8.13 -17.35
C GLY D 352 -13.45 9.00 -18.58
N ASN D 353 -12.51 9.89 -18.85
CA ASN D 353 -12.60 10.73 -20.05
C ASN D 353 -12.51 9.89 -21.32
N ALA D 354 -11.61 8.89 -21.32
CA ALA D 354 -11.46 8.04 -22.50
C ALA D 354 -12.69 7.17 -22.72
N ILE D 355 -13.23 6.60 -21.64
CA ILE D 355 -14.42 5.75 -21.76
C ILE D 355 -15.61 6.55 -22.26
N ALA D 356 -15.78 7.77 -21.76
CA ALA D 356 -16.90 8.62 -22.17
C ALA D 356 -16.83 8.93 -23.66
N LYS D 357 -15.63 9.23 -24.17
CA LYS D 357 -15.48 9.51 -25.60
C LYS D 357 -15.75 8.27 -26.44
N LEU D 358 -15.45 7.08 -25.91
CA LEU D 358 -15.72 5.84 -26.64
C LEU D 358 -17.22 5.62 -26.80
N GLU D 359 -18.00 5.91 -25.76
CA GLU D 359 -19.45 5.74 -25.84
C GLU D 359 -20.08 6.74 -26.80
N ASP D 360 -19.49 7.94 -26.92
CA ASP D 360 -20.04 8.96 -27.81
C ASP D 360 -19.95 8.56 -29.28
N ALA D 361 -19.10 7.59 -29.61
CA ALA D 361 -18.94 7.12 -30.98
C ALA D 361 -19.31 5.64 -31.13
N LYS D 362 -20.10 5.11 -30.20
CA LYS D 362 -20.49 3.71 -30.27
C LYS D 362 -21.30 3.42 -31.53
N GLU D 363 -22.21 4.33 -31.89
CA GLU D 363 -23.01 4.15 -33.09
C GLU D 363 -22.17 4.17 -34.37
N LEU D 364 -20.98 4.76 -34.31
CA LEU D 364 -20.07 4.80 -35.45
C LEU D 364 -19.02 3.71 -35.43
N LEU D 365 -18.42 3.43 -34.27
CA LEU D 365 -17.39 2.40 -34.20
C LEU D 365 -17.96 1.02 -34.49
N GLU D 366 -19.14 0.72 -33.97
CA GLU D 366 -19.75 -0.59 -34.22
C GLU D 366 -20.23 -0.70 -35.66
N SER D 367 -20.73 0.39 -36.24
CA SER D 367 -21.22 0.40 -37.62
C SER D 367 -20.08 0.65 -38.60
N SER D 368 -19.05 -0.19 -38.49
CA SER D 368 -17.87 -0.08 -39.36
C SER D 368 -18.14 -0.80 -40.68
N ASP D 369 -18.99 -0.16 -41.50
CA ASP D 369 -19.34 -0.66 -42.81
C ASP D 369 -18.90 0.24 -43.95
N GLN D 370 -18.43 1.45 -43.66
CA GLN D 370 -17.92 2.33 -44.71
C GLN D 370 -16.61 1.83 -45.29
N ILE D 371 -15.92 0.92 -44.60
CA ILE D 371 -14.67 0.36 -45.13
C ILE D 371 -14.95 -0.42 -46.40
N LEU D 372 -16.00 -1.25 -46.40
CA LEU D 372 -16.39 -1.98 -47.59
C LEU D 372 -17.28 -1.17 -48.52
N ARG D 373 -17.78 -0.02 -48.07
CA ARG D 373 -18.62 0.84 -48.89
C ARG D 373 -17.84 1.94 -49.60
N SER D 374 -16.52 1.96 -49.46
CA SER D 374 -15.69 2.99 -50.10
C SER D 374 -14.41 2.38 -50.66
N GLN E 24 -5.91 30.33 -11.56
CA GLN E 24 -5.60 29.24 -10.66
C GLN E 24 -6.89 28.52 -10.26
N ILE E 25 -7.02 28.13 -8.99
CA ILE E 25 -8.19 27.39 -8.54
C ILE E 25 -9.42 28.29 -8.61
N HIS E 26 -10.47 27.81 -9.26
CA HIS E 26 -11.71 28.55 -9.38
C HIS E 26 -12.63 28.02 -8.29
N TRP E 27 -12.55 28.64 -7.11
CA TRP E 27 -13.27 28.14 -5.94
C TRP E 27 -14.78 28.24 -6.08
N GLY E 28 -15.27 29.17 -6.91
CA GLY E 28 -16.71 29.30 -7.08
C GLY E 28 -17.33 28.08 -7.73
N ASN E 29 -16.67 27.54 -8.77
CA ASN E 29 -17.19 26.36 -9.44
C ASN E 29 -16.98 25.10 -8.64
N LEU E 30 -15.94 25.04 -7.81
CA LEU E 30 -15.71 23.86 -6.99
C LEU E 30 -16.77 23.71 -5.92
N SER E 31 -17.33 24.83 -5.44
CA SER E 31 -18.36 24.78 -4.42
C SER E 31 -19.70 24.29 -4.96
N LYS E 32 -19.92 24.38 -6.27
CA LYS E 32 -21.16 23.90 -6.86
C LYS E 32 -21.17 22.38 -7.05
N ILE E 33 -20.04 21.72 -6.94
CA ILE E 33 -19.96 20.26 -6.97
C ILE E 33 -19.54 19.71 -5.61
N GLY E 34 -19.64 20.52 -4.56
CA GLY E 34 -19.43 20.09 -3.20
C GLY E 34 -18.02 20.23 -2.67
N VAL E 35 -17.09 20.72 -3.46
CA VAL E 35 -15.70 20.83 -3.03
C VAL E 35 -15.46 22.20 -2.43
N VAL E 36 -14.72 22.25 -1.32
CA VAL E 36 -14.47 23.51 -0.62
C VAL E 36 -13.06 23.44 -0.02
N GLY E 37 -12.46 24.61 0.21
CA GLY E 37 -11.19 24.67 0.87
C GLY E 37 -11.33 24.69 2.38
N ILE E 38 -10.30 24.21 3.08
CA ILE E 38 -10.38 24.03 4.52
C ILE E 38 -9.03 24.33 5.14
N GLY E 39 -8.15 25.01 4.40
CA GLY E 39 -6.86 25.38 4.94
C GLY E 39 -5.73 25.49 3.94
N SER E 40 -5.29 26.72 3.67
CA SER E 40 -4.14 26.99 2.81
C SER E 40 -3.02 27.60 3.63
N ALA E 41 -1.79 27.14 3.39
CA ALA E 41 -0.65 27.64 4.13
C ALA E 41 0.58 27.67 3.22
N SER E 42 1.71 28.03 3.80
CA SER E 42 2.99 28.04 3.10
C SER E 42 3.73 26.73 3.28
N TYR E 43 4.58 26.41 2.31
CA TYR E 43 5.27 25.13 2.26
C TYR E 43 6.76 25.35 2.50
N LYS E 44 7.31 24.60 3.44
CA LYS E 44 8.70 24.75 3.86
C LYS E 44 9.41 23.40 3.75
N VAL E 45 10.64 23.43 3.26
CA VAL E 45 11.45 22.22 3.11
C VAL E 45 12.58 22.23 4.13
N MET E 46 13.23 21.08 4.26
CA MET E 46 14.34 20.90 5.20
C MET E 46 15.65 20.77 4.44
N THR E 47 16.67 21.47 4.91
CA THR E 47 18.01 21.37 4.36
C THR E 47 19.01 21.17 5.48
N ARG E 48 20.09 20.45 5.19
CA ARG E 48 21.10 20.10 6.18
C ARG E 48 22.33 20.96 5.97
N SER E 49 22.76 21.65 7.03
CA SER E 49 23.92 22.54 6.96
C SER E 49 25.08 22.08 7.84
N SER E 50 24.83 21.87 9.13
CA SER E 50 25.88 21.49 10.08
C SER E 50 25.70 20.05 10.50
N HIS E 51 26.80 19.33 10.63
CA HIS E 51 26.80 17.91 10.97
C HIS E 51 27.56 17.69 12.27
N GLN E 52 26.96 16.90 13.16
CA GLN E 52 27.60 16.47 14.39
C GLN E 52 28.05 15.02 14.23
N SER E 53 28.78 14.52 15.22
CA SER E 53 29.35 13.19 15.16
C SER E 53 28.79 12.34 16.30
N LEU E 54 28.12 11.25 15.93
CA LEU E 54 27.54 10.30 16.88
C LEU E 54 28.18 8.95 16.62
N VAL E 55 28.79 8.38 17.64
CA VAL E 55 29.47 7.09 17.52
C VAL E 55 28.75 6.08 18.40
N ILE E 56 28.45 4.92 17.81
CA ILE E 56 27.80 3.83 18.53
C ILE E 56 28.89 2.91 19.06
N LYS E 57 29.10 2.92 20.37
CA LYS E 57 30.09 2.07 21.01
C LYS E 57 29.49 0.70 21.24
N LEU E 58 29.89 -0.28 20.43
CA LEU E 58 29.28 -1.61 20.48
C LEU E 58 29.87 -2.51 21.54
N MET E 59 30.98 -2.12 22.17
CA MET E 59 31.61 -2.95 23.19
C MET E 59 31.39 -2.35 24.57
N PRO E 60 30.55 -2.95 25.41
CA PRO E 60 30.30 -2.37 26.73
C PRO E 60 31.49 -2.52 27.67
N ASN E 61 31.52 -1.67 28.69
CA ASN E 61 32.52 -1.74 29.74
C ASN E 61 32.07 -2.76 30.78
N ILE E 62 32.77 -3.89 30.86
CA ILE E 62 32.40 -4.98 31.74
C ILE E 62 33.51 -5.23 32.74
N THR E 63 34.26 -4.17 33.08
CA THR E 63 35.39 -4.32 33.99
C THR E 63 34.94 -4.73 35.39
N LEU E 64 33.81 -4.21 35.85
CA LEU E 64 33.35 -4.47 37.21
C LEU E 64 32.60 -5.79 37.35
N LEU E 65 32.42 -6.54 36.27
CA LEU E 65 31.73 -7.82 36.33
C LEU E 65 32.65 -8.98 36.68
N ASN E 66 33.96 -8.76 36.72
CA ASN E 66 34.94 -9.78 37.13
C ASN E 66 34.85 -11.03 36.25
N ASN E 67 35.10 -10.83 34.96
CA ASN E 67 35.15 -11.89 33.95
C ASN E 67 34.08 -12.96 34.15
N CYS E 68 32.85 -12.50 34.38
CA CYS E 68 31.70 -13.38 34.50
C CYS E 68 30.90 -13.48 33.21
N THR E 69 31.37 -12.86 32.12
CA THR E 69 30.63 -12.85 30.86
C THR E 69 31.56 -13.04 29.67
N ARG E 70 32.70 -13.72 29.86
CA ARG E 70 33.66 -13.89 28.78
C ARG E 70 33.07 -14.68 27.62
N VAL E 71 32.34 -15.76 27.92
CA VAL E 71 31.76 -16.59 26.87
C VAL E 71 30.72 -15.81 26.07
N GLU E 72 29.85 -15.07 26.76
CA GLU E 72 28.80 -14.32 26.07
C GLU E 72 29.39 -13.17 25.28
N ILE E 73 30.41 -12.49 25.82
CA ILE E 73 31.03 -11.38 25.10
C ILE E 73 31.70 -11.88 23.84
N ALA E 74 32.41 -13.01 23.92
CA ALA E 74 33.08 -13.56 22.75
C ALA E 74 32.09 -13.94 21.67
N GLU E 75 30.96 -14.56 22.04
CA GLU E 75 29.91 -14.86 21.07
C GLU E 75 29.34 -13.59 20.47
N TYR E 76 29.22 -12.54 21.28
CA TYR E 76 28.69 -11.26 20.80
C TYR E 76 29.60 -10.66 19.73
N ARG E 77 30.91 -10.75 19.92
CA ARG E 77 31.85 -10.22 18.92
C ARG E 77 31.73 -10.97 17.60
N ARG E 78 31.58 -12.29 17.66
CA ARG E 78 31.52 -13.09 16.44
C ARG E 78 30.30 -12.72 15.60
N LEU E 79 29.15 -12.53 16.23
CA LEU E 79 27.94 -12.16 15.50
C LEU E 79 28.06 -10.76 14.92
N LEU E 80 28.66 -9.83 15.67
CA LEU E 80 28.82 -8.46 15.17
C LEU E 80 29.73 -8.41 13.96
N ARG E 81 30.81 -9.19 13.97
CA ARG E 81 31.80 -9.14 12.89
C ARG E 81 31.20 -9.54 11.56
N THR E 82 30.19 -10.41 11.57
CA THR E 82 29.53 -10.82 10.34
C THR E 82 28.78 -9.67 9.69
N VAL E 83 28.26 -8.75 10.49
CA VAL E 83 27.51 -7.61 9.95
C VAL E 83 28.44 -6.43 9.66
N LEU E 84 29.44 -6.20 10.52
CA LEU E 84 30.27 -5.01 10.39
C LEU E 84 31.20 -5.09 9.20
N GLU E 85 31.75 -6.26 8.92
CA GLU E 85 32.75 -6.39 7.86
C GLU E 85 32.24 -6.01 6.48
N PRO E 86 31.05 -6.43 6.03
CA PRO E 86 30.58 -5.97 4.70
C PRO E 86 30.47 -4.46 4.58
N ILE E 87 30.09 -3.77 5.65
CA ILE E 87 29.95 -2.32 5.59
C ILE E 87 31.32 -1.65 5.49
N ARG E 88 32.28 -2.11 6.29
CA ARG E 88 33.60 -1.49 6.27
C ARG E 88 34.27 -1.64 4.92
N ASP E 89 34.11 -2.81 4.28
CA ASP E 89 34.67 -3.01 2.94
C ASP E 89 34.04 -2.05 1.93
N ALA E 90 32.73 -1.84 2.03
CA ALA E 90 32.05 -0.93 1.10
C ALA E 90 32.56 0.50 1.26
N LEU E 91 32.77 0.94 2.51
CA LEU E 91 33.26 2.29 2.74
C LEU E 91 34.66 2.48 2.16
N ASN E 92 35.54 1.50 2.36
CA ASN E 92 36.91 1.61 1.86
C ASN E 92 36.95 1.59 0.34
N ALA E 93 36.07 0.82 -0.29
CA ALA E 93 36.06 0.74 -1.75
C ALA E 93 35.78 2.09 -2.39
N MET E 94 34.80 2.84 -1.85
CA MET E 94 34.45 4.13 -2.43
C MET E 94 35.46 5.21 -2.08
N THR E 95 36.02 5.18 -0.87
CA THR E 95 36.91 6.24 -0.44
C THR E 95 38.26 6.22 -1.15
N GLN E 96 38.58 5.15 -1.88
CA GLN E 96 39.79 5.09 -2.67
C GLN E 96 39.60 5.61 -4.09
N ASN E 97 38.37 5.92 -4.48
CA ASN E 97 38.10 6.56 -5.77
C ASN E 97 38.12 8.07 -5.67
N ILE E 98 38.41 8.61 -4.50
CA ILE E 98 38.41 10.05 -4.25
C ILE E 98 39.85 10.53 -4.31
N ARG E 99 40.15 11.40 -5.27
CA ARG E 99 41.51 11.88 -5.47
C ARG E 99 41.64 13.35 -5.11
N PRO E 100 42.82 13.79 -4.69
CA PRO E 100 43.05 15.23 -4.54
C PRO E 100 42.96 15.93 -5.88
N VAL E 101 42.56 17.20 -5.84
CA VAL E 101 42.34 17.95 -7.07
C VAL E 101 43.70 18.17 -7.74
N GLN E 102 43.93 17.45 -8.83
CA GLN E 102 45.16 17.57 -9.61
C GLN E 102 44.97 18.56 -10.76
N SER E 103 44.51 19.75 -10.44
CA SER E 103 44.23 20.76 -11.47
C SER E 103 45.52 21.29 -12.06
N VAL E 104 45.52 21.45 -13.39
CA VAL E 104 46.66 21.98 -14.13
C VAL E 104 47.93 21.18 -13.84
N GLY F 3 39.24 20.54 -1.72
CA GLY F 3 38.42 19.91 -2.73
C GLY F 3 39.00 18.60 -3.23
N VAL F 4 38.13 17.73 -3.77
CA VAL F 4 38.54 16.43 -4.27
C VAL F 4 37.83 16.15 -5.58
N VAL F 5 38.38 15.20 -6.34
CA VAL F 5 37.83 14.75 -7.61
C VAL F 5 37.59 13.26 -7.53
N LEU F 6 36.42 12.81 -7.97
CA LEU F 6 36.09 11.39 -7.99
C LEU F 6 36.66 10.77 -9.26
N ALA F 7 37.51 9.76 -9.10
CA ALA F 7 38.14 9.08 -10.22
C ALA F 7 37.16 8.03 -10.76
N GLY F 8 36.53 8.33 -11.88
CA GLY F 8 35.54 7.46 -12.47
C GLY F 8 36.14 6.35 -13.31
N ALA F 9 37.15 5.68 -12.79
CA ALA F 9 37.86 4.62 -13.51
C ALA F 9 37.70 3.26 -12.85
N ALA F 10 37.81 3.19 -11.54
CA ALA F 10 37.63 1.95 -10.79
C ALA F 10 36.16 1.72 -10.43
N LEU F 11 35.27 2.58 -10.89
CA LEU F 11 33.85 2.51 -10.58
C LEU F 11 33.07 1.93 -11.74
N GLY F 12 32.08 1.10 -11.43
CA GLY F 12 31.06 0.71 -12.36
C GLY F 12 29.97 1.76 -12.49
N VAL F 13 28.88 1.37 -13.13
CA VAL F 13 27.69 2.22 -13.21
C VAL F 13 27.31 2.69 -11.81
N ALA F 14 27.35 4.01 -11.60
CA ALA F 14 27.02 4.61 -10.32
C ALA F 14 26.05 5.76 -10.53
N THR F 15 25.05 5.85 -9.65
CA THR F 15 24.04 6.89 -9.75
C THR F 15 24.52 8.18 -9.09
N ALA F 16 23.74 9.25 -9.32
CA ALA F 16 24.07 10.55 -8.74
C ALA F 16 24.08 10.49 -7.22
N ALA F 17 23.15 9.76 -6.62
CA ALA F 17 23.09 9.64 -5.17
C ALA F 17 24.35 8.97 -4.62
N GLN F 18 24.82 7.90 -5.27
CA GLN F 18 26.04 7.24 -4.81
C GLN F 18 27.27 8.09 -5.07
N ILE F 19 27.30 8.82 -6.19
CA ILE F 19 28.42 9.71 -6.47
C ILE F 19 28.47 10.85 -5.46
N THR F 20 27.32 11.49 -5.22
CA THR F 20 27.27 12.60 -4.27
C THR F 20 27.60 12.14 -2.85
N ALA F 21 27.04 11.00 -2.43
CA ALA F 21 27.30 10.50 -1.08
C ALA F 21 28.69 9.94 -0.92
N GLY F 22 29.38 9.59 -2.00
CA GLY F 22 30.75 9.12 -1.90
C GLY F 22 31.72 10.26 -1.76
N ILE F 23 31.54 11.30 -2.57
CA ILE F 23 32.39 12.49 -2.47
C ILE F 23 32.15 13.21 -1.15
N ALA F 24 30.88 13.32 -0.73
CA ALA F 24 30.56 13.95 0.54
C ALA F 24 31.13 13.19 1.73
N LEU F 25 31.55 11.94 1.53
CA LEU F 25 32.06 11.12 2.61
C LEU F 25 33.52 11.41 2.90
N HIS F 26 34.23 12.06 1.97
CA HIS F 26 35.61 12.45 2.23
C HIS F 26 35.67 13.58 3.26
N GLN F 27 34.79 14.57 3.14
CA GLN F 27 34.79 15.67 4.09
C GLN F 27 34.27 15.23 5.45
N SER F 28 33.23 14.41 5.47
CA SER F 28 32.58 14.01 6.71
C SER F 28 33.49 13.11 7.55
N MET F 29 34.23 12.21 6.90
CA MET F 29 34.96 11.18 7.64
C MET F 29 36.13 11.77 8.40
N LEU F 30 36.39 11.21 9.58
CA LEU F 30 37.56 11.58 10.37
C LEU F 30 38.84 11.03 9.73
N ASN F 31 39.93 11.73 9.96
CA ASN F 31 41.24 11.30 9.50
C ASN F 31 41.76 10.16 10.39
N SER F 32 42.90 9.59 9.98
CA SER F 32 43.44 8.42 10.66
C SER F 32 43.82 8.75 12.10
N GLN F 33 44.40 9.92 12.35
CA GLN F 33 44.78 10.29 13.71
C GLN F 33 43.55 10.48 14.59
N ALA F 34 42.50 11.08 14.05
CA ALA F 34 41.28 11.29 14.83
C ALA F 34 40.65 9.97 15.26
N ILE F 35 40.67 8.98 14.38
CA ILE F 35 40.12 7.67 14.72
C ILE F 35 40.99 6.95 15.74
N ASP F 36 42.27 7.27 15.81
CA ASP F 36 43.12 6.72 16.86
C ASP F 36 42.81 7.35 18.21
N ASN F 37 42.58 8.66 18.25
CA ASN F 37 42.19 9.32 19.49
C ASN F 37 40.81 8.85 19.95
N LEU F 38 39.88 8.66 19.01
CA LEU F 38 38.55 8.18 19.36
C LEU F 38 38.61 6.80 19.97
N ARG F 39 39.45 5.92 19.43
CA ARG F 39 39.58 4.57 19.98
C ARG F 39 40.09 4.60 21.42
N ALA F 40 41.07 5.46 21.70
CA ALA F 40 41.61 5.53 23.05
C ALA F 40 40.59 6.08 24.04
N SER F 41 39.81 7.08 23.63
CA SER F 41 38.83 7.68 24.53
C SER F 41 37.67 6.72 24.79
N LEU F 42 37.28 5.94 23.78
CA LEU F 42 36.17 5.00 23.95
C LEU F 42 36.52 3.91 24.97
N GLU F 43 37.81 3.55 25.06
CA GLU F 43 38.21 2.51 26.00
C GLU F 43 38.00 2.93 27.45
N THR F 44 38.09 4.23 27.75
CA THR F 44 37.91 4.71 29.11
C THR F 44 36.48 5.08 29.44
N THR F 45 35.58 5.10 28.47
CA THR F 45 34.19 5.47 28.72
C THR F 45 33.49 4.41 29.55
N ASN F 46 32.70 4.86 30.53
CA ASN F 46 31.97 3.97 31.41
C ASN F 46 30.46 4.18 31.39
N GLN F 47 29.97 5.25 30.79
CA GLN F 47 28.56 5.60 30.86
C GLN F 47 27.84 5.25 29.56
N ALA F 48 26.51 5.19 29.65
CA ALA F 48 25.69 4.88 28.48
C ALA F 48 25.80 5.97 27.42
N ILE F 49 25.79 7.23 27.83
CA ILE F 49 25.95 8.36 26.93
C ILE F 49 27.09 9.24 27.44
N GLU F 50 28.04 9.54 26.56
CA GLU F 50 29.21 10.33 26.92
C GLU F 50 29.57 11.26 25.77
N ALA F 51 30.19 12.39 26.11
CA ALA F 51 30.65 13.36 25.13
C ALA F 51 32.17 13.40 25.16
N ILE F 52 32.78 13.24 23.98
CA ILE F 52 34.22 13.23 23.85
C ILE F 52 34.66 14.61 23.37
N ARG F 53 35.57 15.23 24.13
CA ARG F 53 36.03 16.58 23.84
C ARG F 53 37.41 16.51 23.16
N GLN F 54 37.48 17.01 21.93
CA GLN F 54 38.74 17.08 21.20
C GLN F 54 38.84 18.43 20.50
N ALA F 55 40.06 18.94 20.40
CA ALA F 55 40.30 20.24 19.79
C ALA F 55 40.36 20.18 18.27
N GLY F 56 40.46 18.99 17.68
CA GLY F 56 40.54 18.89 16.24
C GLY F 56 39.27 19.34 15.54
N GLN F 57 38.12 19.00 16.10
CA GLN F 57 36.83 19.35 15.53
C GLN F 57 35.80 19.35 16.66
N GLY F 58 34.52 19.34 16.29
CA GLY F 58 33.47 19.37 17.28
C GLY F 58 33.44 18.14 18.16
N MET F 59 32.62 18.22 19.21
CA MET F 59 32.52 17.12 20.16
C MET F 59 31.87 15.89 19.50
N ILE F 60 32.23 14.72 20.02
CA ILE F 60 31.70 13.45 19.55
C ILE F 60 30.93 12.80 20.70
N LEU F 61 29.69 12.43 20.43
CA LEU F 61 28.83 11.83 21.43
C LEU F 61 28.92 10.32 21.33
N ALA F 62 29.30 9.67 22.43
CA ALA F 62 29.45 8.22 22.50
C ALA F 62 28.25 7.61 23.21
N VAL F 63 27.59 6.68 22.55
CA VAL F 63 26.39 6.02 23.07
C VAL F 63 26.63 4.52 23.13
N GLN F 64 26.34 3.92 24.27
CA GLN F 64 26.40 2.48 24.45
C GLN F 64 25.01 1.96 24.78
N GLY F 65 24.58 0.91 24.07
CA GLY F 65 23.20 0.47 24.14
C GLY F 65 22.85 -0.46 25.28
N VAL F 66 23.83 -1.01 25.99
CA VAL F 66 23.53 -1.96 27.05
C VAL F 66 24.28 -1.61 28.33
N GLN F 67 24.86 -0.41 28.38
CA GLN F 67 25.60 -0.01 29.58
C GLN F 67 24.67 0.37 30.72
N ASP F 68 23.49 0.91 30.41
CA ASP F 68 22.54 1.25 31.46
C ASP F 68 22.10 0.01 32.24
N TYR F 69 21.88 -1.09 31.53
CA TYR F 69 21.52 -2.34 32.18
C TYR F 69 22.65 -2.81 33.10
N ILE F 70 23.90 -2.71 32.65
CA ILE F 70 25.02 -3.21 33.44
C ILE F 70 25.18 -2.39 34.71
N ASN F 71 25.11 -1.06 34.62
CA ASN F 71 25.37 -0.23 35.78
C ASN F 71 24.21 -0.27 36.77
N ASN F 72 22.97 -0.27 36.26
CA ASN F 72 21.80 -0.19 37.12
C ASN F 72 21.36 -1.52 37.68
N GLU F 73 21.58 -2.62 36.95
CA GLU F 73 21.06 -3.93 37.33
C GLU F 73 22.16 -4.92 37.71
N LEU F 74 23.16 -5.10 36.85
CA LEU F 74 24.11 -6.19 37.05
C LEU F 74 25.12 -5.86 38.14
N ILE F 75 25.76 -4.69 38.06
CA ILE F 75 26.81 -4.35 39.03
C ILE F 75 26.28 -4.30 40.46
N PRO F 76 25.13 -3.71 40.77
CA PRO F 76 24.63 -3.76 42.15
C PRO F 76 24.35 -5.16 42.65
N SER F 77 24.12 -6.13 41.76
CA SER F 77 23.79 -7.49 42.14
C SER F 77 25.01 -8.42 42.19
N MET F 78 26.22 -7.88 42.01
CA MET F 78 27.41 -8.72 41.96
C MET F 78 27.65 -9.44 43.29
N ASN F 79 27.45 -8.73 44.41
CA ASN F 79 27.68 -9.33 45.72
C ASN F 79 26.57 -10.31 46.12
N GLN F 80 25.46 -10.35 45.40
CA GLN F 80 24.34 -11.22 45.72
C GLN F 80 24.21 -12.40 44.75
N LEU F 81 24.19 -12.14 43.45
CA LEU F 81 24.04 -13.20 42.47
C LEU F 81 25.36 -13.95 42.25
N SER F 82 25.25 -15.12 41.64
CA SER F 82 26.40 -15.93 41.32
C SER F 82 27.00 -15.50 39.98
N CYS F 83 28.26 -15.87 39.77
CA CYS F 83 28.97 -15.48 38.55
C CYS F 83 28.31 -16.10 37.32
N ASP F 84 27.82 -17.34 37.43
CA ASP F 84 27.14 -17.98 36.32
C ASP F 84 25.85 -17.24 35.95
N LEU F 85 25.09 -16.79 36.96
CA LEU F 85 23.83 -16.12 36.68
C LEU F 85 24.05 -14.74 36.06
N ILE F 86 25.12 -14.04 36.44
CA ILE F 86 25.38 -12.72 35.88
C ILE F 86 25.62 -12.81 34.38
N GLY F 87 26.42 -13.78 33.95
CA GLY F 87 26.68 -13.93 32.53
C GLY F 87 25.45 -14.29 31.72
N GLN F 88 24.55 -15.09 32.31
CA GLN F 88 23.34 -15.48 31.61
C GLN F 88 22.44 -14.27 31.34
N LYS F 89 22.31 -13.39 32.33
CA LYS F 89 21.46 -12.20 32.17
C LYS F 89 22.03 -11.24 31.14
N LEU F 90 23.35 -11.02 31.18
CA LEU F 90 23.97 -10.13 30.19
C LEU F 90 23.87 -10.70 28.79
N GLY F 91 24.06 -12.02 28.64
CA GLY F 91 23.97 -12.64 27.34
C GLY F 91 22.62 -12.48 26.70
N LEU F 92 21.55 -12.51 27.50
CA LEU F 92 20.21 -12.31 26.97
C LEU F 92 20.05 -10.93 26.36
N LYS F 93 20.57 -9.91 27.03
CA LYS F 93 20.48 -8.54 26.52
C LYS F 93 21.37 -8.34 25.30
N LEU F 94 22.56 -8.95 25.30
CA LEU F 94 23.48 -8.79 24.18
C LEU F 94 22.91 -9.36 22.89
N LEU F 95 22.26 -10.53 22.98
CA LEU F 95 21.72 -11.17 21.78
C LEU F 95 20.58 -10.36 21.19
N ARG F 96 19.76 -9.73 22.05
CA ARG F 96 18.68 -8.89 21.54
C ARG F 96 19.21 -7.62 20.90
N TYR F 97 20.30 -7.06 21.45
CA TYR F 97 20.91 -5.89 20.83
C TYR F 97 21.47 -6.21 19.45
N TYR F 98 22.08 -7.39 19.30
CA TYR F 98 22.61 -7.80 18.00
C TYR F 98 21.50 -7.93 16.97
N THR F 99 20.32 -8.38 17.39
CA THR F 99 19.20 -8.52 16.46
C THR F 99 18.78 -7.17 15.89
N GLU F 100 18.85 -6.12 16.71
CA GLU F 100 18.50 -4.78 16.23
C GLU F 100 19.59 -4.22 15.33
N ILE F 101 20.86 -4.48 15.65
CA ILE F 101 21.95 -4.06 14.78
C ILE F 101 21.86 -4.77 13.43
N LEU F 102 21.58 -6.08 13.46
CA LEU F 102 21.41 -6.82 12.22
C LEU F 102 20.22 -6.32 11.41
N SER F 103 19.12 -5.98 12.09
CA SER F 103 17.96 -5.45 11.39
C SER F 103 18.19 -4.05 10.86
N LEU F 104 19.21 -3.35 11.36
CA LEU F 104 19.49 -1.97 10.98
C LEU F 104 20.61 -1.89 9.95
N PHE F 105 21.76 -2.46 10.25
CA PHE F 105 22.94 -2.38 9.39
C PHE F 105 23.20 -3.67 8.61
N GLY F 106 22.24 -4.60 8.59
CA GLY F 106 22.45 -5.89 7.99
C GLY F 106 22.18 -5.93 6.50
N PRO F 107 21.86 -7.10 5.98
CA PRO F 107 21.62 -7.24 4.53
C PRO F 107 20.44 -6.44 4.02
N SER F 108 19.52 -6.03 4.90
CA SER F 108 18.42 -5.17 4.46
C SER F 108 18.92 -3.82 3.99
N LEU F 109 20.06 -3.36 4.51
CA LEU F 109 20.70 -2.13 4.07
C LEU F 109 21.61 -2.47 2.89
N ARG F 110 21.06 -2.33 1.68
CA ARG F 110 21.80 -2.76 0.50
C ARG F 110 22.95 -1.80 0.19
N ASP F 111 22.71 -0.49 0.28
CA ASP F 111 23.72 0.52 -0.03
C ASP F 111 23.97 1.36 1.22
N PRO F 112 24.98 1.01 2.02
CA PRO F 112 25.20 1.74 3.27
C PRO F 112 25.82 3.12 3.09
N ILE F 113 26.22 3.48 1.87
CA ILE F 113 26.90 4.76 1.63
C ILE F 113 25.89 5.87 1.41
N SER F 114 24.90 5.65 0.55
CA SER F 114 23.88 6.63 0.23
C SER F 114 22.59 6.40 1.00
N ALA F 115 22.69 5.93 2.24
CA ALA F 115 21.53 5.58 3.05
C ALA F 115 21.32 6.63 4.13
N GLU F 116 20.07 7.09 4.26
CA GLU F 116 19.66 8.02 5.31
C GLU F 116 18.92 7.26 6.39
N ILE F 117 19.37 7.37 7.63
CA ILE F 117 18.76 6.67 8.76
C ILE F 117 18.22 7.70 9.73
N SER F 118 16.91 7.63 9.99
CA SER F 118 16.29 8.56 10.92
C SER F 118 16.71 8.25 12.35
N ILE F 119 16.61 9.27 13.21
CA ILE F 119 16.96 9.10 14.61
C ILE F 119 15.98 8.15 15.29
N GLN F 120 14.72 8.11 14.82
CA GLN F 120 13.75 7.18 15.38
C GLN F 120 14.13 5.74 15.07
N ALA F 121 14.60 5.47 13.85
CA ALA F 121 15.00 4.12 13.49
C ALA F 121 16.23 3.65 14.26
N LEU F 122 17.01 4.59 14.81
CA LEU F 122 18.18 4.27 15.61
C LEU F 122 17.87 4.15 17.09
N SER F 123 16.59 4.11 17.47
CA SER F 123 16.20 4.24 18.87
C SER F 123 16.78 3.12 19.72
N TYR F 124 16.58 1.87 19.32
CA TYR F 124 17.08 0.75 20.12
C TYR F 124 18.61 0.72 20.12
N ALA F 125 19.24 1.04 18.97
CA ALA F 125 20.69 1.06 18.90
C ALA F 125 21.30 2.12 19.80
N LEU F 126 20.53 3.13 20.18
CA LEU F 126 21.00 4.20 21.07
C LEU F 126 20.71 3.91 22.54
N GLY F 127 20.06 2.79 22.84
CA GLY F 127 19.67 2.48 24.21
C GLY F 127 18.18 2.40 24.44
N GLY F 128 17.34 2.61 23.41
CA GLY F 128 15.91 2.52 23.53
C GLY F 128 15.19 3.84 23.57
N ASP F 129 15.89 4.94 23.82
CA ASP F 129 15.28 6.26 23.93
C ASP F 129 16.20 7.30 23.31
N ILE F 130 15.61 8.27 22.61
CA ILE F 130 16.37 9.30 21.90
C ILE F 130 16.22 10.67 22.52
N ASN F 131 15.44 10.81 23.59
CA ASN F 131 15.25 12.12 24.21
C ASN F 131 16.54 12.63 24.85
N LYS F 132 17.29 11.74 25.51
CA LYS F 132 18.55 12.14 26.13
C LYS F 132 19.65 12.35 25.10
N VAL F 133 19.57 11.65 23.96
CA VAL F 133 20.54 11.86 22.90
C VAL F 133 20.36 13.24 22.28
N LEU F 134 19.11 13.63 22.01
CA LEU F 134 18.84 14.95 21.44
C LEU F 134 19.25 16.07 22.39
N GLU F 135 19.04 15.86 23.69
CA GLU F 135 19.41 16.88 24.67
C GLU F 135 20.91 17.09 24.71
N LYS F 136 21.69 16.01 24.68
CA LYS F 136 23.14 16.13 24.73
C LYS F 136 23.74 16.49 23.38
N LEU F 137 22.96 16.36 22.30
CA LEU F 137 23.40 16.83 20.99
C LEU F 137 23.15 18.31 20.78
N GLY F 138 22.48 18.97 21.73
CA GLY F 138 22.11 20.35 21.58
C GLY F 138 20.88 20.60 20.73
N TYR F 139 20.15 19.55 20.38
CA TYR F 139 18.97 19.69 19.52
C TYR F 139 17.78 20.08 20.36
N SER F 140 17.36 21.34 20.25
CA SER F 140 16.21 21.83 21.01
C SER F 140 15.66 23.06 20.31
N GLY F 141 14.45 23.44 20.69
CA GLY F 141 13.82 24.60 20.10
C GLY F 141 12.32 24.37 19.99
N GLY F 142 11.66 25.36 19.40
CA GLY F 142 10.22 25.29 19.20
C GLY F 142 9.79 24.47 18.02
N ASP F 143 10.72 24.06 17.16
CA ASP F 143 10.42 23.27 15.97
C ASP F 143 10.89 21.83 16.09
N LEU F 144 11.29 21.40 17.29
CA LEU F 144 11.78 20.03 17.44
C LEU F 144 10.68 19.00 17.19
N LEU F 145 9.48 19.25 17.71
CA LEU F 145 8.40 18.28 17.54
C LEU F 145 7.98 18.13 16.09
N GLY F 146 7.87 19.25 15.37
CA GLY F 146 7.54 19.17 13.95
C GLY F 146 8.63 18.53 13.13
N ILE F 147 9.89 18.84 13.44
CA ILE F 147 11.02 18.21 12.76
C ILE F 147 11.06 16.72 13.07
N LEU F 148 10.85 16.35 14.33
CA LEU F 148 10.93 14.94 14.73
C LEU F 148 9.84 14.11 14.06
N GLU F 149 8.63 14.67 13.95
CA GLU F 149 7.52 13.92 13.35
C GLU F 149 7.78 13.64 11.87
N SER F 150 8.36 14.61 11.15
CA SER F 150 8.68 14.43 9.74
C SER F 150 9.92 13.59 9.52
N ARG F 151 10.56 13.10 10.59
CA ARG F 151 11.80 12.33 10.49
C ARG F 151 12.88 13.13 9.77
N GLY F 152 13.01 14.40 10.14
CA GLY F 152 13.98 15.28 9.52
C GLY F 152 15.39 15.16 10.04
N ILE F 153 15.60 14.48 11.16
CA ILE F 153 16.93 14.28 11.72
C ILE F 153 17.41 12.91 11.27
N LYS F 154 18.30 12.91 10.27
CA LYS F 154 18.80 11.69 9.66
C LYS F 154 20.31 11.60 9.83
N ALA F 155 20.82 10.37 9.83
CA ALA F 155 22.23 10.10 10.01
C ALA F 155 22.78 9.35 8.81
N ARG F 156 24.09 9.48 8.59
CA ARG F 156 24.79 8.80 7.51
C ARG F 156 25.98 8.06 8.08
N ILE F 157 26.26 6.88 7.54
CA ILE F 157 27.40 6.09 8.00
C ILE F 157 28.69 6.64 7.39
N THR F 158 29.68 6.86 8.23
CA THR F 158 30.91 7.57 7.88
C THR F 158 32.16 6.75 8.11
N HIS F 159 32.15 5.88 9.12
CA HIS F 159 33.29 5.01 9.41
C HIS F 159 32.78 3.83 10.22
N VAL F 160 33.34 2.66 9.95
CA VAL F 160 33.09 1.44 10.71
C VAL F 160 34.44 0.84 11.10
N ASP F 161 34.62 0.58 12.39
CA ASP F 161 35.87 0.03 12.90
C ASP F 161 35.58 -1.38 13.42
N THR F 162 36.18 -2.38 12.77
CA THR F 162 36.01 -3.76 13.19
C THR F 162 37.03 -4.19 14.24
N GLU F 163 38.03 -3.36 14.52
CA GLU F 163 39.03 -3.72 15.53
C GLU F 163 38.56 -3.35 16.92
N SER F 164 37.86 -2.22 17.06
CA SER F 164 37.31 -1.79 18.34
C SER F 164 35.78 -1.82 18.36
N TYR F 165 35.14 -2.21 17.26
CA TYR F 165 33.70 -2.43 17.21
C TYR F 165 32.92 -1.15 17.57
N PHE F 166 33.04 -0.17 16.68
CA PHE F 166 32.21 1.03 16.80
C PHE F 166 31.87 1.55 15.41
N ILE F 167 30.76 2.27 15.34
CA ILE F 167 30.24 2.87 14.11
C ILE F 167 30.14 4.37 14.32
N VAL F 168 30.70 5.14 13.38
CA VAL F 168 30.68 6.59 13.42
C VAL F 168 29.67 7.09 12.38
N LEU F 169 28.67 7.84 12.84
CA LEU F 169 27.66 8.43 11.97
C LEU F 169 27.68 9.94 12.09
N SER F 170 27.26 10.62 11.02
CA SER F 170 27.15 12.06 10.96
C SER F 170 25.67 12.42 11.00
N ILE F 171 25.24 13.06 12.08
CA ILE F 171 23.84 13.41 12.30
C ILE F 171 23.69 14.92 12.20
N ALA F 172 22.71 15.38 11.42
CA ALA F 172 22.55 16.79 11.13
C ALA F 172 21.14 17.25 11.50
N TYR F 173 21.07 18.36 12.24
CA TYR F 173 19.79 18.98 12.55
C TYR F 173 19.34 19.85 11.38
N PRO F 174 18.19 19.60 10.78
CA PRO F 174 17.80 20.35 9.58
C PRO F 174 17.43 21.79 9.91
N THR F 175 17.49 22.63 8.88
CA THR F 175 17.04 24.00 8.95
C THR F 175 15.93 24.20 7.92
N LEU F 176 14.98 25.07 8.24
CA LEU F 176 13.75 25.19 7.47
C LEU F 176 13.80 26.44 6.60
N SER F 177 13.41 26.29 5.33
CA SER F 177 13.33 27.39 4.40
C SER F 177 12.03 27.29 3.62
N GLU F 178 11.39 28.43 3.37
CA GLU F 178 10.09 28.48 2.72
C GLU F 178 10.27 28.57 1.21
N ILE F 179 9.52 27.74 0.48
CA ILE F 179 9.55 27.76 -0.98
C ILE F 179 8.59 28.87 -1.43
N LYS F 180 9.15 29.95 -1.96
CA LYS F 180 8.36 31.11 -2.32
C LYS F 180 7.44 30.82 -3.50
N GLY F 181 6.22 31.31 -3.42
CA GLY F 181 5.25 31.14 -4.48
C GLY F 181 4.49 29.84 -4.48
N VAL F 182 4.60 29.05 -3.41
CA VAL F 182 3.97 27.73 -3.32
C VAL F 182 2.94 27.77 -2.21
N ILE F 183 1.69 27.44 -2.54
CA ILE F 183 0.58 27.39 -1.59
C ILE F 183 0.02 25.97 -1.59
N VAL F 184 -0.15 25.41 -0.39
CA VAL F 184 -0.69 24.06 -0.23
C VAL F 184 -2.13 24.19 0.27
N HIS F 185 -3.07 23.67 -0.50
CA HIS F 185 -4.49 23.74 -0.19
C HIS F 185 -4.98 22.37 0.25
N ARG F 186 -5.69 22.33 1.38
CA ARG F 186 -6.41 21.13 1.81
C ARG F 186 -7.85 21.24 1.35
N LEU F 187 -8.35 20.22 0.68
CA LEU F 187 -9.68 20.23 0.09
C LEU F 187 -10.63 19.33 0.87
N GLU F 188 -11.89 19.73 0.91
CA GLU F 188 -12.95 18.98 1.55
C GLU F 188 -14.12 18.88 0.58
N GLY F 189 -14.96 17.87 0.77
CA GLY F 189 -16.08 17.67 -0.13
C GLY F 189 -17.30 17.11 0.54
N VAL F 190 -18.45 17.34 -0.10
CA VAL F 190 -19.72 16.76 0.31
C VAL F 190 -20.34 16.10 -0.90
N SER F 191 -21.24 15.15 -0.64
CA SER F 191 -21.90 14.42 -1.70
C SER F 191 -23.03 15.25 -2.30
N TYR F 192 -23.58 14.77 -3.41
CA TYR F 192 -24.72 15.41 -4.05
C TYR F 192 -25.50 14.34 -4.79
N ASN F 193 -26.78 14.61 -5.01
CA ASN F 193 -27.72 13.64 -5.56
C ASN F 193 -28.11 14.02 -6.99
N ILE F 194 -27.95 13.08 -7.91
CA ILE F 194 -28.53 13.17 -9.24
C ILE F 194 -29.71 12.21 -9.25
N GLY F 195 -30.92 12.75 -9.31
CA GLY F 195 -32.11 11.94 -9.16
C GLY F 195 -32.16 11.27 -7.80
N SER F 196 -31.93 9.96 -7.76
CA SER F 196 -31.95 9.20 -6.53
C SER F 196 -30.59 8.61 -6.17
N GLN F 197 -29.55 8.91 -6.95
CA GLN F 197 -28.22 8.39 -6.69
C GLN F 197 -27.34 9.46 -6.05
N GLU F 198 -26.58 9.05 -5.04
CA GLU F 198 -25.68 9.96 -4.34
C GLU F 198 -24.30 9.88 -4.98
N TRP F 199 -23.77 11.03 -5.41
CA TRP F 199 -22.51 11.11 -6.12
C TRP F 199 -21.49 11.92 -5.34
N TYR F 200 -20.22 11.73 -5.69
CA TYR F 200 -19.11 12.38 -5.01
C TYR F 200 -18.05 12.75 -6.04
N THR F 201 -17.54 13.98 -5.95
CA THR F 201 -16.51 14.44 -6.86
C THR F 201 -15.14 13.98 -6.39
N THR F 202 -14.40 13.31 -7.28
CA THR F 202 -13.09 12.77 -6.95
C THR F 202 -12.03 13.84 -7.17
N VAL F 203 -11.51 14.39 -6.09
CA VAL F 203 -10.47 15.42 -6.16
C VAL F 203 -9.35 15.05 -5.19
N PRO F 204 -8.11 15.48 -5.43
CA PRO F 204 -7.04 15.20 -4.48
C PRO F 204 -7.30 15.87 -3.14
N LYS F 205 -6.86 15.22 -2.08
CA LYS F 205 -7.05 15.77 -0.74
C LYS F 205 -6.16 16.99 -0.51
N TYR F 206 -5.02 17.06 -1.18
CA TYR F 206 -4.10 18.18 -1.12
C TYR F 206 -3.70 18.57 -2.53
N VAL F 207 -3.67 19.88 -2.79
CA VAL F 207 -3.15 20.41 -4.04
C VAL F 207 -2.17 21.53 -3.73
N ALA F 208 -1.29 21.80 -4.68
CA ALA F 208 -0.27 22.83 -4.54
C ALA F 208 -0.46 23.88 -5.62
N THR F 209 -0.25 25.14 -5.24
CA THR F 209 -0.38 26.29 -6.13
C THR F 209 0.96 26.96 -6.33
N GLN F 210 1.33 27.18 -7.60
CA GLN F 210 2.54 27.92 -7.95
C GLN F 210 2.20 28.77 -9.17
N GLY F 211 1.76 30.00 -8.93
CA GLY F 211 1.35 30.88 -10.00
C GLY F 211 0.14 30.37 -10.76
N TYR F 212 0.35 29.96 -12.00
CA TYR F 212 -0.71 29.40 -12.85
C TYR F 212 -0.75 27.88 -12.80
N LEU F 213 0.28 27.23 -12.28
CA LEU F 213 0.39 25.78 -12.33
C LEU F 213 -0.18 25.15 -11.07
N ILE F 214 -1.01 24.13 -11.25
CA ILE F 214 -1.53 23.31 -10.16
C ILE F 214 -0.80 21.97 -10.20
N SER F 215 -0.46 21.44 -9.03
CA SER F 215 0.26 20.18 -8.97
C SER F 215 -0.21 19.41 -7.75
N ASN F 216 0.06 18.11 -7.76
CA ASN F 216 -0.27 17.26 -6.63
C ASN F 216 0.67 17.55 -5.46
N PHE F 217 0.35 16.97 -4.31
CA PHE F 217 1.12 17.19 -3.10
C PHE F 217 1.08 15.91 -2.27
N ASP F 218 2.25 15.43 -1.86
CA ASP F 218 2.37 14.20 -1.08
C ASP F 218 2.61 14.56 0.37
N GLU F 219 1.70 14.15 1.24
CA GLU F 219 1.74 14.50 2.66
C GLU F 219 2.32 13.39 3.52
N SER F 220 2.99 12.41 2.91
CA SER F 220 3.54 11.30 3.67
C SER F 220 4.62 11.76 4.64
N SER F 221 5.51 12.64 4.19
CA SER F 221 6.62 13.14 5.00
C SER F 221 6.36 14.52 5.58
N CYS F 222 5.15 15.05 5.43
CA CYS F 222 4.82 16.40 5.82
C CYS F 222 4.01 16.40 7.11
N THR F 223 4.27 17.39 7.96
CA THR F 223 3.45 17.64 9.14
C THR F 223 2.89 19.06 9.07
N PHE F 224 1.61 19.20 9.35
CA PHE F 224 0.93 20.49 9.30
C PHE F 224 0.86 21.08 10.71
N MET F 225 2.02 21.50 11.19
CA MET F 225 2.12 22.07 12.53
C MET F 225 1.40 23.41 12.58
N PRO F 226 0.94 23.82 13.76
CA PRO F 226 0.23 25.12 13.86
C PRO F 226 1.05 26.29 13.37
N GLU F 227 2.37 26.28 13.58
CA GLU F 227 3.20 27.39 13.10
C GLU F 227 3.39 27.33 11.59
N GLY F 228 3.33 26.14 11.00
CA GLY F 228 3.49 26.02 9.56
C GLY F 228 3.62 24.57 9.15
N THR F 229 3.71 24.37 7.84
CA THR F 229 3.86 23.06 7.24
C THR F 229 5.32 22.83 6.87
N VAL F 230 5.93 21.81 7.45
CA VAL F 230 7.34 21.50 7.23
C VAL F 230 7.44 20.06 6.73
N CYS F 231 8.19 19.86 5.64
CA CYS F 231 8.31 18.58 4.98
C CYS F 231 9.78 18.17 4.90
N SER F 232 10.06 16.91 5.24
CA SER F 232 11.44 16.43 5.16
C SER F 232 11.88 16.27 3.72
N GLN F 233 11.04 15.65 2.89
CA GLN F 233 11.30 15.53 1.46
C GLN F 233 10.44 16.53 0.69
N ASN F 234 10.79 16.72 -0.57
CA ASN F 234 9.95 17.52 -1.46
C ASN F 234 8.66 16.78 -1.76
N ALA F 235 7.55 17.51 -1.80
CA ALA F 235 6.23 16.91 -1.90
C ALA F 235 5.48 17.23 -3.19
N LEU F 236 5.95 18.18 -3.98
CA LEU F 236 5.25 18.57 -5.20
C LEU F 236 5.59 17.62 -6.33
N TYR F 237 4.59 16.91 -6.84
CA TYR F 237 4.75 16.13 -8.05
C TYR F 237 3.66 16.50 -9.04
N PRO F 238 3.93 16.35 -10.34
CA PRO F 238 3.03 16.95 -11.34
C PRO F 238 1.63 16.35 -11.33
N MET F 239 0.69 17.17 -11.77
CA MET F 239 -0.72 16.78 -11.91
C MET F 239 -1.06 16.70 -13.39
N SER F 240 -1.91 15.75 -13.75
CA SER F 240 -2.29 15.57 -15.15
C SER F 240 -3.05 16.80 -15.64
N PRO F 241 -2.86 17.20 -16.90
CA PRO F 241 -3.55 18.39 -17.40
C PRO F 241 -5.06 18.33 -17.28
N LEU F 242 -5.66 17.14 -17.44
CA LEU F 242 -7.11 17.02 -17.32
C LEU F 242 -7.57 17.32 -15.90
N LEU F 243 -6.85 16.82 -14.90
CA LEU F 243 -7.19 17.12 -13.51
C LEU F 243 -6.93 18.59 -13.17
N GLN F 244 -6.03 19.25 -13.92
CA GLN F 244 -5.77 20.66 -13.68
C GLN F 244 -6.89 21.54 -14.22
N GLU F 245 -7.52 21.14 -15.33
CA GLU F 245 -8.69 21.86 -15.82
C GLU F 245 -9.87 21.69 -14.87
N CYS F 246 -9.94 20.56 -14.17
CA CYS F 246 -11.01 20.35 -13.19
C CYS F 246 -10.94 21.38 -12.07
N LEU F 247 -9.74 21.64 -11.56
CA LEU F 247 -9.57 22.55 -10.44
C LEU F 247 -9.57 24.02 -10.88
N ARG F 248 -9.43 24.28 -12.17
CA ARG F 248 -9.42 25.65 -12.69
C ARG F 248 -10.78 26.12 -13.14
N GLY F 249 -11.84 25.33 -12.95
CA GLY F 249 -13.18 25.79 -13.25
C GLY F 249 -14.02 24.85 -14.07
N SER F 250 -13.40 24.08 -14.97
CA SER F 250 -14.14 23.17 -15.86
C SER F 250 -14.70 22.03 -15.03
N THR F 251 -16.01 22.08 -14.76
CA THR F 251 -16.64 21.05 -13.94
C THR F 251 -16.90 19.76 -14.71
N LYS F 252 -16.90 19.81 -16.04
CA LYS F 252 -17.06 18.61 -16.84
C LYS F 252 -15.79 17.77 -16.91
N SER F 253 -14.66 18.32 -16.48
CA SER F 253 -13.40 17.59 -16.45
C SER F 253 -13.15 16.91 -15.12
N CYS F 254 -14.09 16.98 -14.19
CA CYS F 254 -13.96 16.36 -12.87
C CYS F 254 -14.72 15.03 -12.89
N ALA F 255 -14.08 13.98 -12.38
CA ALA F 255 -14.70 12.66 -12.33
C ALA F 255 -15.47 12.49 -11.04
N ARG F 256 -16.64 11.85 -11.15
CA ARG F 256 -17.51 11.60 -10.00
C ARG F 256 -17.62 10.10 -9.76
N THR F 257 -17.80 9.73 -8.50
CA THR F 257 -17.92 8.34 -8.11
C THR F 257 -19.13 8.16 -7.20
N LEU F 258 -19.66 6.95 -7.19
CA LEU F 258 -20.80 6.66 -6.33
C LEU F 258 -20.36 6.58 -4.87
N VAL F 259 -21.35 6.71 -3.99
CA VAL F 259 -21.11 6.85 -2.56
C VAL F 259 -21.12 5.47 -1.90
N SER F 260 -20.15 5.24 -1.03
CA SER F 260 -19.99 3.97 -0.34
C SER F 260 -20.96 3.89 0.83
N GLY F 261 -20.79 2.87 1.68
CA GLY F 261 -21.66 2.70 2.84
C GLY F 261 -21.18 3.40 4.09
N SER F 262 -19.88 3.72 4.14
CA SER F 262 -19.28 4.39 5.29
C SER F 262 -19.10 5.88 5.06
N PHE F 263 -20.02 6.52 4.34
CA PHE F 263 -19.89 7.91 3.95
C PHE F 263 -20.69 8.77 4.93
N GLY F 264 -19.97 9.50 5.79
CA GLY F 264 -20.60 10.41 6.72
C GLY F 264 -20.25 11.86 6.44
N ASN F 265 -20.15 12.22 5.16
CA ASN F 265 -19.83 13.57 4.73
C ASN F 265 -20.93 14.05 3.80
N ARG F 266 -22.01 14.55 4.39
CA ARG F 266 -23.16 15.01 3.63
C ARG F 266 -23.55 16.45 3.93
N PHE F 267 -22.84 17.13 4.83
CA PHE F 267 -23.05 18.55 5.06
C PHE F 267 -21.75 19.16 5.56
N ILE F 268 -21.46 20.37 5.08
CA ILE F 268 -20.27 21.12 5.47
C ILE F 268 -20.72 22.51 5.95
N LEU F 269 -20.05 23.03 6.98
CA LEU F 269 -20.25 24.40 7.42
C LEU F 269 -19.21 25.28 6.74
N SER F 270 -19.67 26.30 6.02
CA SER F 270 -18.77 27.15 5.24
C SER F 270 -19.43 28.51 5.05
N GLN F 271 -18.82 29.57 5.60
CA GLN F 271 -19.31 30.93 5.48
C GLN F 271 -20.56 31.14 6.32
N GLY F 272 -20.62 30.44 7.45
CA GLY F 272 -21.73 30.51 8.38
C GLY F 272 -22.98 29.84 7.87
N ASN F 273 -22.91 29.16 6.74
CA ASN F 273 -24.05 28.51 6.10
C ASN F 273 -23.88 27.00 6.22
N LEU F 274 -24.79 26.26 5.62
CA LEU F 274 -24.75 24.80 5.67
C LEU F 274 -24.95 24.26 4.25
N ILE F 275 -23.87 23.78 3.64
CA ILE F 275 -23.95 23.10 2.35
C ILE F 275 -24.31 21.64 2.68
N ALA F 276 -25.56 21.26 2.45
CA ALA F 276 -26.04 19.95 2.85
C ALA F 276 -26.69 19.25 1.67
N ASN F 277 -26.59 17.92 1.66
CA ASN F 277 -27.31 17.09 0.70
C ASN F 277 -28.61 16.68 1.36
N CYS F 278 -29.66 17.47 1.14
CA CYS F 278 -30.94 17.22 1.77
C CYS F 278 -31.74 16.11 1.08
N ALA F 279 -31.27 15.60 -0.05
CA ALA F 279 -31.87 14.43 -0.66
C ALA F 279 -31.31 13.13 -0.10
N SER F 280 -30.25 13.20 0.69
CA SER F 280 -29.66 12.01 1.31
C SER F 280 -29.78 12.00 2.83
N ILE F 281 -30.01 13.14 3.46
CA ILE F 281 -30.28 13.22 4.88
C ILE F 281 -31.54 14.05 5.08
N LEU F 282 -31.99 14.13 6.33
CA LEU F 282 -33.19 14.86 6.69
C LEU F 282 -32.78 16.24 7.22
N CYS F 283 -33.09 17.28 6.45
CA CYS F 283 -32.87 18.66 6.86
C CYS F 283 -34.19 19.21 7.38
N LYS F 284 -34.22 19.58 8.66
CA LYS F 284 -35.41 20.08 9.31
C LYS F 284 -35.11 21.43 9.92
N CYS F 285 -36.05 22.37 9.75
CA CYS F 285 -35.90 23.73 10.28
C CYS F 285 -36.41 23.74 11.71
N TYR F 286 -35.48 23.90 12.67
CA TYR F 286 -35.88 23.84 14.08
C TYR F 286 -36.78 25.00 14.46
N THR F 287 -36.53 26.19 13.90
CA THR F 287 -37.30 27.37 14.26
C THR F 287 -38.75 27.29 13.81
N THR F 288 -39.08 26.38 12.90
CA THR F 288 -40.44 26.29 12.39
C THR F 288 -40.98 24.87 12.42
N GLY F 289 -40.09 23.88 12.40
CA GLY F 289 -40.49 22.49 12.29
C GLY F 289 -40.65 22.00 10.87
N THR F 290 -40.54 22.89 9.89
CA THR F 290 -40.66 22.50 8.49
C THR F 290 -39.44 21.70 8.07
N ILE F 291 -39.65 20.71 7.20
CA ILE F 291 -38.58 19.88 6.67
C ILE F 291 -38.14 20.46 5.33
N ILE F 292 -36.85 20.71 5.18
CA ILE F 292 -36.30 21.27 3.95
C ILE F 292 -36.18 20.16 2.93
N ASN F 293 -36.88 20.30 1.80
CA ASN F 293 -36.86 19.32 0.75
C ASN F 293 -35.94 19.75 -0.38
N GLN F 294 -35.47 18.78 -1.15
CA GLN F 294 -34.57 19.02 -2.28
C GLN F 294 -35.16 18.29 -3.49
N ASP F 295 -35.82 19.06 -4.36
CA ASP F 295 -36.41 18.50 -5.56
C ASP F 295 -35.33 17.91 -6.45
N PRO F 296 -35.62 16.83 -7.19
CA PRO F 296 -34.58 16.19 -8.00
C PRO F 296 -33.95 17.09 -9.06
N ASP F 297 -34.43 18.31 -9.25
CA ASP F 297 -33.74 19.24 -10.12
C ASP F 297 -32.60 19.97 -9.42
N LYS F 298 -32.43 19.75 -8.12
CA LYS F 298 -31.34 20.34 -7.34
C LYS F 298 -30.40 19.22 -6.89
N ILE F 299 -29.11 19.54 -6.83
CA ILE F 299 -28.13 18.58 -6.33
C ILE F 299 -27.56 18.99 -4.97
N LEU F 300 -27.59 20.27 -4.62
CA LEU F 300 -27.13 20.74 -3.33
C LEU F 300 -28.05 21.83 -2.83
N THR F 301 -28.06 22.02 -1.52
CA THR F 301 -28.86 23.04 -0.85
C THR F 301 -27.97 23.83 0.10
N TYR F 302 -28.03 25.14 0.01
CA TYR F 302 -27.31 26.03 0.91
C TYR F 302 -28.28 26.62 1.91
N ILE F 303 -28.06 26.36 3.19
CA ILE F 303 -28.97 26.76 4.26
C ILE F 303 -28.38 27.97 4.97
N ALA F 304 -29.17 29.04 5.04
CA ALA F 304 -28.77 30.29 5.69
C ALA F 304 -29.90 30.77 6.59
N ALA F 305 -29.57 31.73 7.45
CA ALA F 305 -30.54 32.30 8.38
C ALA F 305 -31.59 33.16 7.70
N ASP F 306 -31.44 33.46 6.41
CA ASP F 306 -32.43 34.26 5.72
C ASP F 306 -33.75 33.52 5.55
N HIS F 307 -33.74 32.19 5.67
CA HIS F 307 -34.95 31.39 5.68
C HIS F 307 -35.07 30.50 6.90
N CYS F 308 -33.97 29.91 7.35
CA CYS F 308 -33.96 28.96 8.46
C CYS F 308 -32.88 29.36 9.45
N PRO F 309 -33.20 30.18 10.45
CA PRO F 309 -32.17 30.62 11.40
C PRO F 309 -31.51 29.47 12.15
N VAL F 310 -32.25 28.43 12.51
CA VAL F 310 -31.72 27.25 13.19
C VAL F 310 -32.19 26.03 12.43
N VAL F 311 -31.25 25.19 12.02
CA VAL F 311 -31.53 24.01 11.20
C VAL F 311 -30.96 22.78 11.88
N GLU F 312 -31.64 21.65 11.71
CA GLU F 312 -31.20 20.38 12.25
C GLU F 312 -31.06 19.37 11.12
N VAL F 313 -29.87 18.77 11.01
CA VAL F 313 -29.59 17.73 10.03
C VAL F 313 -28.96 16.55 10.76
N ASN F 314 -29.43 15.34 10.43
CA ASN F 314 -28.94 14.11 11.06
C ASN F 314 -29.05 14.16 12.58
N GLY F 315 -30.08 14.83 13.09
CA GLY F 315 -30.29 14.90 14.52
C GLY F 315 -29.40 15.85 15.28
N VAL F 316 -28.58 16.63 14.57
CA VAL F 316 -27.72 17.63 15.21
C VAL F 316 -28.14 19.00 14.68
N THR F 317 -28.26 19.96 15.59
CA THR F 317 -28.82 21.28 15.26
C THR F 317 -27.70 22.33 15.23
N ILE F 318 -27.75 23.19 14.22
CA ILE F 318 -26.73 24.19 13.96
C ILE F 318 -27.39 25.53 13.69
N GLN F 319 -26.85 26.58 14.30
CA GLN F 319 -27.33 27.95 14.08
C GLN F 319 -26.53 28.58 12.95
N VAL F 320 -27.18 28.86 11.84
CA VAL F 320 -26.53 29.37 10.64
C VAL F 320 -26.60 30.89 10.60
N GLY F 321 -26.07 31.49 9.53
CA GLY F 321 -25.96 32.93 9.44
C GLY F 321 -26.24 33.50 8.07
N SER F 322 -26.01 34.80 7.92
CA SER F 322 -26.28 35.56 6.70
C SER F 322 -25.97 34.78 5.43
N ARG F 323 -26.88 34.87 4.46
CA ARG F 323 -26.73 34.19 3.18
C ARG F 323 -25.41 34.55 2.51
N ARG F 324 -24.63 33.51 2.16
CA ARG F 324 -23.35 33.69 1.49
C ARG F 324 -23.22 32.82 0.24
N TYR F 325 -24.27 32.12 -0.16
CA TYR F 325 -24.27 31.17 -1.26
C TYR F 325 -25.58 31.31 -2.03
N PRO F 326 -25.73 30.69 -3.20
CA PRO F 326 -27.04 30.68 -3.86
C PRO F 326 -28.01 29.80 -3.09
N ASP F 327 -29.27 29.80 -3.54
CA ASP F 327 -30.28 29.01 -2.87
C ASP F 327 -30.01 27.51 -3.02
N ALA F 328 -29.60 27.08 -4.21
CA ALA F 328 -29.33 25.68 -4.50
C ALA F 328 -28.58 25.60 -5.82
N VAL F 329 -28.12 24.39 -6.14
CA VAL F 329 -27.43 24.11 -7.38
C VAL F 329 -28.38 23.30 -8.26
N TYR F 330 -28.69 23.81 -9.44
CA TYR F 330 -29.62 23.15 -10.35
C TYR F 330 -28.88 22.22 -11.29
N LEU F 331 -29.49 21.07 -11.57
CA LEU F 331 -28.84 20.05 -12.41
C LEU F 331 -28.71 20.51 -13.85
N HIS F 332 -29.69 21.25 -14.36
CA HIS F 332 -29.67 21.63 -15.77
C HIS F 332 -28.74 22.80 -16.07
N ARG F 333 -28.25 23.51 -15.06
CA ARG F 333 -27.37 24.64 -15.25
C ARG F 333 -25.93 24.34 -14.87
N ILE F 334 -25.59 23.06 -14.71
CA ILE F 334 -24.23 22.64 -14.38
C ILE F 334 -23.83 21.51 -15.32
N ASP F 335 -22.52 21.38 -15.52
CA ASP F 335 -21.94 20.30 -16.29
C ASP F 335 -21.18 19.37 -15.36
N LEU F 336 -21.39 18.07 -15.50
CA LEU F 336 -20.79 17.08 -14.64
C LEU F 336 -19.98 16.10 -15.48
N GLY F 337 -18.91 15.58 -14.88
CA GLY F 337 -18.02 14.69 -15.58
C GLY F 337 -18.54 13.27 -15.64
N PRO F 338 -17.74 12.39 -16.21
CA PRO F 338 -18.15 10.99 -16.35
C PRO F 338 -17.96 10.24 -15.05
N PRO F 339 -18.82 9.27 -14.76
CA PRO F 339 -18.62 8.43 -13.58
C PRO F 339 -17.41 7.52 -13.74
N ILE F 340 -16.74 7.25 -12.63
CA ILE F 340 -15.56 6.41 -12.60
C ILE F 340 -15.65 5.48 -11.41
N SER F 341 -14.63 4.62 -11.27
CA SER F 341 -14.47 3.74 -10.12
C SER F 341 -12.99 3.63 -9.82
N LEU F 342 -12.62 3.94 -8.58
CA LEU F 342 -11.21 3.96 -8.17
C LEU F 342 -10.78 2.61 -7.61
N GLY F 343 -11.00 1.55 -8.35
CA GLY F 343 -10.68 0.21 -7.90
C GLY F 343 -9.61 -0.43 -8.77
N ARG F 344 -8.74 -1.22 -8.14
CA ARG F 344 -7.69 -1.92 -8.88
C ARG F 344 -8.30 -2.87 -9.91
N LEU F 345 -9.26 -3.69 -9.48
CA LEU F 345 -9.94 -4.60 -10.40
C LEU F 345 -10.96 -3.86 -11.27
N ASP F 346 -11.56 -2.80 -10.75
CA ASP F 346 -12.52 -2.03 -11.54
C ASP F 346 -11.83 -1.31 -12.69
N VAL F 347 -10.65 -0.76 -12.46
CA VAL F 347 -9.90 -0.11 -13.53
C VAL F 347 -9.49 -1.11 -14.59
N GLY F 348 -8.98 -2.27 -14.17
CA GLY F 348 -8.55 -3.27 -15.13
C GLY F 348 -9.68 -3.79 -16.01
N THR F 349 -10.86 -4.00 -15.40
CA THR F 349 -12.00 -4.46 -16.17
C THR F 349 -12.44 -3.41 -17.19
N ASN F 350 -12.45 -2.14 -16.78
CA ASN F 350 -12.87 -1.07 -17.69
C ASN F 350 -11.78 -0.72 -18.70
N LEU F 351 -10.52 -0.76 -18.29
CA LEU F 351 -9.44 -0.50 -19.23
C LEU F 351 -9.34 -1.59 -20.29
N GLY F 352 -9.48 -2.85 -19.87
CA GLY F 352 -9.44 -3.95 -20.84
C GLY F 352 -10.59 -3.89 -21.83
N ASN F 353 -11.78 -3.50 -21.36
CA ASN F 353 -12.91 -3.35 -22.25
C ASN F 353 -12.67 -2.22 -23.26
N ALA F 354 -12.09 -1.12 -22.80
CA ALA F 354 -11.81 0.00 -23.69
C ALA F 354 -10.72 -0.34 -24.69
N ILE F 355 -9.65 -1.00 -24.24
CA ILE F 355 -8.56 -1.37 -25.13
C ILE F 355 -9.03 -2.35 -26.19
N ALA F 356 -9.80 -3.37 -25.78
CA ALA F 356 -10.29 -4.35 -26.73
C ALA F 356 -11.25 -3.72 -27.74
N LYS F 357 -12.03 -2.74 -27.28
CA LYS F 357 -12.95 -2.04 -28.18
C LYS F 357 -12.20 -1.20 -29.20
N LEU F 358 -11.04 -0.65 -28.82
CA LEU F 358 -10.25 0.15 -29.75
C LEU F 358 -9.71 -0.70 -30.88
N GLU F 359 -9.25 -1.92 -30.59
CA GLU F 359 -8.70 -2.79 -31.62
C GLU F 359 -9.78 -3.26 -32.60
N ASP F 360 -11.03 -3.35 -32.14
CA ASP F 360 -12.11 -3.79 -33.01
C ASP F 360 -12.37 -2.80 -34.15
N ALA F 361 -11.95 -1.55 -34.00
CA ALA F 361 -12.11 -0.54 -35.03
C ALA F 361 -10.76 0.06 -35.42
N LYS F 362 -9.68 -0.70 -35.22
CA LYS F 362 -8.34 -0.20 -35.51
C LYS F 362 -8.18 0.11 -36.99
N GLU F 363 -8.70 -0.75 -37.87
CA GLU F 363 -8.57 -0.52 -39.30
C GLU F 363 -9.28 0.77 -39.72
N LEU F 364 -10.46 1.03 -39.15
CA LEU F 364 -11.16 2.27 -39.45
C LEU F 364 -10.40 3.49 -38.96
N LEU F 365 -9.83 3.41 -37.76
CA LEU F 365 -9.12 4.57 -37.20
C LEU F 365 -7.90 4.93 -38.01
N GLU F 366 -7.11 3.93 -38.43
CA GLU F 366 -5.92 4.22 -39.22
C GLU F 366 -6.28 4.68 -40.63
N SER F 367 -7.39 4.19 -41.17
CA SER F 367 -7.86 4.61 -42.50
C SER F 367 -8.78 5.82 -42.39
N SER F 368 -8.30 6.88 -41.76
CA SER F 368 -9.08 8.10 -41.59
C SER F 368 -8.85 9.05 -42.77
N ASP F 369 -9.14 8.53 -43.97
CA ASP F 369 -9.02 9.29 -45.20
C ASP F 369 -10.35 9.77 -45.73
N GLN F 370 -11.47 9.33 -45.15
CA GLN F 370 -12.78 9.80 -45.59
C GLN F 370 -13.03 11.25 -45.22
N ILE F 371 -12.23 11.83 -44.32
CA ILE F 371 -12.35 13.26 -44.03
C ILE F 371 -12.01 14.07 -45.27
N LEU F 372 -10.94 13.70 -45.97
CA LEU F 372 -10.58 14.36 -47.21
C LEU F 372 -11.46 13.92 -48.37
N ARG F 373 -11.93 12.67 -48.34
CA ARG F 373 -12.75 12.15 -49.43
C ARG F 373 -14.08 12.89 -49.53
N SER F 374 -14.70 13.17 -48.40
CA SER F 374 -15.98 13.87 -48.39
C SER F 374 -15.94 15.10 -47.49
N ASP G 20 -44.20 -27.54 -16.98
CA ASP G 20 -43.20 -28.50 -16.58
C ASP G 20 -43.23 -29.74 -17.46
N VAL G 21 -42.47 -30.77 -17.08
CA VAL G 21 -42.36 -32.01 -17.82
C VAL G 21 -43.14 -33.09 -17.09
N GLN G 22 -43.99 -33.80 -17.82
CA GLN G 22 -44.81 -34.87 -17.25
C GLN G 22 -44.09 -36.21 -17.45
N ILE G 23 -43.95 -36.96 -16.36
CA ILE G 23 -43.30 -38.26 -16.38
C ILE G 23 -44.31 -39.30 -15.92
N THR G 24 -44.47 -40.35 -16.72
CA THR G 24 -45.36 -41.47 -16.42
C THR G 24 -44.55 -42.72 -16.17
N GLN G 25 -44.77 -43.37 -15.04
CA GLN G 25 -44.05 -44.57 -14.65
C GLN G 25 -45.00 -45.76 -14.65
N SER G 26 -44.64 -46.80 -15.38
CA SER G 26 -45.45 -48.01 -15.49
C SER G 26 -44.55 -49.23 -15.35
N PRO G 27 -45.07 -50.34 -14.82
CA PRO G 27 -46.42 -50.55 -14.29
C PRO G 27 -46.56 -50.06 -12.86
N SER G 28 -47.78 -49.81 -12.39
CA SER G 28 -47.98 -49.40 -11.00
C SER G 28 -47.61 -50.51 -10.03
N TYR G 29 -47.99 -51.75 -10.35
CA TYR G 29 -47.69 -52.91 -9.53
C TYR G 29 -47.10 -54.01 -10.40
N LEU G 30 -46.11 -54.70 -9.86
CA LEU G 30 -45.45 -55.79 -10.58
C LEU G 30 -45.22 -56.95 -9.64
N ALA G 31 -45.59 -58.15 -10.08
CA ALA G 31 -45.41 -59.37 -9.31
C ALA G 31 -44.33 -60.22 -9.98
N ALA G 32 -43.35 -60.64 -9.21
CA ALA G 32 -42.23 -61.42 -9.73
C ALA G 32 -41.71 -62.35 -8.64
N SER G 33 -40.70 -63.13 -8.99
CA SER G 33 -40.08 -64.10 -8.10
C SER G 33 -38.57 -63.91 -8.13
N PRO G 34 -37.88 -64.32 -7.07
CA PRO G 34 -36.41 -64.19 -7.05
C PRO G 34 -35.78 -64.95 -8.19
N GLY G 35 -34.72 -64.37 -8.75
CA GLY G 35 -34.04 -64.94 -9.90
C GLY G 35 -34.59 -64.51 -11.25
N GLU G 36 -35.65 -63.72 -11.27
CA GLU G 36 -36.27 -63.27 -12.50
C GLU G 36 -35.77 -61.88 -12.88
N THR G 37 -35.96 -61.52 -14.15
CA THR G 37 -35.58 -60.22 -14.68
C THR G 37 -36.82 -59.38 -14.93
N ILE G 38 -36.83 -58.16 -14.41
CA ILE G 38 -37.96 -57.25 -14.55
C ILE G 38 -37.49 -55.99 -15.28
N THR G 39 -38.45 -55.19 -15.74
CA THR G 39 -38.15 -53.98 -16.48
C THR G 39 -39.24 -52.94 -16.21
N ILE G 40 -38.83 -51.75 -15.81
CA ILE G 40 -39.73 -50.63 -15.53
C ILE G 40 -39.41 -49.51 -16.51
N ASN G 41 -40.44 -49.01 -17.19
CA ASN G 41 -40.28 -48.00 -18.23
C ASN G 41 -40.88 -46.68 -17.78
N CYS G 42 -40.16 -45.59 -18.02
CA CYS G 42 -40.61 -44.24 -17.70
C CYS G 42 -40.57 -43.39 -18.95
N ARG G 43 -41.64 -42.64 -19.19
CA ARG G 43 -41.78 -41.81 -20.38
C ARG G 43 -41.99 -40.36 -19.96
N ALA G 44 -41.27 -39.46 -20.64
CA ALA G 44 -41.36 -38.04 -20.38
C ALA G 44 -42.00 -37.33 -21.56
N SER G 45 -42.82 -36.32 -21.27
CA SER G 45 -43.54 -35.60 -22.34
C SER G 45 -42.58 -34.90 -23.28
N LYS G 46 -41.56 -34.24 -22.74
CA LYS G 46 -40.57 -33.53 -23.52
C LYS G 46 -39.20 -34.15 -23.32
N SER G 47 -38.35 -34.04 -24.34
CA SER G 47 -37.02 -34.61 -24.28
C SER G 47 -36.22 -33.99 -23.14
N ILE G 48 -35.60 -34.84 -22.33
CA ILE G 48 -34.79 -34.41 -21.19
C ILE G 48 -33.35 -34.88 -21.31
N SER G 49 -32.90 -35.16 -22.53
CA SER G 49 -31.56 -35.70 -22.79
C SER G 49 -31.43 -37.02 -22.05
N LYS G 50 -30.33 -37.28 -21.35
CA LYS G 50 -30.13 -38.53 -20.63
C LYS G 50 -30.36 -38.39 -19.14
N TYR G 51 -30.94 -37.28 -18.69
CA TYR G 51 -30.93 -36.92 -17.28
C TYR G 51 -32.18 -37.47 -16.61
N LEU G 52 -32.04 -38.63 -15.97
CA LEU G 52 -33.10 -39.25 -15.20
C LEU G 52 -32.48 -40.04 -14.06
N ALA G 53 -33.13 -40.04 -12.90
CA ALA G 53 -32.63 -40.71 -11.72
C ALA G 53 -33.64 -41.75 -11.24
N TRP G 54 -33.13 -42.83 -10.67
CA TRP G 54 -33.95 -43.91 -10.13
C TRP G 54 -33.68 -44.06 -8.64
N TYR G 55 -34.75 -44.25 -7.88
CA TYR G 55 -34.66 -44.34 -6.43
C TYR G 55 -35.39 -45.59 -5.95
N GLN G 56 -34.99 -46.06 -4.76
CA GLN G 56 -35.60 -47.20 -4.11
C GLN G 56 -36.15 -46.78 -2.77
N GLU G 57 -37.43 -47.07 -2.53
CA GLU G 57 -38.10 -46.74 -1.27
C GLU G 57 -38.45 -48.03 -0.53
N LYS G 58 -37.98 -48.16 0.71
CA LYS G 58 -38.26 -49.32 1.54
C LYS G 58 -38.79 -48.83 2.89
N PRO G 59 -39.87 -49.41 3.39
CA PRO G 59 -40.39 -48.98 4.70
C PRO G 59 -39.38 -49.20 5.80
N GLY G 60 -39.31 -48.23 6.73
CA GLY G 60 -38.39 -48.30 7.84
C GLY G 60 -36.98 -47.83 7.54
N LYS G 61 -36.68 -47.46 6.29
CA LYS G 61 -35.35 -47.00 5.92
C LYS G 61 -35.48 -45.85 4.93
N THR G 62 -34.43 -45.05 4.84
CA THR G 62 -34.42 -43.89 3.97
C THR G 62 -34.24 -44.31 2.51
N ASN G 63 -34.62 -43.40 1.60
CA ASN G 63 -34.54 -43.69 0.18
C ASN G 63 -33.08 -43.76 -0.27
N GLU G 64 -32.84 -44.54 -1.31
CA GLU G 64 -31.50 -44.75 -1.86
C GLU G 64 -31.49 -44.45 -3.34
N LEU G 65 -30.50 -43.70 -3.79
CA LEU G 65 -30.31 -43.45 -5.20
C LEU G 65 -29.64 -44.66 -5.85
N LEU G 66 -30.24 -45.18 -6.92
CA LEU G 66 -29.70 -46.32 -7.63
C LEU G 66 -28.96 -45.90 -8.90
N ILE G 67 -29.65 -45.20 -9.80
CA ILE G 67 -29.10 -44.78 -11.08
C ILE G 67 -29.31 -43.27 -11.21
N TYR G 68 -28.32 -42.59 -11.76
CA TYR G 68 -28.42 -41.16 -12.04
C TYR G 68 -27.88 -40.89 -13.44
N SER G 69 -28.37 -39.80 -14.02
CA SER G 69 -27.96 -39.38 -15.36
C SER G 69 -28.17 -40.49 -16.38
N GLY G 70 -29.29 -41.19 -16.26
CA GLY G 70 -29.65 -42.22 -17.22
C GLY G 70 -29.16 -43.60 -16.89
N SER G 71 -27.84 -43.82 -16.97
CA SER G 71 -27.30 -45.17 -16.83
C SER G 71 -26.06 -45.24 -15.96
N THR G 72 -25.84 -44.28 -15.07
CA THR G 72 -24.68 -44.28 -14.20
C THR G 72 -25.06 -44.90 -12.86
N LEU G 73 -24.36 -45.97 -12.49
CA LEU G 73 -24.66 -46.68 -11.26
C LEU G 73 -23.99 -46.00 -10.08
N GLN G 74 -24.77 -45.69 -9.06
CA GLN G 74 -24.24 -45.07 -7.85
C GLN G 74 -23.33 -46.05 -7.12
N SER G 75 -22.25 -45.53 -6.54
CA SER G 75 -21.30 -46.38 -5.82
C SER G 75 -21.98 -47.07 -4.65
N GLY G 76 -21.66 -48.34 -4.47
CA GLY G 76 -22.29 -49.16 -3.44
C GLY G 76 -23.59 -49.81 -3.83
N ILE G 77 -24.03 -49.64 -5.08
CA ILE G 77 -25.27 -50.25 -5.55
C ILE G 77 -24.92 -51.54 -6.28
N PRO G 78 -25.69 -52.61 -6.09
CA PRO G 78 -25.41 -53.86 -6.81
C PRO G 78 -25.45 -53.66 -8.32
N SER G 79 -24.59 -54.39 -9.01
CA SER G 79 -24.44 -54.24 -10.46
C SER G 79 -25.63 -54.79 -11.25
N ARG G 80 -26.55 -55.49 -10.60
CA ARG G 80 -27.70 -56.05 -11.32
C ARG G 80 -28.70 -54.99 -11.75
N PHE G 81 -28.56 -53.75 -11.29
CA PHE G 81 -29.42 -52.67 -11.73
C PHE G 81 -28.89 -52.07 -13.03
N ARG G 82 -29.75 -51.97 -14.03
CA ARG G 82 -29.36 -51.50 -15.35
C ARG G 82 -30.24 -50.34 -15.76
N GLY G 83 -29.61 -49.27 -16.23
CA GLY G 83 -30.33 -48.11 -16.75
C GLY G 83 -30.02 -47.92 -18.21
N SER G 84 -30.99 -47.39 -18.95
CA SER G 84 -30.83 -47.18 -20.38
C SER G 84 -31.85 -46.14 -20.83
N GLY G 85 -31.70 -45.70 -22.07
CA GLY G 85 -32.62 -44.75 -22.67
C GLY G 85 -32.03 -43.36 -22.75
N SER G 86 -32.58 -42.57 -23.67
CA SER G 86 -32.15 -41.19 -23.87
C SER G 86 -33.30 -40.41 -24.48
N GLY G 87 -33.49 -39.19 -24.01
CA GLY G 87 -34.55 -38.35 -24.52
C GLY G 87 -35.85 -38.52 -23.77
N THR G 88 -36.76 -39.33 -24.33
CA THR G 88 -38.08 -39.53 -23.75
C THR G 88 -38.30 -40.92 -23.19
N ASP G 89 -37.71 -41.95 -23.79
CA ASP G 89 -37.92 -43.33 -23.37
C ASP G 89 -36.79 -43.75 -22.44
N PHE G 90 -37.15 -44.18 -21.23
CA PHE G 90 -36.19 -44.62 -20.22
C PHE G 90 -36.66 -45.93 -19.62
N THR G 91 -35.72 -46.84 -19.36
CA THR G 91 -36.03 -48.14 -18.80
C THR G 91 -35.06 -48.47 -17.67
N LEU G 92 -35.57 -49.13 -16.63
CA LEU G 92 -34.77 -49.65 -15.55
C LEU G 92 -34.91 -51.17 -15.52
N THR G 93 -33.78 -51.87 -15.54
CA THR G 93 -33.76 -53.32 -15.62
C THR G 93 -33.09 -53.89 -14.38
N ILE G 94 -33.77 -54.81 -13.71
CA ILE G 94 -33.21 -55.54 -12.57
C ILE G 94 -33.19 -57.01 -12.94
N SER G 95 -32.01 -57.63 -12.84
CA SER G 95 -31.83 -59.04 -13.16
C SER G 95 -31.39 -59.79 -11.91
N SER G 96 -31.74 -61.07 -11.86
CA SER G 96 -31.43 -61.94 -10.71
C SER G 96 -32.01 -61.35 -9.42
N LEU G 97 -33.34 -61.29 -9.39
CA LEU G 97 -34.04 -60.67 -8.26
C LEU G 97 -33.70 -61.38 -6.96
N GLU G 98 -33.55 -60.59 -5.91
CA GLU G 98 -33.35 -61.05 -4.54
C GLU G 98 -34.48 -60.53 -3.66
N PRO G 99 -34.71 -61.16 -2.51
CA PRO G 99 -35.82 -60.68 -1.64
C PRO G 99 -35.67 -59.24 -1.22
N GLU G 100 -34.45 -58.71 -1.15
CA GLU G 100 -34.25 -57.32 -0.77
C GLU G 100 -34.59 -56.34 -1.89
N ASP G 101 -34.74 -56.82 -3.12
CA ASP G 101 -35.03 -55.95 -4.26
C ASP G 101 -36.52 -55.67 -4.43
N PHE G 102 -37.38 -56.26 -3.60
CA PHE G 102 -38.82 -56.04 -3.71
C PHE G 102 -39.18 -54.83 -2.87
N ALA G 103 -39.37 -53.69 -3.54
CA ALA G 103 -39.66 -52.44 -2.85
C ALA G 103 -40.28 -51.48 -3.86
N MET G 104 -40.42 -50.22 -3.46
CA MET G 104 -40.97 -49.17 -4.31
C MET G 104 -39.86 -48.50 -5.10
N TYR G 105 -40.17 -48.11 -6.32
CA TYR G 105 -39.20 -47.50 -7.21
C TYR G 105 -39.80 -46.25 -7.86
N TYR G 106 -38.94 -45.26 -8.11
CA TYR G 106 -39.35 -44.00 -8.69
C TYR G 106 -38.35 -43.57 -9.75
N CYS G 107 -38.83 -42.80 -10.72
CA CYS G 107 -37.97 -42.18 -11.72
C CYS G 107 -38.15 -40.67 -11.66
N GLN G 108 -37.05 -39.95 -11.51
CA GLN G 108 -37.05 -38.50 -11.32
C GLN G 108 -36.07 -37.88 -12.31
N GLN G 109 -36.53 -36.84 -13.01
CA GLN G 109 -35.71 -36.15 -13.99
C GLN G 109 -35.05 -34.94 -13.34
N HIS G 110 -33.76 -34.77 -13.58
CA HIS G 110 -32.94 -33.81 -12.86
C HIS G 110 -32.32 -32.78 -13.80
N ASN G 111 -32.99 -32.51 -14.92
CA ASN G 111 -32.46 -31.72 -16.02
C ASN G 111 -32.76 -30.24 -15.84
N GLU G 112 -33.96 -29.94 -15.33
CA GLU G 112 -34.57 -28.62 -15.45
C GLU G 112 -35.49 -28.44 -14.24
N TYR G 113 -36.02 -27.23 -14.10
CA TYR G 113 -37.17 -27.02 -13.24
C TYR G 113 -38.43 -27.01 -14.07
N THR G 114 -39.50 -27.61 -13.54
CA THR G 114 -39.61 -28.07 -12.15
C THR G 114 -39.31 -29.57 -12.07
N LEU G 115 -38.62 -29.97 -11.01
CA LEU G 115 -38.15 -31.34 -10.84
C LEU G 115 -39.33 -32.28 -10.56
N THR G 116 -39.71 -33.05 -11.57
CA THR G 116 -40.91 -33.89 -11.51
C THR G 116 -40.50 -35.35 -11.36
N PHE G 117 -41.04 -36.02 -10.35
CA PHE G 117 -40.80 -37.44 -10.14
C PHE G 117 -41.75 -38.26 -11.03
N GLY G 118 -41.79 -39.57 -10.80
CA GLY G 118 -42.69 -40.46 -11.50
C GLY G 118 -43.82 -40.94 -10.62
N GLY G 119 -44.71 -41.72 -11.25
CA GLY G 119 -45.87 -42.23 -10.53
C GLY G 119 -45.51 -43.20 -9.43
N GLY G 120 -44.59 -44.13 -9.70
CA GLY G 120 -44.21 -45.13 -8.73
C GLY G 120 -44.44 -46.55 -9.23
N THR G 121 -43.75 -47.51 -8.62
CA THR G 121 -43.87 -48.91 -9.01
C THR G 121 -43.54 -49.79 -7.81
N LYS G 122 -44.38 -50.76 -7.53
CA LYS G 122 -44.22 -51.66 -6.40
C LYS G 122 -43.95 -53.09 -6.88
N LEU G 123 -43.14 -53.81 -6.12
CA LEU G 123 -42.79 -55.19 -6.40
C LEU G 123 -43.35 -56.10 -5.33
N GLU G 124 -44.10 -57.12 -5.76
CA GLU G 124 -44.68 -58.12 -4.86
C GLU G 124 -44.16 -59.50 -5.23
N LEU G 125 -43.88 -60.31 -4.22
CA LEU G 125 -43.42 -61.67 -4.46
C LEU G 125 -44.52 -62.52 -5.07
N LYS G 126 -44.12 -63.45 -5.93
CA LYS G 126 -45.07 -64.36 -6.56
C LYS G 126 -44.38 -65.67 -6.94
N ASP H 20 -20.82 -40.31 7.74
CA ASP H 20 -21.76 -40.18 6.62
C ASP H 20 -22.79 -39.09 6.92
N VAL H 21 -23.40 -38.58 5.85
CA VAL H 21 -24.38 -37.51 5.99
C VAL H 21 -25.69 -38.09 6.52
N GLN H 22 -26.19 -37.51 7.60
CA GLN H 22 -27.44 -37.93 8.23
C GLN H 22 -28.38 -36.74 8.32
N LEU H 23 -29.60 -36.89 7.82
CA LEU H 23 -30.60 -35.84 7.84
C LEU H 23 -31.78 -36.28 8.71
N GLN H 24 -32.24 -35.39 9.58
CA GLN H 24 -33.31 -35.72 10.53
C GLN H 24 -34.26 -34.55 10.65
N GLU H 25 -35.52 -34.77 10.30
CA GLU H 25 -36.56 -33.75 10.45
C GLU H 25 -37.16 -33.79 11.84
N SER H 26 -37.70 -32.65 12.26
CA SER H 26 -38.35 -32.56 13.57
C SER H 26 -39.31 -31.38 13.54
N GLY H 27 -40.60 -31.66 13.62
CA GLY H 27 -41.61 -30.63 13.60
C GLY H 27 -42.93 -31.09 14.18
N PRO H 28 -43.91 -30.19 14.22
CA PRO H 28 -45.23 -30.56 14.78
C PRO H 28 -45.99 -31.48 13.84
N GLY H 29 -46.47 -32.59 14.38
CA GLY H 29 -47.24 -33.52 13.57
C GLY H 29 -48.58 -32.97 13.15
N LEU H 30 -49.26 -32.25 14.04
CA LEU H 30 -50.58 -31.69 13.79
C LEU H 30 -50.52 -30.18 13.85
N VAL H 31 -51.08 -29.53 12.83
CA VAL H 31 -51.14 -28.07 12.78
C VAL H 31 -52.53 -27.67 12.31
N LYS H 32 -53.05 -26.59 12.89
CA LYS H 32 -54.39 -26.13 12.54
C LYS H 32 -54.42 -25.60 11.11
N PRO H 33 -55.58 -25.66 10.44
CA PRO H 33 -55.67 -25.09 9.09
C PRO H 33 -55.41 -23.60 9.08
N SER H 34 -54.85 -23.12 7.97
CA SER H 34 -54.52 -21.71 7.75
C SER H 34 -53.49 -21.19 8.73
N GLN H 35 -52.75 -22.07 9.40
CA GLN H 35 -51.68 -21.70 10.30
C GLN H 35 -50.35 -21.77 9.57
N SER H 36 -49.26 -21.65 10.34
CA SER H 36 -47.91 -21.70 9.79
C SER H 36 -47.25 -23.02 10.16
N LEU H 37 -46.58 -23.63 9.18
CA LEU H 37 -45.88 -24.89 9.36
C LEU H 37 -44.38 -24.60 9.49
N SER H 38 -43.75 -25.21 10.49
CA SER H 38 -42.33 -24.99 10.76
C SER H 38 -41.65 -26.33 10.97
N LEU H 39 -40.70 -26.66 10.11
CA LEU H 39 -39.94 -27.90 10.19
C LEU H 39 -38.46 -27.56 10.40
N THR H 40 -37.69 -28.58 10.76
CA THR H 40 -36.26 -28.40 11.01
C THR H 40 -35.53 -29.67 10.65
N CYS H 41 -34.73 -29.62 9.59
CA CYS H 41 -33.89 -30.73 9.17
C CYS H 41 -32.49 -30.50 9.73
N THR H 42 -32.08 -31.34 10.67
CA THR H 42 -30.76 -31.25 11.29
C THR H 42 -29.80 -32.18 10.55
N VAL H 43 -28.66 -31.65 10.16
CA VAL H 43 -27.69 -32.37 9.34
C VAL H 43 -26.50 -32.75 10.21
N SER H 44 -26.15 -34.03 10.21
CA SER H 44 -25.01 -34.54 10.96
C SER H 44 -24.04 -35.21 9.99
N GLY H 45 -22.75 -35.11 10.30
CA GLY H 45 -21.71 -35.64 9.45
C GLY H 45 -21.35 -34.76 8.28
N TYR H 46 -21.93 -33.58 8.17
CA TYR H 46 -21.56 -32.61 7.15
C TYR H 46 -21.74 -31.22 7.74
N SER H 47 -21.32 -30.21 6.99
CA SER H 47 -21.71 -28.83 7.24
C SER H 47 -22.51 -28.29 6.06
N ILE H 48 -23.61 -27.59 6.36
CA ILE H 48 -24.50 -27.13 5.31
C ILE H 48 -24.11 -25.75 4.83
N THR H 49 -23.01 -25.20 5.33
CA THR H 49 -22.48 -23.92 4.93
C THR H 49 -21.19 -24.09 4.11
N SER H 50 -21.08 -25.21 3.42
CA SER H 50 -19.84 -25.58 2.76
C SER H 50 -20.04 -26.02 1.32
N ASP H 51 -21.14 -26.73 1.03
CA ASP H 51 -21.42 -27.12 -0.35
C ASP H 51 -22.79 -27.77 -0.41
N TYR H 52 -23.35 -27.81 -1.63
CA TYR H 52 -24.55 -28.54 -2.02
C TYR H 52 -25.84 -27.74 -1.85
N ALA H 53 -26.92 -28.18 -2.50
CA ALA H 53 -28.25 -27.62 -2.34
C ALA H 53 -29.08 -28.47 -1.39
N TRP H 54 -29.61 -27.85 -0.35
CA TRP H 54 -30.43 -28.50 0.67
C TRP H 54 -31.91 -28.33 0.31
N ASN H 55 -32.60 -29.43 0.02
CA ASN H 55 -33.92 -29.41 -0.59
C ASN H 55 -35.00 -29.89 0.37
N TRP H 56 -36.25 -29.72 -0.07
CA TRP H 56 -37.44 -30.11 0.68
C TRP H 56 -38.41 -30.77 -0.29
N ILE H 57 -38.77 -32.02 -0.01
CA ILE H 57 -39.74 -32.76 -0.82
C ILE H 57 -40.80 -33.32 0.10
N ARG H 58 -42.05 -33.34 -0.35
CA ARG H 58 -43.16 -33.88 0.42
C ARG H 58 -43.85 -34.98 -0.37
N GLN H 59 -44.29 -36.02 0.34
CA GLN H 59 -44.92 -37.19 -0.26
C GLN H 59 -46.39 -37.23 0.12
N PHE H 60 -47.26 -37.02 -0.88
CA PHE H 60 -48.69 -37.05 -0.64
C PHE H 60 -49.17 -38.49 -0.41
N PRO H 61 -50.31 -38.65 0.27
CA PRO H 61 -50.93 -39.99 0.33
C PRO H 61 -51.40 -40.42 -1.06
N GLY H 62 -50.78 -41.48 -1.59
CA GLY H 62 -51.08 -41.91 -2.94
C GLY H 62 -49.84 -42.06 -3.79
N ASN H 63 -48.68 -42.06 -3.14
CA ASN H 63 -47.38 -42.27 -3.79
C ASN H 63 -47.10 -41.18 -4.83
N LYS H 64 -47.15 -39.94 -4.37
CA LYS H 64 -46.83 -38.77 -5.20
C LYS H 64 -45.80 -37.93 -4.48
N LEU H 65 -44.65 -37.75 -5.11
CA LEU H 65 -43.59 -36.89 -4.60
C LEU H 65 -43.67 -35.54 -5.29
N GLU H 66 -43.40 -34.47 -4.55
CA GLU H 66 -43.52 -33.12 -5.07
C GLU H 66 -42.40 -32.27 -4.49
N TRP H 67 -41.56 -31.72 -5.37
CA TRP H 67 -40.44 -30.90 -4.93
C TRP H 67 -40.92 -29.52 -4.51
N MET H 68 -40.46 -29.06 -3.35
CA MET H 68 -40.89 -27.78 -2.80
C MET H 68 -39.90 -26.66 -3.10
N GLY H 69 -38.65 -26.81 -2.66
CA GLY H 69 -37.66 -25.77 -2.86
C GLY H 69 -36.33 -26.17 -2.27
N TYR H 70 -35.39 -25.24 -2.35
CA TYR H 70 -34.02 -25.50 -1.91
C TYR H 70 -33.39 -24.22 -1.38
N ILE H 71 -32.42 -24.38 -0.49
CA ILE H 71 -31.46 -23.34 -0.15
C ILE H 71 -30.06 -23.88 -0.43
N SER H 72 -29.29 -23.12 -1.19
CA SER H 72 -27.90 -23.44 -1.50
C SER H 72 -26.96 -22.89 -0.43
N TYR H 73 -25.77 -23.48 -0.35
CA TYR H 73 -24.78 -23.05 0.63
C TYR H 73 -24.31 -21.62 0.36
N THR H 74 -24.55 -21.11 -0.84
CA THR H 74 -24.35 -19.71 -1.18
C THR H 74 -25.62 -18.89 -0.93
N LEU H 75 -26.49 -19.36 -0.04
CA LEU H 75 -27.71 -18.66 0.38
C LEU H 75 -28.57 -18.26 -0.82
N THR H 76 -28.57 -19.10 -1.86
CA THR H 76 -29.45 -18.94 -2.99
C THR H 76 -30.67 -19.84 -2.79
N THR H 77 -31.86 -19.28 -3.00
CA THR H 77 -33.10 -19.99 -2.75
C THR H 77 -33.91 -20.12 -4.03
N GLY H 78 -34.65 -21.22 -4.11
CA GLY H 78 -35.55 -21.45 -5.23
C GLY H 78 -36.75 -22.23 -4.73
N TYR H 79 -37.89 -22.01 -5.38
CA TYR H 79 -39.14 -22.59 -4.93
C TYR H 79 -39.92 -23.13 -6.11
N ASN H 80 -40.86 -24.02 -5.81
CA ASN H 80 -41.76 -24.53 -6.83
C ASN H 80 -42.66 -23.41 -7.33
N PRO H 81 -42.79 -23.21 -8.65
CA PRO H 81 -43.55 -22.06 -9.15
C PRO H 81 -45.00 -22.04 -8.69
N SER H 82 -45.61 -23.20 -8.45
CA SER H 82 -47.01 -23.27 -8.08
C SER H 82 -47.21 -23.17 -6.57
N LEU H 83 -46.14 -22.97 -5.82
CA LEU H 83 -46.20 -22.92 -4.37
C LEU H 83 -45.29 -21.84 -3.78
N LYS H 84 -44.62 -21.06 -4.62
CA LYS H 84 -43.61 -20.12 -4.17
C LYS H 84 -44.16 -18.98 -3.34
N SER H 85 -45.47 -18.71 -3.42
CA SER H 85 -46.03 -17.56 -2.72
C SER H 85 -46.00 -17.76 -1.20
N ARG H 86 -46.28 -18.98 -0.74
CA ARG H 86 -46.47 -19.27 0.68
C ARG H 86 -45.35 -20.10 1.28
N ILE H 87 -44.17 -20.10 0.67
CA ILE H 87 -43.07 -20.94 1.12
C ILE H 87 -41.84 -20.06 1.36
N SER H 88 -41.02 -20.48 2.33
CA SER H 88 -39.78 -19.80 2.64
C SER H 88 -38.83 -20.80 3.28
N ILE H 89 -37.56 -20.76 2.87
CA ILE H 89 -36.54 -21.67 3.37
C ILE H 89 -35.38 -20.85 3.92
N THR H 90 -34.92 -21.19 5.11
CA THR H 90 -33.87 -20.46 5.80
C THR H 90 -32.93 -21.46 6.44
N ARG H 91 -31.71 -21.01 6.77
CA ARG H 91 -30.69 -21.87 7.34
C ARG H 91 -30.16 -21.26 8.62
N ASP H 92 -29.58 -22.12 9.47
CA ASP H 92 -28.92 -21.71 10.70
C ASP H 92 -27.54 -22.33 10.76
N SER H 93 -26.50 -21.50 10.73
CA SER H 93 -25.14 -22.01 10.66
C SER H 93 -24.65 -22.54 11.99
N SER H 94 -25.06 -21.93 13.10
CA SER H 94 -24.53 -22.32 14.40
C SER H 94 -24.90 -23.74 14.76
N LYS H 95 -26.16 -24.12 14.55
CA LYS H 95 -26.65 -25.45 14.90
C LYS H 95 -26.68 -26.40 13.71
N ASN H 96 -26.25 -25.94 12.52
CA ASN H 96 -26.16 -26.78 11.32
C ASN H 96 -27.52 -27.40 10.98
N GLN H 97 -28.47 -26.52 10.67
CA GLN H 97 -29.82 -26.97 10.30
C GLN H 97 -30.46 -25.92 9.41
N PHE H 98 -31.47 -26.37 8.65
CA PHE H 98 -32.24 -25.50 7.79
C PHE H 98 -33.72 -25.81 7.96
N PHE H 99 -34.56 -24.81 7.72
CA PHE H 99 -35.96 -24.85 8.10
C PHE H 99 -36.86 -24.67 6.89
N LEU H 100 -38.13 -25.04 7.07
CA LEU H 100 -39.16 -24.87 6.06
C LEU H 100 -40.32 -24.10 6.67
N GLN H 101 -40.76 -23.06 5.97
CA GLN H 101 -41.89 -22.24 6.40
C GLN H 101 -42.98 -22.32 5.35
N LEU H 102 -44.15 -22.81 5.74
CA LEU H 102 -45.30 -22.91 4.85
C LEU H 102 -46.49 -22.26 5.52
N ASN H 103 -47.15 -21.36 4.79
CA ASN H 103 -48.28 -20.60 5.32
C ASN H 103 -49.53 -20.89 4.50
N SER H 104 -50.66 -20.43 5.02
CA SER H 104 -51.97 -20.67 4.39
C SER H 104 -52.22 -22.16 4.17
N VAL H 105 -51.97 -22.94 5.23
CA VAL H 105 -52.05 -24.39 5.13
C VAL H 105 -53.50 -24.83 4.98
N THR H 106 -53.76 -25.63 3.95
CA THR H 106 -55.07 -26.21 3.70
C THR H 106 -55.04 -27.71 4.01
N THR H 107 -56.20 -28.35 3.87
CA THR H 107 -56.29 -29.78 4.14
C THR H 107 -55.46 -30.60 3.16
N GLU H 108 -55.24 -30.07 1.95
CA GLU H 108 -54.45 -30.78 0.96
C GLU H 108 -52.96 -30.78 1.29
N ASP H 109 -52.51 -29.93 2.20
CA ASP H 109 -51.09 -29.83 2.53
C ASP H 109 -50.58 -30.99 3.36
N THR H 110 -51.46 -31.86 3.86
CA THR H 110 -51.01 -32.97 4.68
C THR H 110 -50.25 -33.98 3.82
N ALA H 111 -49.09 -34.39 4.31
CA ALA H 111 -48.19 -35.27 3.57
C ALA H 111 -47.02 -35.64 4.48
N THR H 112 -46.12 -36.47 3.97
CA THR H 112 -44.87 -36.78 4.63
C THR H 112 -43.78 -35.88 4.05
N TYR H 113 -43.04 -35.20 4.92
CA TYR H 113 -42.10 -34.17 4.49
C TYR H 113 -40.67 -34.68 4.59
N TYR H 114 -39.92 -34.52 3.50
CA TYR H 114 -38.58 -35.06 3.36
C TYR H 114 -37.60 -33.93 3.11
N CYS H 115 -36.43 -34.00 3.75
CA CYS H 115 -35.32 -33.12 3.45
C CYS H 115 -34.20 -33.93 2.80
N ALA H 116 -33.69 -33.43 1.68
CA ALA H 116 -32.70 -34.15 0.90
C ALA H 116 -31.53 -33.23 0.56
N ARG H 117 -30.47 -33.83 0.01
CA ARG H 117 -29.33 -33.08 -0.51
C ARG H 117 -29.19 -33.33 -2.00
N SER H 118 -29.13 -32.26 -2.77
CA SER H 118 -28.68 -32.30 -4.16
C SER H 118 -27.38 -31.53 -4.32
N GLY H 119 -26.80 -31.65 -5.51
CA GLY H 119 -25.94 -30.59 -6.03
C GLY H 119 -26.72 -29.36 -6.44
N TRP H 120 -25.99 -28.25 -6.54
CA TRP H 120 -26.58 -26.92 -6.69
C TRP H 120 -26.69 -26.48 -8.14
N LEU H 121 -26.22 -27.30 -9.08
CA LEU H 121 -26.10 -26.90 -10.48
C LEU H 121 -26.82 -27.92 -11.34
N LEU H 122 -27.69 -27.44 -12.22
CA LEU H 122 -28.32 -28.26 -13.25
C LEU H 122 -27.27 -28.72 -14.25
N PRO H 123 -27.61 -29.67 -15.14
CA PRO H 123 -28.66 -30.69 -15.04
C PRO H 123 -28.30 -31.91 -14.19
N TYR H 124 -27.87 -31.69 -12.95
CA TYR H 124 -27.37 -32.74 -12.07
C TYR H 124 -28.04 -32.62 -10.71
N TRP H 125 -29.33 -32.31 -10.73
CA TRP H 125 -30.10 -32.07 -9.51
C TRP H 125 -30.76 -33.36 -9.02
N TYR H 126 -29.94 -34.37 -8.72
CA TYR H 126 -30.44 -35.63 -8.20
C TYR H 126 -30.07 -35.75 -6.74
N PHE H 127 -30.96 -36.37 -5.97
CA PHE H 127 -30.83 -36.42 -4.53
C PHE H 127 -30.14 -37.71 -4.09
N ASP H 128 -29.14 -37.57 -3.22
CA ASP H 128 -28.24 -38.66 -2.87
C ASP H 128 -28.32 -39.01 -1.40
N VAL H 129 -28.82 -38.11 -0.57
CA VAL H 129 -29.05 -38.34 0.86
C VAL H 129 -30.45 -37.83 1.17
N TRP H 130 -31.22 -38.64 1.87
CA TRP H 130 -32.57 -38.28 2.28
C TRP H 130 -32.69 -38.33 3.80
N GLY H 131 -33.66 -37.58 4.31
CA GLY H 131 -33.96 -37.62 5.72
C GLY H 131 -34.86 -38.80 6.07
N ALA H 132 -35.03 -39.01 7.37
CA ALA H 132 -35.89 -40.09 7.84
C ALA H 132 -37.33 -39.89 7.42
N GLY H 133 -37.82 -38.66 7.54
CA GLY H 133 -39.18 -38.34 7.12
C GLY H 133 -40.08 -38.06 8.31
N THR H 134 -40.94 -37.07 8.15
CA THR H 134 -41.94 -36.73 9.15
C THR H 134 -43.25 -36.42 8.45
N THR H 135 -44.35 -36.69 9.15
CA THR H 135 -45.69 -36.53 8.59
C THR H 135 -46.41 -35.37 9.26
N VAL H 136 -47.19 -34.64 8.48
CA VAL H 136 -47.95 -33.49 8.94
C VAL H 136 -49.42 -33.72 8.64
N THR H 137 -50.27 -33.56 9.65
CA THR H 137 -51.70 -33.75 9.52
C THR H 137 -52.40 -32.39 9.61
N VAL H 138 -53.32 -32.13 8.69
CA VAL H 138 -54.08 -30.88 8.71
C VAL H 138 -55.50 -31.14 9.17
N ASP I 20 30.30 -8.52 -43.99
CA ASP I 20 31.55 -8.27 -43.26
C ASP I 20 32.33 -7.13 -43.92
N VAL I 21 33.39 -6.69 -43.25
CA VAL I 21 34.24 -5.61 -43.75
C VAL I 21 35.66 -6.15 -43.84
N GLN I 22 36.26 -6.02 -45.03
CA GLN I 22 37.62 -6.48 -45.27
C GLN I 22 38.59 -5.31 -45.09
N ILE I 23 39.62 -5.52 -44.28
CA ILE I 23 40.61 -4.49 -43.99
C ILE I 23 41.97 -4.97 -44.49
N THR I 24 42.64 -4.12 -45.26
CA THR I 24 44.01 -4.36 -45.70
C THR I 24 44.91 -3.26 -45.16
N GLN I 25 46.09 -3.66 -44.70
CA GLN I 25 47.04 -2.73 -44.08
C GLN I 25 48.37 -2.84 -44.82
N SER I 26 48.85 -1.72 -45.34
CA SER I 26 50.11 -1.68 -46.07
C SER I 26 50.90 -0.45 -45.63
N PRO I 27 52.24 -0.53 -45.62
CA PRO I 27 53.07 -1.69 -45.95
C PRO I 27 53.16 -2.69 -44.81
N SER I 28 53.35 -3.98 -45.10
CA SER I 28 53.48 -4.97 -44.05
C SER I 28 54.83 -4.90 -43.35
N TYR I 29 55.84 -4.33 -43.99
CA TYR I 29 57.17 -4.17 -43.40
C TYR I 29 57.65 -2.76 -43.61
N LEU I 30 58.41 -2.25 -42.65
CA LEU I 30 58.92 -0.89 -42.72
C LEU I 30 60.13 -0.76 -41.81
N ALA I 31 61.20 -0.16 -42.33
CA ALA I 31 62.41 0.11 -41.57
C ALA I 31 62.71 1.61 -41.66
N ALA I 32 62.97 2.23 -40.53
CA ALA I 32 63.22 3.67 -40.49
C ALA I 32 64.32 3.94 -39.48
N SER I 33 64.56 5.21 -39.20
CA SER I 33 65.60 5.67 -38.29
C SER I 33 64.99 6.64 -37.29
N PRO I 34 65.56 6.70 -36.07
CA PRO I 34 65.04 7.66 -35.08
C PRO I 34 65.13 9.09 -35.59
N GLY I 35 64.09 9.87 -35.29
CA GLY I 35 63.98 11.23 -35.78
C GLY I 35 63.18 11.37 -37.06
N GLU I 36 62.97 10.27 -37.79
CA GLU I 36 62.21 10.31 -39.03
C GLU I 36 60.72 10.23 -38.74
N THR I 37 59.90 10.39 -39.78
CA THR I 37 58.46 10.26 -39.70
C THR I 37 58.01 9.17 -40.64
N ILE I 38 57.06 8.34 -40.18
CA ILE I 38 56.54 7.23 -40.97
C ILE I 38 55.03 7.41 -41.12
N THR I 39 54.45 6.57 -41.97
CA THR I 39 53.01 6.65 -42.26
C THR I 39 52.51 5.27 -42.63
N ILE I 40 51.53 4.78 -41.89
CA ILE I 40 50.92 3.48 -42.12
C ILE I 40 49.48 3.69 -42.55
N ASN I 41 49.07 3.03 -43.63
CA ASN I 41 47.75 3.21 -44.22
C ASN I 41 46.93 1.93 -44.06
N CYS I 42 45.62 2.10 -43.86
CA CYS I 42 44.67 0.99 -43.83
C CYS I 42 43.50 1.31 -44.74
N ARG I 43 42.97 0.28 -45.39
CA ARG I 43 41.86 0.42 -46.32
C ARG I 43 40.78 -0.58 -45.97
N ALA I 44 39.52 -0.14 -46.04
CA ALA I 44 38.37 -0.97 -45.75
C ALA I 44 37.54 -1.17 -47.01
N SER I 45 36.93 -2.35 -47.12
CA SER I 45 36.12 -2.67 -48.29
C SER I 45 34.92 -1.74 -48.41
N LYS I 46 34.25 -1.46 -47.30
CA LYS I 46 33.12 -0.55 -47.27
C LYS I 46 33.37 0.53 -46.24
N SER I 47 32.67 1.66 -46.40
CA SER I 47 32.85 2.79 -45.51
C SER I 47 32.48 2.41 -44.08
N ILE I 48 33.35 2.78 -43.14
CA ILE I 48 33.12 2.50 -41.73
C ILE I 48 33.05 3.83 -40.97
N SER I 49 32.66 4.89 -41.68
CA SER I 49 32.58 6.25 -41.14
C SER I 49 33.97 6.64 -40.64
N LYS I 50 34.15 6.95 -39.37
CA LYS I 50 35.45 7.35 -38.83
C LYS I 50 35.96 6.36 -37.80
N TYR I 51 35.38 5.17 -37.72
CA TYR I 51 35.59 4.27 -36.58
C TYR I 51 36.72 3.30 -36.90
N LEU I 52 37.93 3.64 -36.47
CA LEU I 52 39.10 2.78 -36.61
C LEU I 52 39.99 2.98 -35.40
N ALA I 53 40.53 1.87 -34.89
CA ALA I 53 41.41 1.89 -33.73
C ALA I 53 42.80 1.43 -34.12
N TRP I 54 43.80 1.99 -33.46
CA TRP I 54 45.20 1.67 -33.70
C TRP I 54 45.82 1.10 -32.43
N TYR I 55 46.64 0.07 -32.59
CA TYR I 55 47.24 -0.62 -31.45
C TYR I 55 48.74 -0.76 -31.66
N GLN I 56 49.46 -0.82 -30.55
CA GLN I 56 50.91 -1.04 -30.55
C GLN I 56 51.20 -2.34 -29.80
N GLU I 57 51.94 -3.24 -30.44
CA GLU I 57 52.27 -4.54 -29.88
C GLU I 57 53.78 -4.63 -29.66
N LYS I 58 54.19 -4.87 -28.42
CA LYS I 58 55.59 -5.06 -28.10
C LYS I 58 55.75 -6.35 -27.31
N PRO I 59 56.82 -7.12 -27.56
CA PRO I 59 57.02 -8.36 -26.81
C PRO I 59 57.21 -8.10 -25.33
N GLY I 60 56.66 -9.00 -24.52
CA GLY I 60 56.76 -8.90 -23.08
C GLY I 60 55.77 -7.97 -22.42
N LYS I 61 54.84 -7.39 -23.18
CA LYS I 61 53.85 -6.48 -22.61
C LYS I 61 52.58 -6.54 -23.44
N THR I 62 51.48 -6.13 -22.82
CA THR I 62 50.17 -6.19 -23.47
C THR I 62 50.03 -5.11 -24.52
N ASN I 63 49.07 -5.30 -25.43
CA ASN I 63 48.80 -4.32 -26.46
C ASN I 63 48.27 -3.03 -25.84
N GLU I 64 48.60 -1.91 -26.48
CA GLU I 64 48.20 -0.59 -26.03
C GLU I 64 47.36 0.08 -27.11
N LEU I 65 46.23 0.66 -26.70
CA LEU I 65 45.41 1.44 -27.62
C LEU I 65 46.03 2.81 -27.79
N LEU I 66 46.35 3.16 -29.04
CA LEU I 66 46.93 4.46 -29.35
C LEU I 66 45.86 5.47 -29.74
N ILE I 67 45.11 5.16 -30.79
CA ILE I 67 44.09 6.05 -31.34
C ILE I 67 42.81 5.27 -31.52
N TYR I 68 41.68 5.88 -31.20
CA TYR I 68 40.37 5.29 -31.44
C TYR I 68 39.49 6.30 -32.16
N SER I 69 38.48 5.79 -32.84
CA SER I 69 37.53 6.63 -33.59
C SER I 69 38.25 7.51 -34.60
N GLY I 70 39.25 6.94 -35.28
CA GLY I 70 39.93 7.63 -36.34
C GLY I 70 41.06 8.53 -35.90
N SER I 71 40.75 9.57 -35.12
CA SER I 71 41.71 10.59 -34.77
C SER I 71 41.87 10.86 -33.29
N THR I 72 41.02 10.30 -32.44
CA THR I 72 41.06 10.62 -31.01
C THR I 72 42.22 9.87 -30.36
N LEU I 73 43.11 10.61 -29.71
CA LEU I 73 44.30 10.04 -29.08
C LEU I 73 43.96 9.59 -27.67
N GLN I 74 44.28 8.35 -27.35
CA GLN I 74 44.07 7.82 -26.01
C GLN I 74 44.94 8.56 -25.01
N SER I 75 44.38 8.81 -23.82
CA SER I 75 45.12 9.49 -22.76
C SER I 75 46.35 8.69 -22.34
N GLY I 76 47.44 9.40 -22.08
CA GLY I 76 48.70 8.76 -21.74
C GLY I 76 49.55 8.38 -22.92
N ILE I 77 49.09 8.61 -24.15
CA ILE I 77 49.83 8.28 -25.35
C ILE I 77 50.58 9.53 -25.80
N PRO I 78 51.84 9.41 -26.22
CA PRO I 78 52.56 10.58 -26.72
C PRO I 78 51.86 11.19 -27.92
N SER I 79 51.94 12.52 -28.02
CA SER I 79 51.23 13.25 -29.06
C SER I 79 51.84 13.08 -30.45
N ARG I 80 53.00 12.42 -30.55
CA ARG I 80 53.63 12.25 -31.86
C ARG I 80 52.78 11.37 -32.78
N PHE I 81 51.98 10.48 -32.21
CA PHE I 81 51.06 9.68 -33.02
C PHE I 81 49.89 10.54 -33.47
N ARG I 82 49.47 10.33 -34.73
CA ARG I 82 48.38 11.11 -35.29
C ARG I 82 47.67 10.29 -36.35
N GLY I 83 46.34 10.22 -36.25
CA GLY I 83 45.54 9.50 -37.22
C GLY I 83 44.56 10.39 -37.93
N SER I 84 44.15 10.01 -39.13
CA SER I 84 43.21 10.78 -39.92
C SER I 84 42.50 9.83 -40.89
N GLY I 85 41.58 10.39 -41.66
CA GLY I 85 40.84 9.62 -42.63
C GLY I 85 39.44 9.30 -42.16
N SER I 86 38.56 9.05 -43.13
CA SER I 86 37.17 8.71 -42.83
C SER I 86 36.62 7.91 -44.00
N GLY I 87 35.71 6.99 -43.69
CA GLY I 87 35.09 6.17 -44.72
C GLY I 87 35.86 4.90 -45.01
N THR I 88 36.64 4.92 -46.09
CA THR I 88 37.41 3.76 -46.52
C THR I 88 38.91 3.91 -46.34
N ASP I 89 39.44 5.11 -46.47
CA ASP I 89 40.89 5.34 -46.42
C ASP I 89 41.25 5.95 -45.06
N PHE I 90 42.17 5.31 -44.36
CA PHE I 90 42.67 5.78 -43.07
C PHE I 90 44.18 5.74 -43.08
N THR I 91 44.78 6.46 -42.14
CA THR I 91 46.24 6.50 -42.06
C THR I 91 46.67 6.84 -40.65
N LEU I 92 47.84 6.33 -40.26
CA LEU I 92 48.47 6.62 -38.99
C LEU I 92 49.83 7.25 -39.25
N THR I 93 50.11 8.36 -38.56
CA THR I 93 51.34 9.10 -38.74
C THR I 93 52.11 9.15 -37.42
N ILE I 94 53.38 8.74 -37.46
CA ILE I 94 54.26 8.83 -36.31
C ILE I 94 55.45 9.71 -36.71
N SER I 95 55.70 10.76 -35.94
CA SER I 95 56.76 11.70 -36.20
C SER I 95 57.76 11.68 -35.05
N SER I 96 59.03 11.94 -35.39
CA SER I 96 60.12 11.93 -34.42
C SER I 96 60.22 10.57 -33.72
N LEU I 97 60.53 9.55 -34.52
CA LEU I 97 60.59 8.19 -34.00
C LEU I 97 61.60 8.08 -32.86
N GLU I 98 61.22 7.36 -31.82
CA GLU I 98 62.04 7.11 -30.65
C GLU I 98 62.47 5.64 -30.62
N PRO I 99 63.50 5.31 -29.83
CA PRO I 99 63.96 3.91 -29.80
C PRO I 99 62.88 2.91 -29.42
N GLU I 100 61.91 3.30 -28.58
CA GLU I 100 60.85 2.40 -28.17
C GLU I 100 59.60 2.53 -29.04
N ASP I 101 59.63 3.34 -30.09
CA ASP I 101 58.51 3.44 -31.02
C ASP I 101 58.52 2.34 -32.07
N PHE I 102 59.57 1.53 -32.14
CA PHE I 102 59.67 0.47 -33.14
C PHE I 102 59.01 -0.79 -32.58
N ALA I 103 57.85 -1.13 -33.12
CA ALA I 103 57.07 -2.25 -32.62
C ALA I 103 56.06 -2.66 -33.70
N MET I 104 55.14 -3.54 -33.33
CA MET I 104 54.09 -4.00 -34.22
C MET I 104 52.86 -3.10 -34.08
N TYR I 105 52.19 -2.86 -35.20
CA TYR I 105 51.04 -1.96 -35.23
C TYR I 105 49.88 -2.62 -35.95
N TYR I 106 48.67 -2.40 -35.44
CA TYR I 106 47.46 -3.00 -35.98
C TYR I 106 46.37 -1.94 -36.08
N CYS I 107 45.49 -2.10 -37.06
CA CYS I 107 44.29 -1.28 -37.20
C CYS I 107 43.07 -2.19 -37.25
N GLN I 108 42.03 -1.84 -36.50
CA GLN I 108 40.80 -2.63 -36.50
C GLN I 108 39.62 -1.69 -36.46
N GLN I 109 38.57 -2.04 -37.20
CA GLN I 109 37.35 -1.26 -37.24
C GLN I 109 36.40 -1.68 -36.12
N HIS I 110 35.89 -0.68 -35.40
CA HIS I 110 35.04 -0.90 -34.23
C HIS I 110 33.64 -0.37 -34.48
N ASN I 111 33.24 -0.30 -35.74
CA ASN I 111 31.95 0.26 -36.14
C ASN I 111 30.82 -0.76 -35.98
N GLU I 112 30.96 -1.93 -36.63
CA GLU I 112 29.87 -2.88 -36.71
C GLU I 112 30.41 -4.28 -36.42
N TYR I 113 29.59 -5.28 -36.73
CA TYR I 113 29.96 -6.69 -36.56
C TYR I 113 30.23 -7.31 -37.93
N THR I 114 31.28 -8.11 -38.02
CA THR I 114 32.16 -8.43 -36.91
C THR I 114 33.33 -7.47 -36.84
N LEU I 115 34.21 -7.68 -35.86
CA LEU I 115 35.37 -6.83 -35.65
C LEU I 115 36.54 -7.42 -36.42
N THR I 116 37.03 -6.70 -37.41
CA THR I 116 38.11 -7.17 -38.27
C THR I 116 39.35 -6.32 -38.06
N PHE I 117 40.45 -6.98 -37.74
CA PHE I 117 41.73 -6.30 -37.55
C PHE I 117 42.45 -6.15 -38.89
N GLY I 118 43.58 -5.45 -38.86
CA GLY I 118 44.41 -5.29 -40.03
C GLY I 118 45.48 -6.36 -40.14
N GLY I 119 46.23 -6.31 -41.24
CA GLY I 119 47.28 -7.28 -41.45
C GLY I 119 48.42 -7.16 -40.46
N GLY I 120 48.83 -5.93 -40.15
CA GLY I 120 49.93 -5.69 -39.24
C GLY I 120 51.11 -5.02 -39.91
N THR I 121 51.90 -4.29 -39.13
CA THR I 121 53.07 -3.60 -39.65
C THR I 121 54.22 -3.73 -38.66
N LYS I 122 55.41 -4.05 -39.17
CA LYS I 122 56.60 -4.24 -38.34
C LYS I 122 57.59 -3.11 -38.58
N LEU I 123 58.26 -2.69 -37.51
CA LEU I 123 59.25 -1.61 -37.57
C LEU I 123 60.61 -2.16 -37.17
N GLU I 124 61.63 -1.85 -37.96
CA GLU I 124 62.99 -2.26 -37.68
C GLU I 124 63.91 -1.04 -37.71
N LEU I 125 64.92 -1.06 -36.85
CA LEU I 125 65.91 0.01 -36.82
C LEU I 125 66.76 -0.02 -38.08
N LYS I 126 67.17 1.16 -38.53
CA LYS I 126 68.01 1.28 -39.71
C LYS I 126 68.86 2.53 -39.66
N ASP J 20 45.30 -0.46 -11.57
CA ASP J 20 44.54 -0.40 -12.82
C ASP J 20 43.94 -1.76 -13.16
N VAL J 21 43.28 -1.83 -14.30
CA VAL J 21 42.63 -3.06 -14.73
C VAL J 21 43.70 -4.02 -15.26
N GLN J 22 43.74 -5.22 -14.68
CA GLN J 22 44.69 -6.25 -15.07
C GLN J 22 43.93 -7.49 -15.50
N LEU J 23 44.31 -8.06 -16.64
CA LEU J 23 43.70 -9.25 -17.19
C LEU J 23 44.73 -10.36 -17.29
N GLN J 24 44.34 -11.59 -16.92
CA GLN J 24 45.28 -12.71 -16.87
C GLN J 24 44.57 -13.97 -17.35
N GLU J 25 45.06 -14.56 -18.43
CA GLU J 25 44.50 -15.79 -18.98
C GLU J 25 45.18 -17.02 -18.38
N SER J 26 44.38 -18.02 -18.03
CA SER J 26 44.88 -19.28 -17.51
C SER J 26 44.19 -20.43 -18.22
N GLY J 27 44.92 -21.53 -18.39
CA GLY J 27 44.38 -22.70 -19.04
C GLY J 27 45.43 -23.73 -19.38
N PRO J 28 45.04 -24.76 -20.13
CA PRO J 28 45.99 -25.80 -20.53
C PRO J 28 46.75 -25.43 -21.80
N GLY J 29 48.07 -25.67 -21.76
CA GLY J 29 48.89 -25.35 -22.92
C GLY J 29 48.60 -26.24 -24.12
N LEU J 30 48.38 -27.53 -23.88
CA LEU J 30 48.17 -28.50 -24.96
C LEU J 30 46.78 -29.09 -24.85
N VAL J 31 46.08 -29.13 -25.99
CA VAL J 31 44.73 -29.66 -26.06
C VAL J 31 44.69 -30.74 -27.12
N LYS J 32 44.14 -31.90 -26.78
CA LYS J 32 44.00 -32.98 -27.74
C LYS J 32 43.00 -32.60 -28.82
N PRO J 33 43.18 -33.09 -30.04
CA PRO J 33 42.27 -32.73 -31.14
C PRO J 33 40.85 -33.22 -30.86
N SER J 34 39.89 -32.47 -31.40
CA SER J 34 38.46 -32.77 -31.24
C SER J 34 38.07 -32.86 -29.76
N GLN J 35 38.58 -31.93 -28.97
CA GLN J 35 38.24 -31.87 -27.55
C GLN J 35 37.73 -30.49 -27.16
N SER J 36 37.57 -30.23 -25.87
CA SER J 36 37.06 -28.96 -25.37
C SER J 36 38.21 -28.16 -24.78
N LEU J 37 38.40 -26.94 -25.28
CA LEU J 37 39.40 -26.03 -24.77
C LEU J 37 38.73 -25.06 -23.78
N SER J 38 39.24 -25.03 -22.56
CA SER J 38 38.68 -24.19 -21.50
C SER J 38 39.73 -23.19 -21.06
N LEU J 39 39.36 -21.91 -21.05
CA LEU J 39 40.25 -20.83 -20.68
C LEU J 39 39.58 -19.94 -19.66
N THR J 40 40.38 -19.38 -18.75
CA THR J 40 39.88 -18.50 -17.70
C THR J 40 40.67 -17.20 -17.74
N CYS J 41 39.98 -16.08 -17.88
CA CYS J 41 40.59 -14.75 -17.83
C CYS J 41 40.19 -14.11 -16.50
N THR J 42 41.10 -14.15 -15.53
CA THR J 42 40.87 -13.51 -14.25
C THR J 42 41.08 -12.01 -14.38
N VAL J 43 40.21 -11.24 -13.74
CA VAL J 43 40.24 -9.78 -13.81
C VAL J 43 40.52 -9.24 -12.41
N SER J 44 41.51 -8.35 -12.32
CA SER J 44 41.88 -7.72 -11.06
C SER J 44 41.85 -6.20 -11.23
N GLY J 45 41.52 -5.50 -10.16
CA GLY J 45 41.40 -4.06 -10.20
C GLY J 45 40.09 -3.55 -10.78
N TYR J 46 39.15 -4.43 -11.09
CA TYR J 46 37.83 -4.02 -11.54
C TYR J 46 36.87 -5.16 -11.22
N SER J 47 35.58 -4.81 -11.15
CA SER J 47 34.52 -5.80 -11.07
C SER J 47 33.85 -5.98 -12.41
N ILE J 48 33.79 -7.24 -12.88
CA ILE J 48 33.24 -7.53 -14.21
C ILE J 48 31.72 -7.68 -14.18
N THR J 49 31.10 -7.50 -13.03
CA THR J 49 29.64 -7.43 -12.91
C THR J 49 29.13 -6.00 -12.85
N SER J 50 29.99 -5.02 -13.10
CA SER J 50 29.66 -3.61 -12.93
C SER J 50 29.47 -2.87 -14.24
N ASP J 51 30.23 -3.20 -15.27
CA ASP J 51 30.22 -2.44 -16.51
C ASP J 51 31.06 -3.20 -17.53
N TYR J 52 30.79 -2.92 -18.81
CA TYR J 52 31.73 -3.09 -19.92
C TYR J 52 31.49 -4.44 -20.58
N ALA J 53 31.96 -4.64 -21.81
CA ALA J 53 31.99 -5.94 -22.44
C ALA J 53 33.37 -6.59 -22.30
N TRP J 54 33.36 -7.91 -22.09
CA TRP J 54 34.57 -8.71 -21.82
C TRP J 54 34.78 -9.71 -22.95
N ASN J 55 35.83 -9.50 -23.74
CA ASN J 55 35.99 -10.10 -25.05
C ASN J 55 36.97 -11.26 -25.03
N TRP J 56 37.06 -11.94 -26.18
CA TRP J 56 38.04 -13.00 -26.42
C TRP J 56 38.54 -12.86 -27.84
N ILE J 57 39.85 -12.70 -28.00
CA ILE J 57 40.49 -12.59 -29.31
C ILE J 57 41.65 -13.57 -29.35
N ARG J 58 41.85 -14.22 -30.50
CA ARG J 58 42.97 -15.13 -30.68
C ARG J 58 43.84 -14.66 -31.83
N GLN J 59 45.15 -14.88 -31.70
CA GLN J 59 46.13 -14.45 -32.68
C GLN J 59 46.78 -15.67 -33.32
N PHE J 60 46.43 -15.92 -34.59
CA PHE J 60 47.00 -17.05 -35.31
C PHE J 60 48.48 -16.80 -35.63
N PRO J 61 49.25 -17.86 -35.81
CA PRO J 61 50.64 -17.69 -36.29
C PRO J 61 50.67 -17.08 -37.68
N GLY J 62 51.21 -15.87 -37.78
CA GLY J 62 51.20 -15.15 -39.04
C GLY J 62 50.68 -13.73 -38.87
N ASN J 63 50.56 -13.29 -37.62
CA ASN J 63 50.14 -11.93 -37.29
C ASN J 63 48.72 -11.66 -37.79
N LYS J 64 47.79 -12.54 -37.44
CA LYS J 64 46.38 -12.37 -37.76
C LYS J 64 45.58 -12.51 -36.47
N LEU J 65 44.69 -11.56 -36.23
CA LEU J 65 43.84 -11.54 -35.04
C LEU J 65 42.40 -11.71 -35.44
N GLU J 66 41.68 -12.54 -34.69
CA GLU J 66 40.26 -12.80 -34.93
C GLU J 66 39.49 -12.65 -33.63
N TRP J 67 38.42 -11.87 -33.67
CA TRP J 67 37.57 -11.67 -32.50
C TRP J 67 36.59 -12.83 -32.36
N MET J 68 36.53 -13.42 -31.17
CA MET J 68 35.71 -14.60 -30.95
C MET J 68 34.33 -14.23 -30.43
N GLY J 69 34.26 -13.60 -29.26
CA GLY J 69 32.99 -13.28 -28.66
C GLY J 69 33.16 -12.44 -27.41
N TYR J 70 32.03 -12.11 -26.80
CA TYR J 70 32.01 -11.25 -25.63
C TYR J 70 30.89 -11.65 -24.69
N ILE J 71 31.07 -11.34 -23.41
CA ILE J 71 30.00 -11.33 -22.42
C ILE J 71 29.93 -9.94 -21.80
N SER J 72 28.74 -9.34 -21.83
CA SER J 72 28.47 -8.06 -21.19
C SER J 72 28.12 -8.25 -19.73
N TYR J 73 28.37 -7.20 -18.93
CA TYR J 73 28.04 -7.25 -17.51
C TYR J 73 26.56 -7.51 -17.29
N THR J 74 25.73 -7.23 -18.30
CA THR J 74 24.31 -7.54 -18.30
C THR J 74 24.03 -8.92 -18.89
N LEU J 75 25.01 -9.83 -18.82
CA LEU J 75 24.88 -11.21 -19.24
C LEU J 75 24.36 -11.34 -20.68
N THR J 76 24.76 -10.40 -21.53
CA THR J 76 24.46 -10.46 -22.96
C THR J 76 25.68 -11.01 -23.69
N THR J 77 25.46 -12.00 -24.54
CA THR J 77 26.55 -12.67 -25.24
C THR J 77 26.42 -12.46 -26.75
N GLY J 78 27.56 -12.56 -27.42
CA GLY J 78 27.60 -12.49 -28.87
C GLY J 78 28.86 -13.17 -29.35
N TYR J 79 28.77 -13.82 -30.50
CA TYR J 79 29.85 -14.65 -30.98
C TYR J 79 30.08 -14.40 -32.47
N ASN J 80 31.29 -14.71 -32.92
CA ASN J 80 31.62 -14.63 -34.33
C ASN J 80 30.85 -15.72 -35.08
N PRO J 81 30.16 -15.39 -36.18
CA PRO J 81 29.38 -16.42 -36.88
C PRO J 81 30.21 -17.59 -37.39
N SER J 82 31.50 -17.37 -37.68
CA SER J 82 32.33 -18.45 -38.23
C SER J 82 32.53 -19.59 -37.24
N LEU J 83 32.33 -19.35 -35.94
CA LEU J 83 32.46 -20.41 -34.94
C LEU J 83 31.36 -20.31 -33.89
N LYS J 84 30.18 -19.83 -34.29
CA LYS J 84 29.10 -19.59 -33.34
C LYS J 84 28.63 -20.88 -32.67
N SER J 85 28.53 -21.96 -33.44
CA SER J 85 27.97 -23.19 -32.89
C SER J 85 28.89 -23.87 -31.89
N ARG J 86 30.20 -23.71 -32.05
CA ARG J 86 31.18 -24.43 -31.25
C ARG J 86 31.81 -23.57 -30.16
N ILE J 87 31.21 -22.43 -29.82
CA ILE J 87 31.76 -21.50 -28.85
C ILE J 87 30.74 -21.23 -27.77
N SER J 88 31.23 -20.88 -26.57
CA SER J 88 30.38 -20.53 -25.45
C SER J 88 31.19 -19.72 -24.45
N ILE J 89 30.63 -18.61 -23.99
CA ILE J 89 31.30 -17.71 -23.04
C ILE J 89 30.40 -17.50 -21.84
N THR J 90 30.93 -17.75 -20.65
CA THR J 90 30.20 -17.51 -19.41
C THR J 90 31.08 -16.73 -18.44
N ARG J 91 30.63 -16.56 -17.20
CA ARG J 91 31.44 -15.86 -16.20
C ARG J 91 31.17 -16.47 -14.84
N ASP J 92 31.86 -15.94 -13.82
CA ASP J 92 31.65 -16.31 -12.43
C ASP J 92 31.85 -15.06 -11.59
N SER J 93 30.76 -14.58 -10.97
CA SER J 93 30.83 -13.33 -10.23
C SER J 93 31.64 -13.45 -8.94
N SER J 94 31.60 -14.62 -8.29
CA SER J 94 32.24 -14.76 -6.98
C SER J 94 33.75 -14.59 -7.08
N LYS J 95 34.38 -15.20 -8.07
CA LYS J 95 35.83 -15.12 -8.24
C LYS J 95 36.24 -14.03 -9.21
N ASN J 96 35.29 -13.28 -9.77
CA ASN J 96 35.57 -12.16 -10.67
C ASN J 96 36.40 -12.62 -11.89
N GLN J 97 35.81 -13.50 -12.67
CA GLN J 97 36.49 -14.03 -13.85
C GLN J 97 35.45 -14.58 -14.82
N PHE J 98 35.80 -14.56 -16.11
CA PHE J 98 34.94 -15.11 -17.15
C PHE J 98 35.72 -16.16 -17.94
N PHE J 99 34.98 -17.06 -18.57
CA PHE J 99 35.54 -18.27 -19.13
C PHE J 99 35.27 -18.36 -20.63
N LEU J 100 36.10 -19.15 -21.30
CA LEU J 100 35.93 -19.47 -22.71
C LEU J 100 35.80 -20.97 -22.88
N GLN J 101 34.85 -21.38 -23.71
CA GLN J 101 34.60 -22.80 -23.98
C GLN J 101 34.52 -23.00 -25.49
N LEU J 102 35.55 -23.62 -26.05
CA LEU J 102 35.60 -23.91 -27.47
C LEU J 102 35.59 -25.42 -27.67
N ASN J 103 34.72 -25.89 -28.55
CA ASN J 103 34.51 -27.32 -28.77
C ASN J 103 34.93 -27.71 -30.17
N SER J 104 35.16 -29.01 -30.36
CA SER J 104 35.63 -29.57 -31.63
C SER J 104 36.94 -28.90 -32.07
N VAL J 105 37.90 -28.87 -31.15
CA VAL J 105 39.15 -28.16 -31.37
C VAL J 105 40.00 -28.96 -32.34
N THR J 106 40.22 -28.41 -33.54
CA THR J 106 41.05 -29.02 -34.56
C THR J 106 42.46 -28.42 -34.52
N THR J 107 43.26 -28.74 -35.54
CA THR J 107 44.60 -28.19 -35.63
C THR J 107 44.59 -26.70 -35.93
N GLU J 108 43.52 -26.21 -36.56
CA GLU J 108 43.43 -24.79 -36.93
C GLU J 108 43.24 -23.87 -35.73
N ASP J 109 43.00 -24.42 -34.54
CA ASP J 109 42.74 -23.63 -33.35
C ASP J 109 44.01 -23.31 -32.57
N THR J 110 45.18 -23.71 -33.05
CA THR J 110 46.43 -23.43 -32.36
C THR J 110 46.80 -21.97 -32.56
N ALA J 111 46.73 -21.19 -31.49
CA ALA J 111 46.99 -19.75 -31.54
C ALA J 111 47.17 -19.24 -30.12
N THR J 112 47.47 -17.96 -30.00
CA THR J 112 47.55 -17.29 -28.72
C THR J 112 46.21 -16.62 -28.43
N TYR J 113 45.67 -16.84 -27.24
CA TYR J 113 44.33 -16.41 -26.90
C TYR J 113 44.38 -15.22 -25.96
N TYR J 114 43.65 -14.17 -26.30
CA TYR J 114 43.66 -12.89 -25.61
C TYR J 114 42.27 -12.58 -25.07
N CYS J 115 42.21 -12.01 -23.88
CA CYS J 115 40.98 -11.44 -23.35
C CYS J 115 41.14 -9.93 -23.22
N ALA J 116 40.12 -9.19 -23.66
CA ALA J 116 40.19 -7.74 -23.72
C ALA J 116 38.89 -7.14 -23.21
N ARG J 117 38.97 -5.91 -22.70
CA ARG J 117 37.80 -5.16 -22.30
C ARG J 117 37.41 -4.13 -23.36
N SER J 118 36.12 -4.07 -23.67
CA SER J 118 35.53 -3.06 -24.55
C SER J 118 34.38 -2.40 -23.81
N GLY J 119 33.76 -1.42 -24.44
CA GLY J 119 32.39 -1.10 -24.11
C GLY J 119 31.38 -2.01 -24.78
N TRP J 120 30.13 -1.92 -24.31
CA TRP J 120 29.07 -2.83 -24.70
C TRP J 120 28.24 -2.31 -25.87
N LEU J 121 28.43 -1.06 -26.28
CA LEU J 121 27.62 -0.44 -27.32
C LEU J 121 28.49 -0.13 -28.53
N LEU J 122 27.96 -0.39 -29.72
CA LEU J 122 28.54 0.08 -30.97
C LEU J 122 28.19 1.55 -31.19
N PRO J 123 28.86 2.22 -32.15
CA PRO J 123 30.09 1.85 -32.85
C PRO J 123 31.35 2.30 -32.12
N TYR J 124 31.48 1.92 -30.85
CA TYR J 124 32.63 2.27 -30.03
C TYR J 124 33.22 1.01 -29.40
N TRP J 125 33.38 -0.03 -30.21
CA TRP J 125 33.77 -1.35 -29.72
C TRP J 125 35.28 -1.53 -29.78
N TYR J 126 36.03 -0.67 -29.09
CA TYR J 126 37.48 -0.74 -29.17
C TYR J 126 38.04 -1.19 -27.82
N PHE J 127 39.13 -1.95 -27.90
CA PHE J 127 39.70 -2.62 -26.74
C PHE J 127 40.79 -1.77 -26.10
N ASP J 128 40.68 -1.56 -24.79
CA ASP J 128 41.51 -0.62 -24.07
C ASP J 128 42.31 -1.28 -22.96
N VAL J 129 42.00 -2.52 -22.60
CA VAL J 129 42.78 -3.31 -21.66
C VAL J 129 42.91 -4.70 -22.24
N TRP J 130 44.14 -5.21 -22.31
CA TRP J 130 44.41 -6.54 -22.83
C TRP J 130 45.10 -7.39 -21.78
N GLY J 131 44.96 -8.70 -21.95
CA GLY J 131 45.70 -9.65 -21.13
C GLY J 131 47.03 -10.01 -21.76
N ALA J 132 47.86 -10.68 -20.97
CA ALA J 132 49.18 -11.08 -21.47
C ALA J 132 49.06 -12.03 -22.65
N GLY J 133 48.17 -13.01 -22.56
CA GLY J 133 47.96 -13.95 -23.64
C GLY J 133 48.58 -15.30 -23.33
N THR J 134 47.86 -16.36 -23.68
CA THR J 134 48.33 -17.72 -23.51
C THR J 134 48.18 -18.47 -24.83
N THR J 135 49.11 -19.40 -25.07
CA THR J 135 49.15 -20.16 -26.32
C THR J 135 48.56 -21.53 -26.10
N VAL J 136 47.69 -21.94 -27.02
CA VAL J 136 47.04 -23.25 -26.98
C VAL J 136 47.58 -24.07 -28.15
N THR J 137 48.14 -25.23 -27.84
CA THR J 137 48.75 -26.12 -28.83
C THR J 137 47.86 -27.32 -29.04
N VAL J 138 47.58 -27.65 -30.29
CA VAL J 138 46.75 -28.80 -30.63
C VAL J 138 47.62 -29.92 -31.19
N ASP K 20 -17.24 50.18 -13.32
CA ASP K 20 -18.06 49.17 -13.98
C ASP K 20 -19.54 49.47 -13.79
N VAL K 21 -19.87 50.10 -12.67
CA VAL K 21 -21.25 50.45 -12.33
C VAL K 21 -21.21 51.67 -11.42
N GLN K 22 -22.16 52.57 -11.62
CA GLN K 22 -22.25 53.81 -10.85
C GLN K 22 -23.57 53.86 -10.11
N ILE K 23 -23.52 54.26 -8.84
CA ILE K 23 -24.70 54.33 -7.99
C ILE K 23 -24.93 55.78 -7.61
N THR K 24 -26.17 56.24 -7.77
CA THR K 24 -26.58 57.59 -7.41
C THR K 24 -27.51 57.50 -6.22
N GLN K 25 -27.05 57.95 -5.06
CA GLN K 25 -27.83 57.93 -3.83
C GLN K 25 -28.39 59.32 -3.58
N SER K 26 -29.71 59.43 -3.47
CA SER K 26 -30.39 60.68 -3.20
C SER K 26 -31.50 60.45 -2.20
N PRO K 27 -31.83 61.46 -1.37
CA PRO K 27 -31.18 62.78 -1.25
C PRO K 27 -29.90 62.73 -0.43
N SER K 28 -29.00 63.69 -0.62
CA SER K 28 -27.79 63.73 0.20
C SER K 28 -28.08 64.23 1.61
N TYR K 29 -29.08 65.09 1.76
CA TYR K 29 -29.47 65.63 3.05
C TYR K 29 -30.96 65.42 3.26
N LEU K 30 -31.35 65.12 4.49
CA LEU K 30 -32.75 64.88 4.82
C LEU K 30 -32.95 65.09 6.31
N ALA K 31 -33.93 65.92 6.66
CA ALA K 31 -34.25 66.23 8.04
C ALA K 31 -35.70 65.83 8.31
N ALA K 32 -35.93 65.16 9.43
CA ALA K 32 -37.27 64.73 9.79
C ALA K 32 -37.36 64.57 11.30
N SER K 33 -38.57 64.76 11.83
CA SER K 33 -38.83 64.58 13.25
C SER K 33 -38.92 63.09 13.59
N PRO K 34 -38.53 62.69 14.80
CA PRO K 34 -38.66 61.28 15.19
C PRO K 34 -40.11 60.83 15.24
N GLY K 35 -40.49 59.95 14.31
CA GLY K 35 -41.84 59.46 14.24
C GLY K 35 -42.38 59.38 12.82
N GLU K 36 -41.64 59.94 11.86
CA GLU K 36 -42.08 59.95 10.47
C GLU K 36 -41.56 58.72 9.75
N THR K 37 -41.71 58.70 8.42
CA THR K 37 -41.28 57.58 7.58
C THR K 37 -40.51 58.14 6.39
N ILE K 38 -39.19 58.14 6.50
CA ILE K 38 -38.33 58.67 5.43
C ILE K 38 -38.09 57.60 4.38
N THR K 39 -37.56 58.01 3.23
CA THR K 39 -37.30 57.10 2.12
C THR K 39 -36.02 57.54 1.42
N ILE K 40 -35.03 56.65 1.37
CA ILE K 40 -33.76 56.90 0.69
C ILE K 40 -33.69 56.02 -0.54
N ASN K 41 -33.22 56.58 -1.65
CA ASN K 41 -33.23 55.91 -2.94
C ASN K 41 -31.81 55.80 -3.49
N CYS K 42 -31.55 54.70 -4.18
CA CYS K 42 -30.31 54.48 -4.92
C CYS K 42 -30.64 53.97 -6.31
N ARG K 43 -29.93 54.51 -7.30
CA ARG K 43 -30.11 54.11 -8.70
C ARG K 43 -28.77 53.70 -9.27
N ALA K 44 -28.74 52.53 -9.92
CA ALA K 44 -27.52 51.99 -10.51
C ALA K 44 -27.52 52.16 -12.02
N SER K 45 -26.33 52.33 -12.58
CA SER K 45 -26.21 52.51 -14.02
C SER K 45 -26.68 51.27 -14.78
N LYS K 46 -26.30 50.08 -14.31
CA LYS K 46 -26.70 48.84 -14.94
C LYS K 46 -27.39 47.94 -13.90
N SER K 47 -28.21 47.02 -14.41
CA SER K 47 -28.96 46.14 -13.53
C SER K 47 -28.02 45.27 -12.71
N ILE K 48 -28.32 45.14 -11.42
CA ILE K 48 -27.52 44.33 -10.51
C ILE K 48 -28.42 43.32 -9.81
N SER K 49 -29.52 42.97 -10.45
CA SER K 49 -30.53 42.05 -9.89
C SER K 49 -31.01 42.65 -8.57
N LYS K 50 -30.97 41.91 -7.46
CA LYS K 50 -31.40 42.42 -6.17
C LYS K 50 -30.22 42.73 -5.25
N TYR K 51 -29.01 42.62 -5.76
CA TYR K 51 -27.81 42.57 -4.91
C TYR K 51 -27.38 43.98 -4.55
N LEU K 52 -28.03 44.51 -3.51
CA LEU K 52 -27.68 45.81 -2.94
C LEU K 52 -27.66 45.70 -1.42
N ALA K 53 -26.69 46.36 -0.80
CA ALA K 53 -26.57 46.37 0.65
C ALA K 53 -26.78 47.78 1.18
N TRP K 54 -27.15 47.87 2.45
CA TRP K 54 -27.36 49.15 3.12
C TRP K 54 -26.58 49.15 4.43
N TYR K 55 -26.02 50.31 4.77
CA TYR K 55 -25.21 50.46 5.97
C TYR K 55 -25.63 51.71 6.74
N GLN K 56 -25.32 51.70 8.03
CA GLN K 56 -25.54 52.83 8.92
C GLN K 56 -24.22 53.18 9.59
N GLU K 57 -23.80 54.43 9.45
CA GLU K 57 -22.54 54.90 10.00
C GLU K 57 -22.81 55.92 11.10
N LYS K 58 -22.28 55.66 12.30
CA LYS K 58 -22.45 56.57 13.42
C LYS K 58 -21.09 56.95 13.98
N PRO K 59 -20.91 58.21 14.39
CA PRO K 59 -19.63 58.60 14.99
C PRO K 59 -19.36 57.82 16.27
N GLY K 60 -18.11 57.37 16.41
CA GLY K 60 -17.72 56.58 17.55
C GLY K 60 -18.13 55.12 17.49
N LYS K 61 -18.77 54.68 16.41
CA LYS K 61 -19.22 53.31 16.26
C LYS K 61 -18.84 52.79 14.88
N THR K 62 -18.59 51.49 14.79
CA THR K 62 -18.30 50.87 13.52
C THR K 62 -19.58 50.79 12.68
N ASN K 63 -19.40 50.65 11.37
CA ASN K 63 -20.54 50.58 10.47
C ASN K 63 -21.36 49.32 10.73
N GLU K 64 -22.67 49.43 10.53
CA GLU K 64 -23.60 48.35 10.77
C GLU K 64 -24.31 47.99 9.46
N LEU K 65 -24.38 46.70 9.17
CA LEU K 65 -25.13 46.22 8.02
C LEU K 65 -26.61 46.15 8.37
N LEU K 66 -27.44 46.83 7.58
CA LEU K 66 -28.88 46.81 7.78
C LEU K 66 -29.59 45.84 6.84
N ILE K 67 -29.40 46.03 5.53
CA ILE K 67 -30.07 45.24 4.51
C ILE K 67 -29.02 44.68 3.57
N TYR K 68 -29.24 43.45 3.10
CA TYR K 68 -28.42 42.87 2.05
C TYR K 68 -29.32 42.12 1.09
N SER K 69 -28.84 41.94 -0.13
CA SER K 69 -29.62 41.33 -1.21
C SER K 69 -30.95 42.04 -1.40
N GLY K 70 -30.91 43.37 -1.32
CA GLY K 70 -32.09 44.19 -1.57
C GLY K 70 -33.08 44.34 -0.44
N SER K 71 -33.56 43.23 0.12
CA SER K 71 -34.64 43.30 1.09
C SER K 71 -34.48 42.35 2.27
N THR K 72 -33.31 41.75 2.47
CA THR K 72 -33.12 40.82 3.57
C THR K 72 -32.58 41.59 4.78
N LEU K 73 -33.29 41.46 5.91
CA LEU K 73 -32.94 42.17 7.12
C LEU K 73 -31.89 41.38 7.90
N GLN K 74 -30.80 42.06 8.27
CA GLN K 74 -29.74 41.40 9.02
C GLN K 74 -30.18 41.15 10.47
N SER K 75 -29.89 39.94 10.95
CA SER K 75 -30.24 39.56 12.31
C SER K 75 -29.73 40.57 13.33
N GLY K 76 -30.63 40.98 14.24
CA GLY K 76 -30.30 41.97 15.24
C GLY K 76 -30.66 43.39 14.88
N ILE K 77 -31.17 43.63 13.68
CA ILE K 77 -31.55 44.97 13.23
C ILE K 77 -33.04 45.14 13.47
N PRO K 78 -33.48 46.27 14.03
CA PRO K 78 -34.93 46.48 14.23
C PRO K 78 -35.68 46.45 12.92
N SER K 79 -36.93 45.96 12.99
CA SER K 79 -37.77 45.77 11.81
C SER K 79 -38.29 47.09 11.24
N ARG K 80 -37.95 48.23 11.82
CA ARG K 80 -38.36 49.50 11.24
C ARG K 80 -37.75 49.70 9.86
N PHE K 81 -36.49 49.32 9.70
CA PHE K 81 -35.84 49.40 8.40
C PHE K 81 -36.45 48.37 7.45
N ARG K 82 -36.65 48.78 6.20
CA ARG K 82 -37.25 47.89 5.20
C ARG K 82 -36.79 48.34 3.82
N GLY K 83 -35.98 47.53 3.17
CA GLY K 83 -35.53 47.80 1.83
C GLY K 83 -36.33 47.02 0.81
N SER K 84 -36.34 47.53 -0.42
CA SER K 84 -37.08 46.90 -1.50
C SER K 84 -36.50 47.38 -2.82
N GLY K 85 -36.85 46.67 -3.89
CA GLY K 85 -36.40 47.03 -5.22
C GLY K 85 -35.62 45.95 -5.91
N SER K 86 -35.45 46.08 -7.23
CA SER K 86 -34.69 45.12 -8.01
C SER K 86 -34.16 45.81 -9.26
N GLY K 87 -33.12 45.22 -9.83
CA GLY K 87 -32.52 45.77 -11.02
C GLY K 87 -31.81 47.10 -10.77
N THR K 88 -32.34 48.17 -11.35
CA THR K 88 -31.72 49.49 -11.24
C THR K 88 -32.38 50.38 -10.19
N ASP K 89 -33.65 50.15 -9.86
CA ASP K 89 -34.37 51.00 -8.92
C ASP K 89 -34.36 50.34 -7.54
N PHE K 90 -33.85 51.07 -6.55
CA PHE K 90 -33.75 50.58 -5.18
C PHE K 90 -34.21 51.67 -4.24
N THR K 91 -34.65 51.25 -3.05
CA THR K 91 -35.13 52.20 -2.06
C THR K 91 -35.01 51.60 -0.66
N LEU K 92 -34.86 52.48 0.32
CA LEU K 92 -34.80 52.10 1.72
C LEU K 92 -35.81 52.92 2.50
N THR K 93 -36.53 52.27 3.42
CA THR K 93 -37.58 52.89 4.20
C THR K 93 -37.28 52.74 5.68
N ILE K 94 -37.36 53.83 6.42
CA ILE K 94 -37.15 53.84 7.86
C ILE K 94 -38.41 54.44 8.48
N SER K 95 -39.35 53.57 8.86
CA SER K 95 -40.58 54.02 9.49
C SER K 95 -40.40 54.09 11.01
N SER K 96 -41.20 54.94 11.65
CA SER K 96 -41.16 55.15 13.10
C SER K 96 -39.76 55.58 13.54
N LEU K 97 -39.37 56.77 13.07
CA LEU K 97 -38.04 57.29 13.36
C LEU K 97 -37.82 57.43 14.85
N GLU K 98 -36.61 57.11 15.29
CA GLU K 98 -36.17 57.20 16.68
C GLU K 98 -34.92 58.05 16.75
N PRO K 99 -34.62 58.62 17.93
CA PRO K 99 -33.43 59.46 18.03
C PRO K 99 -32.13 58.72 17.73
N GLU K 100 -32.10 57.40 17.87
CA GLU K 100 -30.92 56.63 17.54
C GLU K 100 -30.79 56.31 16.06
N ASP K 101 -31.81 56.64 15.25
CA ASP K 101 -31.81 56.37 13.82
C ASP K 101 -31.41 57.59 13.00
N PHE K 102 -30.67 58.52 13.60
CA PHE K 102 -30.25 59.74 12.92
C PHE K 102 -28.73 59.68 12.73
N ALA K 103 -28.31 59.18 11.59
CA ALA K 103 -26.89 58.98 11.30
C ALA K 103 -26.71 58.83 9.80
N MET K 104 -25.48 58.48 9.40
CA MET K 104 -25.18 58.30 7.98
C MET K 104 -25.78 56.99 7.47
N TYR K 105 -26.03 56.95 6.16
CA TYR K 105 -26.54 55.77 5.50
C TYR K 105 -25.87 55.63 4.14
N TYR K 106 -25.56 54.38 3.77
CA TYR K 106 -24.85 54.10 2.53
C TYR K 106 -25.52 52.91 1.84
N CYS K 107 -25.39 52.87 0.52
CA CYS K 107 -25.80 51.73 -0.28
C CYS K 107 -24.64 51.33 -1.18
N GLN K 108 -24.37 50.02 -1.27
CA GLN K 108 -23.26 49.58 -2.08
C GLN K 108 -23.67 48.35 -2.88
N GLN K 109 -23.04 48.21 -4.03
CA GLN K 109 -23.32 47.16 -4.99
C GLN K 109 -22.38 45.97 -4.77
N HIS K 110 -22.95 44.82 -4.42
CA HIS K 110 -22.16 43.64 -4.05
C HIS K 110 -22.33 42.51 -5.06
N ASN K 111 -22.76 42.82 -6.28
CA ASN K 111 -23.07 41.81 -7.29
C ASN K 111 -21.83 41.39 -8.08
N GLU K 112 -20.88 42.30 -8.26
CA GLU K 112 -19.83 42.18 -9.28
C GLU K 112 -18.69 43.10 -8.86
N TYR K 113 -17.53 42.88 -9.46
CA TYR K 113 -16.45 43.86 -9.35
C TYR K 113 -16.61 44.92 -10.45
N THR K 114 -16.25 46.16 -10.11
CA THR K 114 -15.72 46.58 -8.82
C THR K 114 -16.84 47.01 -7.87
N LEU K 115 -16.66 46.71 -6.59
CA LEU K 115 -17.63 47.07 -5.57
C LEU K 115 -17.72 48.58 -5.42
N THR K 116 -18.87 49.15 -5.74
CA THR K 116 -19.07 50.59 -5.69
C THR K 116 -20.12 50.93 -4.65
N PHE K 117 -19.81 51.90 -3.79
CA PHE K 117 -20.73 52.37 -2.77
C PHE K 117 -21.60 53.49 -3.34
N GLY K 118 -22.40 54.13 -2.48
CA GLY K 118 -23.21 55.25 -2.86
C GLY K 118 -22.66 56.57 -2.34
N GLY K 119 -23.40 57.64 -2.65
CA GLY K 119 -22.96 58.97 -2.24
C GLY K 119 -23.00 59.16 -0.73
N GLY K 120 -24.04 58.69 -0.08
CA GLY K 120 -24.25 58.91 1.33
C GLY K 120 -25.44 59.82 1.60
N THR K 121 -25.88 59.81 2.86
CA THR K 121 -27.06 60.59 3.24
C THR K 121 -27.02 60.86 4.73
N LYS K 122 -27.16 62.14 5.10
CA LYS K 122 -27.27 62.54 6.50
C LYS K 122 -28.73 62.61 6.91
N LEU K 123 -28.95 62.49 8.22
CA LEU K 123 -30.27 62.66 8.82
C LEU K 123 -30.18 63.69 9.94
N GLU K 124 -30.99 64.73 9.85
CA GLU K 124 -31.05 65.79 10.85
C GLU K 124 -32.32 65.66 11.67
N LEU K 125 -32.34 66.36 12.80
CA LEU K 125 -33.48 66.27 13.71
C LEU K 125 -34.63 67.21 13.34
N LYS K 126 -34.45 68.05 12.32
CA LYS K 126 -35.48 68.98 11.87
C LYS K 126 -35.95 69.89 12.99
N ASP L 20 -17.31 37.78 19.91
CA ASP L 20 -17.72 38.37 18.63
C ASP L 20 -16.50 38.82 17.82
N VAL L 21 -16.69 38.98 16.51
CA VAL L 21 -15.59 39.36 15.64
C VAL L 21 -15.25 40.82 15.86
N GLN L 22 -13.97 41.09 16.13
CA GLN L 22 -13.47 42.45 16.35
C GLN L 22 -12.38 42.75 15.34
N LEU L 23 -12.42 43.95 14.78
CA LEU L 23 -11.42 44.40 13.81
C LEU L 23 -10.77 45.68 14.33
N GLN L 24 -9.45 45.72 14.31
CA GLN L 24 -8.68 46.85 14.83
C GLN L 24 -7.45 47.04 13.96
N GLU L 25 -7.38 48.14 13.24
CA GLU L 25 -6.27 48.41 12.33
C GLU L 25 -5.43 49.57 12.85
N SER L 26 -4.11 49.42 12.70
CA SER L 26 -3.15 50.41 13.18
C SER L 26 -2.16 50.73 12.07
N GLY L 27 -1.72 51.99 12.04
CA GLY L 27 -0.77 52.44 11.04
C GLY L 27 -0.26 53.84 11.31
N PRO L 28 0.75 54.26 10.55
CA PRO L 28 1.31 55.61 10.74
C PRO L 28 0.29 56.67 10.35
N GLY L 29 0.15 57.67 11.23
CA GLY L 29 -0.78 58.76 10.93
C GLY L 29 -0.29 59.63 9.78
N LEU L 30 1.01 59.87 9.71
CA LEU L 30 1.60 60.74 8.70
C LEU L 30 2.67 59.99 7.94
N VAL L 31 2.64 60.08 6.62
CA VAL L 31 3.64 59.47 5.75
C VAL L 31 4.04 60.49 4.68
N LYS L 32 5.34 60.55 4.38
CA LYS L 32 5.83 61.47 3.37
C LYS L 32 5.35 61.02 1.99
N PRO L 33 5.20 61.96 1.05
CA PRO L 33 4.74 61.59 -0.30
C PRO L 33 5.72 60.66 -0.99
N SER L 34 5.18 59.82 -1.88
CA SER L 34 5.90 58.82 -2.66
C SER L 34 6.54 57.73 -1.81
N GLN L 35 6.16 57.62 -0.54
CA GLN L 35 6.67 56.57 0.33
C GLN L 35 5.71 55.38 0.32
N SER L 36 5.90 54.45 1.26
CA SER L 36 5.07 53.27 1.39
C SER L 36 4.28 53.33 2.68
N LEU L 37 2.99 53.02 2.60
CA LEU L 37 2.09 53.02 3.76
C LEU L 37 1.76 51.60 4.15
N SER L 38 1.89 51.29 5.45
CA SER L 38 1.66 49.95 5.96
C SER L 38 0.64 50.00 7.09
N LEU L 39 -0.39 49.16 7.00
CA LEU L 39 -1.42 49.02 8.01
C LEU L 39 -1.36 47.62 8.61
N THR L 40 -2.12 47.41 9.69
CA THR L 40 -2.17 46.10 10.34
C THR L 40 -3.51 45.97 11.05
N CYS L 41 -4.44 45.23 10.43
CA CYS L 41 -5.73 44.95 11.03
C CYS L 41 -5.64 43.67 11.86
N THR L 42 -5.64 43.82 13.18
CA THR L 42 -5.64 42.68 14.09
C THR L 42 -7.07 42.21 14.32
N VAL L 43 -7.26 40.90 14.30
CA VAL L 43 -8.59 40.29 14.37
C VAL L 43 -8.71 39.52 15.67
N SER L 44 -9.78 39.77 16.42
CA SER L 44 -10.07 39.09 17.67
C SER L 44 -11.44 38.43 17.58
N GLY L 45 -11.57 37.27 18.21
CA GLY L 45 -12.81 36.53 18.17
C GLY L 45 -13.04 35.70 16.93
N TYR L 46 -12.10 35.68 16.01
CA TYR L 46 -12.17 34.81 14.84
C TYR L 46 -10.74 34.51 14.40
N SER L 47 -10.59 33.51 13.55
CA SER L 47 -9.32 33.22 12.91
C SER L 47 -9.39 33.53 11.42
N ILE L 48 -8.44 34.33 10.93
CA ILE L 48 -8.49 34.78 9.55
C ILE L 48 -7.95 33.74 8.59
N THR L 49 -7.53 32.58 9.10
CA THR L 49 -7.05 31.47 8.27
C THR L 49 -8.02 30.30 8.33
N SER L 50 -9.31 30.61 8.29
CA SER L 50 -10.36 29.63 8.47
C SER L 50 -11.55 29.82 7.56
N ASP L 51 -11.92 31.07 7.22
CA ASP L 51 -13.04 31.36 6.33
C ASP L 51 -13.13 32.86 6.13
N TYR L 52 -13.70 33.29 4.99
CA TYR L 52 -14.13 34.66 4.67
C TYR L 52 -13.06 35.44 3.91
N ALA L 53 -13.49 36.42 3.11
CA ALA L 53 -12.60 37.41 2.54
C ALA L 53 -12.35 38.56 3.52
N TRP L 54 -11.09 38.97 3.62
CA TRP L 54 -10.63 40.05 4.51
C TRP L 54 -10.27 41.27 3.66
N ASN L 55 -11.06 42.34 3.81
CA ASN L 55 -11.11 43.44 2.86
C ASN L 55 -10.34 44.68 3.36
N TRP L 56 -10.26 45.68 2.49
CA TRP L 56 -9.70 47.00 2.81
C TRP L 56 -10.50 48.05 2.05
N ILE L 57 -11.07 49.01 2.79
CA ILE L 57 -11.84 50.10 2.21
C ILE L 57 -11.34 51.41 2.83
N ARG L 58 -11.26 52.46 2.02
CA ARG L 58 -10.86 53.78 2.50
C ARG L 58 -11.96 54.80 2.22
N GLN L 59 -12.18 55.71 3.16
CA GLN L 59 -13.21 56.74 3.06
C GLN L 59 -12.54 58.10 2.89
N PHE L 60 -12.66 58.66 1.69
CA PHE L 60 -12.07 59.96 1.40
C PHE L 60 -12.87 61.06 2.08
N PRO L 61 -12.26 62.23 2.29
CA PRO L 61 -13.03 63.39 2.78
C PRO L 61 -14.04 63.84 1.73
N GLY L 62 -15.32 63.83 2.10
CA GLY L 62 -16.38 64.12 1.17
C GLY L 62 -17.39 63.00 1.10
N ASN L 63 -17.27 62.05 2.03
CA ASN L 63 -18.19 60.92 2.15
C ASN L 63 -18.18 60.06 0.88
N LYS L 64 -17.00 59.57 0.54
CA LYS L 64 -16.81 58.65 -0.58
C LYS L 64 -16.02 57.44 -0.10
N LEU L 65 -16.55 56.25 -0.39
CA LEU L 65 -15.91 55.00 -0.01
C LEU L 65 -15.44 54.26 -1.24
N GLU L 66 -14.22 53.73 -1.19
CA GLU L 66 -13.64 52.98 -2.30
C GLU L 66 -13.08 51.68 -1.78
N TRP L 67 -13.44 50.57 -2.44
CA TRP L 67 -12.93 49.26 -2.07
C TRP L 67 -11.56 49.03 -2.69
N MET L 68 -10.59 48.67 -1.86
CA MET L 68 -9.22 48.52 -2.32
C MET L 68 -8.94 47.10 -2.80
N GLY L 69 -9.09 46.11 -1.92
CA GLY L 69 -8.81 44.74 -2.28
C GLY L 69 -9.08 43.82 -1.12
N TYR L 70 -8.88 42.52 -1.36
CA TYR L 70 -9.16 41.50 -0.37
C TYR L 70 -8.12 40.40 -0.41
N ILE L 71 -7.97 39.71 0.73
CA ILE L 71 -7.23 38.47 0.83
C ILE L 71 -8.17 37.40 1.41
N SER L 72 -8.51 36.41 0.61
CA SER L 72 -9.31 35.30 1.08
C SER L 72 -8.51 34.46 2.08
N TYR L 73 -9.18 33.48 2.69
CA TYR L 73 -8.46 32.60 3.60
C TYR L 73 -7.67 31.58 2.82
N THR L 74 -8.05 31.34 1.57
CA THR L 74 -7.34 30.46 0.65
C THR L 74 -6.34 31.29 -0.14
N LEU L 75 -5.54 32.06 0.60
CA LEU L 75 -4.57 33.07 0.13
C LEU L 75 -4.81 33.64 -1.27
N THR L 76 -6.04 33.58 -1.76
CA THR L 76 -6.40 34.28 -2.99
C THR L 76 -6.46 35.78 -2.72
N THR L 77 -6.06 36.58 -3.70
CA THR L 77 -6.07 38.03 -3.57
C THR L 77 -6.75 38.65 -4.77
N GLY L 78 -7.23 39.89 -4.58
CA GLY L 78 -7.75 40.68 -5.66
C GLY L 78 -7.67 42.15 -5.30
N TYR L 79 -7.57 42.99 -6.32
CA TYR L 79 -7.32 44.42 -6.10
C TYR L 79 -8.21 45.25 -7.02
N ASN L 80 -8.39 46.51 -6.64
CA ASN L 80 -9.13 47.44 -7.47
C ASN L 80 -8.35 47.72 -8.75
N PRO L 81 -8.97 47.61 -9.93
CA PRO L 81 -8.22 47.82 -11.18
C PRO L 81 -7.57 49.18 -11.29
N SER L 82 -8.20 50.23 -10.76
CA SER L 82 -7.65 51.58 -10.90
C SER L 82 -6.40 51.79 -10.07
N LEU L 83 -6.10 50.90 -9.12
CA LEU L 83 -4.91 51.06 -8.29
C LEU L 83 -4.18 49.74 -8.04
N LYS L 84 -4.43 48.73 -8.87
CA LYS L 84 -3.85 47.40 -8.65
C LYS L 84 -2.33 47.37 -8.79
N SER L 85 -1.76 48.33 -9.51
CA SER L 85 -0.33 48.28 -9.80
C SER L 85 0.54 48.68 -8.60
N ARG L 86 -0.05 49.29 -7.58
CA ARG L 86 0.72 49.80 -6.45
C ARG L 86 0.10 49.41 -5.11
N ILE L 87 -0.63 48.30 -5.08
CA ILE L 87 -1.26 47.80 -3.87
C ILE L 87 -0.88 46.35 -3.68
N SER L 88 -0.72 45.94 -2.42
CA SER L 88 -0.41 44.55 -2.08
C SER L 88 -0.97 44.25 -0.71
N ILE L 89 -1.67 43.12 -0.60
CA ILE L 89 -2.29 42.68 0.64
C ILE L 89 -1.77 41.29 0.98
N THR L 90 -1.32 41.12 2.22
CA THR L 90 -0.75 39.85 2.66
C THR L 90 -1.37 39.45 3.99
N ARG L 91 -0.81 38.44 4.65
CA ARG L 91 -1.42 37.91 5.87
C ARG L 91 -0.30 37.43 6.78
N ASP L 92 -0.65 37.20 8.05
CA ASP L 92 0.30 36.77 9.07
C ASP L 92 -0.42 35.79 9.98
N SER L 93 -0.08 34.50 9.88
CA SER L 93 -0.61 33.52 10.80
C SER L 93 0.15 33.58 12.12
N SER L 94 -0.40 32.92 13.13
CA SER L 94 0.12 32.92 14.50
C SER L 94 0.07 34.32 15.10
N LYS L 95 -0.44 35.28 14.32
CA LYS L 95 -0.73 36.62 14.80
C LYS L 95 -2.16 37.04 14.49
N ASN L 96 -2.85 36.33 13.60
CA ASN L 96 -4.24 36.59 13.24
C ASN L 96 -4.39 38.01 12.70
N GLN L 97 -3.51 38.37 11.76
CA GLN L 97 -3.47 39.72 11.22
C GLN L 97 -3.26 39.68 9.70
N PHE L 98 -3.70 40.74 9.04
CA PHE L 98 -3.52 40.90 7.60
C PHE L 98 -3.00 42.33 7.38
N PHE L 99 -2.34 42.54 6.25
CA PHE L 99 -1.59 43.76 6.03
C PHE L 99 -2.02 44.44 4.74
N LEU L 100 -1.78 45.74 4.69
CA LEU L 100 -1.99 46.55 3.50
C LEU L 100 -0.71 47.29 3.17
N GLN L 101 -0.31 47.25 1.89
CA GLN L 101 0.91 47.88 1.43
C GLN L 101 0.57 48.71 0.19
N LEU L 102 0.60 50.03 0.34
CA LEU L 102 0.34 50.96 -0.75
C LEU L 102 1.62 51.74 -1.04
N ASN L 103 2.04 51.71 -2.31
CA ASN L 103 3.28 52.36 -2.74
C ASN L 103 2.96 53.53 -3.66
N SER L 104 3.96 54.41 -3.82
CA SER L 104 3.82 55.62 -4.62
C SER L 104 2.67 56.49 -4.11
N VAL L 105 2.70 56.78 -2.81
CA VAL L 105 1.63 57.51 -2.15
C VAL L 105 1.70 58.98 -2.54
N THR L 106 0.84 59.37 -3.49
CA THR L 106 0.79 60.73 -3.98
C THR L 106 -0.23 61.52 -3.16
N THR L 107 -0.59 62.70 -3.66
CA THR L 107 -1.60 63.52 -3.01
C THR L 107 -2.97 62.86 -3.15
N GLU L 108 -3.90 63.31 -2.31
CA GLU L 108 -5.28 62.84 -2.28
C GLU L 108 -5.39 61.38 -1.84
N ASP L 109 -4.34 60.85 -1.22
CA ASP L 109 -4.41 59.52 -0.61
C ASP L 109 -4.75 59.59 0.88
N THR L 110 -4.97 60.80 1.41
CA THR L 110 -5.26 60.99 2.83
C THR L 110 -6.73 60.65 3.07
N ALA L 111 -6.97 59.56 3.80
CA ALA L 111 -8.33 59.11 4.07
C ALA L 111 -8.29 58.15 5.25
N THR L 112 -9.45 57.94 5.86
CA THR L 112 -9.58 56.94 6.91
C THR L 112 -9.59 55.56 6.26
N TYR L 113 -8.83 54.63 6.84
CA TYR L 113 -8.64 53.31 6.25
C TYR L 113 -9.37 52.26 7.10
N TYR L 114 -10.23 51.49 6.43
CA TYR L 114 -11.12 50.52 7.07
C TYR L 114 -10.73 49.12 6.64
N CYS L 115 -10.73 48.19 7.59
CA CYS L 115 -10.62 46.76 7.30
C CYS L 115 -11.94 46.11 7.66
N ALA L 116 -12.49 45.33 6.72
CA ALA L 116 -13.81 44.72 6.87
C ALA L 116 -13.72 43.23 6.58
N ARG L 117 -14.85 42.54 6.76
CA ARG L 117 -14.96 41.12 6.46
C ARG L 117 -16.14 40.87 5.54
N SER L 118 -15.92 40.10 4.48
CA SER L 118 -16.96 39.72 3.54
C SER L 118 -16.95 38.20 3.40
N GLY L 119 -17.94 37.69 2.68
CA GLY L 119 -17.78 36.42 2.00
C GLY L 119 -16.83 36.49 0.83
N TRP L 120 -16.39 35.31 0.39
CA TRP L 120 -15.40 35.19 -0.67
C TRP L 120 -16.01 34.84 -2.02
N LEU L 121 -17.33 34.75 -2.12
CA LEU L 121 -17.98 34.36 -3.36
C LEU L 121 -19.01 35.40 -3.74
N LEU L 122 -18.96 35.85 -5.00
CA LEU L 122 -19.96 36.72 -5.57
C LEU L 122 -21.27 35.94 -5.76
N PRO L 123 -22.41 36.63 -5.93
CA PRO L 123 -22.72 38.05 -5.68
C PRO L 123 -23.15 38.36 -4.25
N TYR L 124 -22.29 38.08 -3.28
CA TYR L 124 -22.64 38.13 -1.86
C TYR L 124 -21.57 38.87 -1.08
N TRP L 125 -20.85 39.76 -1.77
CA TRP L 125 -19.66 40.41 -1.22
C TRP L 125 -20.06 41.63 -0.38
N TYR L 126 -20.87 41.41 0.64
CA TYR L 126 -21.22 42.49 1.54
C TYR L 126 -20.47 42.32 2.85
N PHE L 127 -20.29 43.44 3.55
CA PHE L 127 -19.45 43.49 4.74
C PHE L 127 -20.31 43.53 6.00
N ASP L 128 -20.00 42.65 6.95
CA ASP L 128 -20.80 42.50 8.15
C ASP L 128 -20.04 42.95 9.40
N VAL L 129 -18.72 42.95 9.35
CA VAL L 129 -17.87 43.41 10.45
C VAL L 129 -16.95 44.48 9.91
N TRP L 130 -16.82 45.58 10.63
CA TRP L 130 -15.99 46.71 10.23
C TRP L 130 -14.98 47.03 11.33
N GLY L 131 -13.88 47.65 10.92
CA GLY L 131 -12.90 48.12 11.86
C GLY L 131 -13.23 49.51 12.36
N ALA L 132 -12.50 49.94 13.40
CA ALA L 132 -12.72 51.26 13.96
C ALA L 132 -12.42 52.36 12.94
N GLY L 133 -11.32 52.21 12.20
CA GLY L 133 -10.97 53.20 11.20
C GLY L 133 -9.82 54.09 11.64
N THR L 134 -8.75 54.13 10.85
CA THR L 134 -7.61 54.99 11.12
C THR L 134 -7.35 55.87 9.93
N THR L 135 -7.06 57.14 10.19
CA THR L 135 -6.78 58.12 9.15
C THR L 135 -5.28 58.29 8.97
N VAL L 136 -4.84 58.35 7.72
CA VAL L 136 -3.44 58.51 7.38
C VAL L 136 -3.30 59.76 6.54
N THR L 137 -2.40 60.66 6.96
CA THR L 137 -2.21 61.95 6.31
C THR L 137 -0.98 61.88 5.40
N VAL L 138 -1.13 62.37 4.18
CA VAL L 138 -0.03 62.38 3.22
C VAL L 138 0.77 63.68 3.33
#